data_7CHA
#
_entry.id   7CHA
#
_cell.length_a   1.00
_cell.length_b   1.00
_cell.length_c   1.00
_cell.angle_alpha   90.00
_cell.angle_beta   90.00
_cell.angle_gamma   90.00
#
_symmetry.space_group_name_H-M   'P 1'
#
loop_
_entity.id
_entity.type
_entity.pdbx_description
1 polymer 'MlaD domain-containing protein'
2 polymer 'Probable permease of ABC transporter'
3 polymer 'Probable ATP-binding component of ABC transporter,P.aeruginosa Mla F'
4 polymer 'STAS domain-containing protein'
5 non-polymer '2-(HEXADECANOYLOXY)-1-[(PHOSPHONOOXY)METHYL]ETHYL HEXADECANOATE'
6 non-polymer 'PHOSPHOAMINOPHOSPHONIC ACID-ADENYLATE ESTER'
#
loop_
_entity_poly.entity_id
_entity_poly.type
_entity_poly.pdbx_seq_one_letter_code
_entity_poly.pdbx_strand_id
1 'polypeptide(L)'
;MQTRTLEIGVGLFLLAGLLALLLLALRVSGLSVGNAGDTYKVYAYFDNIAGVTVRGKVTLAGVTIGKVTAVDLDRDSYTG
RVTMEINQNVNNLPVDSTASILTAGLLGEKYIGISVGGDEDVLKDGSTIHDTQSALVLEDLIGKFLLNSVNKDEAKK
;
A,B,C,D,E,F
2 'polypeptide(L)'
;MRRVSPLERIRLFGRAGLDVVAALGRSTLFLGHALLGRRTPGTGLHLLVKQLYSVGVLSLAIIVVSGLFIGMVLALQGYN
ILISYGSEQAVGQMVALTLLRELGPVVTGLLFAGRAGSALTAEIGNMKATEQLSSLEMIGVDPLKYIVAPRLWAGFISMP
LLAAIFSVVGIWGGAMVAVDWLGVYEGSFWANMQNSVQFTEDVLNGVIKSIVFAFVVTWIAVYQGYDCEPTSEGISRATT
RTVVYASLAVLGLDFILTALMFGDF
;
G,H
3 'polypeptide(L)'
;MSTDSAYAVELKGLTFKRGSRAIFDNIDVRIPRGKVTGIMGPSGCGKTTLLRLIASQLRPSKGEVWVNGQNLPQLSRGDL
FDMRKQFGVLFQSGALFTDLDVFENVAFPLRVHTQLPEEMIRDIVLMKLQAVGLRGAVELMPDELSGGMKRRVALARAIA
LDPQILLYDEPFVGQDPIAMGVLVRLIRLLNDALGITSIVVSHDLAETASIADYIYIVGDGRVLGHGTPDVLKETDDPRI
RQFVKGIPDGPVPFHYPARDYRADLLGER
;
I,J
4 'polypeptide(L)'
;MSQASLREGAAGELQLAGVLDYSSGPALREQGGRLIRASQAAELVVDCSAVERSSSVGISLLLAFIRDARKAGKVLSVRA
LPDDMREIAKVSSLLEILPLQE
;
K,L
#
# COMPACT_ATOMS: atom_id res chain seq x y z
N GLN A 2 17.03 32.30 -8.82
CA GLN A 2 17.89 31.81 -7.75
C GLN A 2 17.12 30.94 -6.77
N THR A 3 15.80 30.92 -6.95
CA THR A 3 14.94 30.14 -6.06
C THR A 3 15.33 28.67 -6.05
N ARG A 4 15.74 28.14 -7.21
CA ARG A 4 16.23 26.78 -7.26
C ARG A 4 17.31 26.54 -6.21
N THR A 5 18.25 27.49 -6.09
CA THR A 5 19.31 27.37 -5.09
C THR A 5 18.73 27.29 -3.70
N LEU A 6 17.81 28.21 -3.40
CA LEU A 6 17.19 28.22 -2.08
C LEU A 6 16.58 26.87 -1.75
N GLU A 7 15.82 26.31 -2.68
CA GLU A 7 15.21 25.01 -2.44
C GLU A 7 16.27 23.94 -2.22
N ILE A 8 17.29 23.93 -3.08
CA ILE A 8 18.36 22.94 -2.99
C ILE A 8 18.98 22.99 -1.60
N GLY A 9 19.09 24.17 -1.02
CA GLY A 9 19.66 24.26 0.30
C GLY A 9 18.71 23.84 1.41
N VAL A 10 17.48 24.32 1.34
CA VAL A 10 16.58 24.12 2.48
C VAL A 10 16.23 22.65 2.61
N GLY A 11 15.90 22.01 1.49
CA GLY A 11 15.65 20.60 1.61
C GLY A 11 16.88 19.81 2.03
N LEU A 12 18.07 20.35 1.79
CA LEU A 12 19.27 19.65 2.20
C LEU A 12 19.42 19.70 3.71
N PHE A 13 19.10 20.86 4.29
CA PHE A 13 18.94 20.90 5.74
C PHE A 13 17.91 19.87 6.19
N LEU A 14 16.84 19.71 5.43
CA LEU A 14 15.82 18.74 5.84
C LEU A 14 16.35 17.32 5.78
N LEU A 15 17.02 16.95 4.70
CA LEU A 15 17.55 15.60 4.59
C LEU A 15 18.60 15.35 5.65
N ALA A 16 19.38 16.38 5.97
CA ALA A 16 20.30 16.30 7.10
C ALA A 16 19.54 15.93 8.36
N GLY A 17 18.43 16.61 8.61
CA GLY A 17 17.61 16.24 9.76
C GLY A 17 17.10 14.82 9.66
N LEU A 18 16.61 14.43 8.48
CA LEU A 18 16.03 13.10 8.29
C LEU A 18 17.02 12.03 8.67
N LEU A 19 18.25 12.14 8.18
CA LEU A 19 19.26 11.16 8.55
C LEU A 19 19.65 11.31 10.00
N ALA A 20 20.20 12.47 10.36
CA ALA A 20 20.71 12.65 11.72
C ALA A 20 19.61 12.50 12.74
N LEU A 21 18.61 13.38 12.70
CA LEU A 21 17.63 13.46 13.77
C LEU A 21 16.72 12.24 13.85
N LEU A 22 16.85 11.27 12.95
CA LEU A 22 16.10 10.04 13.10
C LEU A 22 16.92 8.77 12.97
N LEU A 23 17.89 8.73 12.06
CA LEU A 23 18.50 7.47 11.69
C LEU A 23 19.62 7.06 12.65
N LEU A 24 20.40 6.09 12.18
CA LEU A 24 21.68 5.56 12.64
C LEU A 24 21.56 4.59 13.82
N ALA A 25 20.41 4.47 14.47
CA ALA A 25 20.19 3.46 15.52
C ALA A 25 21.40 3.32 16.44
N LEU A 26 21.73 4.41 17.13
CA LEU A 26 23.03 4.56 17.77
C LEU A 26 22.83 5.14 19.18
N ARG A 27 23.92 5.71 19.71
CA ARG A 27 24.14 6.00 21.13
C ARG A 27 22.94 6.58 21.86
N VAL A 28 22.84 6.23 23.15
CA VAL A 28 21.66 6.53 23.95
C VAL A 28 21.66 8.00 24.34
N SER A 29 20.46 8.60 24.38
CA SER A 29 20.29 10.00 24.70
C SER A 29 19.27 10.24 25.82
N GLY A 30 18.73 9.18 26.40
CA GLY A 30 17.73 9.31 27.45
C GLY A 30 18.23 10.05 28.68
N LEU A 31 17.69 11.25 28.90
CA LEU A 31 18.04 12.08 30.06
C LEU A 31 19.54 12.37 30.11
N SER A 32 20.01 13.10 29.09
CA SER A 32 21.38 13.60 29.08
C SER A 32 21.52 14.92 29.83
N VAL A 33 20.41 15.51 30.28
CA VAL A 33 20.43 16.78 30.99
C VAL A 33 20.35 16.53 32.49
N GLY A 34 19.51 15.59 32.90
CA GLY A 34 19.36 15.23 34.31
C GLY A 34 19.64 13.76 34.51
N ASN A 35 20.36 13.45 35.59
CA ASN A 35 20.82 12.09 35.88
C ASN A 35 21.58 11.53 34.68
N ALA A 36 22.71 12.16 34.38
CA ALA A 36 23.46 11.92 33.16
C ALA A 36 23.71 10.44 32.92
N GLY A 37 23.62 10.02 31.66
CA GLY A 37 23.89 8.66 31.28
C GLY A 37 25.38 8.35 31.21
N ASP A 38 26.12 8.72 32.25
CA ASP A 38 27.56 8.56 32.30
C ASP A 38 27.92 7.55 33.39
N THR A 39 28.47 6.42 32.96
CA THR A 39 28.95 5.38 33.85
C THR A 39 30.40 5.11 33.54
N TYR A 40 31.13 4.59 34.52
CA TYR A 40 32.57 4.45 34.39
C TYR A 40 32.99 2.99 34.46
N LYS A 41 34.06 2.65 33.76
CA LYS A 41 34.38 1.28 33.44
C LYS A 41 35.05 0.58 34.61
N VAL A 42 35.13 -0.75 34.48
CA VAL A 42 36.03 -1.56 35.30
C VAL A 42 36.28 -2.85 34.54
N TYR A 43 37.39 -3.50 34.86
CA TYR A 43 37.74 -4.78 34.29
C TYR A 43 37.39 -5.92 35.24
N ALA A 44 37.46 -7.14 34.72
CA ALA A 44 37.32 -8.33 35.54
C ALA A 44 37.90 -9.52 34.82
N TYR A 45 38.69 -10.31 35.53
CA TYR A 45 39.33 -11.50 34.97
C TYR A 45 38.56 -12.74 35.38
N PHE A 46 38.30 -13.62 34.43
CA PHE A 46 37.49 -14.82 34.61
C PHE A 46 38.18 -16.02 33.99
N ASP A 47 37.72 -17.20 34.41
CA ASP A 47 38.16 -18.46 33.82
C ASP A 47 37.19 -19.02 32.80
N ASN A 48 35.93 -18.58 32.83
CA ASN A 48 34.96 -19.00 31.82
C ASN A 48 33.83 -18.00 31.80
N ILE A 49 33.53 -17.48 30.62
CA ILE A 49 32.53 -16.43 30.46
C ILE A 49 31.46 -16.88 29.47
N ALA A 50 31.19 -18.18 29.46
CA ALA A 50 30.36 -18.83 28.44
C ALA A 50 29.15 -18.04 27.99
N GLY A 51 28.46 -17.38 28.91
CA GLY A 51 27.19 -16.76 28.54
C GLY A 51 27.01 -15.33 28.97
N VAL A 52 28.07 -14.53 28.94
CA VAL A 52 27.99 -13.17 29.45
C VAL A 52 27.96 -12.21 28.28
N THR A 53 27.35 -12.65 27.18
CA THR A 53 27.37 -11.95 25.90
C THR A 53 27.08 -10.46 26.04
N VAL A 54 27.55 -9.68 25.05
CA VAL A 54 27.53 -8.22 25.15
C VAL A 54 26.13 -7.70 25.44
N ARG A 55 26.07 -6.48 25.98
CA ARG A 55 24.83 -5.82 26.38
C ARG A 55 24.12 -6.53 27.51
N GLY A 56 24.84 -7.35 28.27
CA GLY A 56 24.28 -8.05 29.41
C GLY A 56 23.97 -7.13 30.57
N LYS A 57 23.97 -7.66 31.79
CA LYS A 57 23.67 -6.87 32.97
C LYS A 57 24.66 -7.16 34.07
N VAL A 58 25.32 -6.13 34.56
CA VAL A 58 26.13 -6.24 35.76
C VAL A 58 25.29 -5.74 36.92
N THR A 59 25.26 -6.52 37.99
CA THR A 59 24.36 -6.22 39.10
C THR A 59 25.02 -6.60 40.42
N LEU A 60 24.31 -6.30 41.49
CA LEU A 60 24.68 -6.67 42.84
C LEU A 60 23.42 -6.78 43.66
N ALA A 61 23.31 -7.84 44.45
CA ALA A 61 22.13 -8.12 45.26
C ALA A 61 20.87 -8.18 44.41
N GLY A 62 21.01 -8.31 43.10
CA GLY A 62 19.86 -8.37 42.22
C GLY A 62 19.63 -7.10 41.44
N VAL A 63 19.76 -5.95 42.10
CA VAL A 63 19.46 -4.68 41.43
C VAL A 63 20.52 -4.43 40.37
N THR A 64 20.08 -4.03 39.18
CA THR A 64 20.99 -3.82 38.08
C THR A 64 21.89 -2.62 38.35
N ILE A 65 23.17 -2.78 38.08
CA ILE A 65 24.12 -1.69 38.24
C ILE A 65 24.61 -1.16 36.90
N GLY A 66 24.57 -1.95 35.85
CA GLY A 66 24.94 -1.46 34.54
C GLY A 66 24.88 -2.57 33.53
N LYS A 67 25.60 -2.39 32.43
CA LYS A 67 25.68 -3.39 31.38
C LYS A 67 27.12 -3.67 31.05
N VAL A 68 27.41 -4.92 30.67
CA VAL A 68 28.73 -5.27 30.19
C VAL A 68 29.01 -4.50 28.91
N THR A 69 30.24 -4.00 28.79
CA THR A 69 30.67 -3.37 27.55
C THR A 69 31.27 -4.40 26.61
N ALA A 70 32.34 -5.06 27.03
CA ALA A 70 33.12 -5.87 26.11
C ALA A 70 33.66 -7.11 26.80
N VAL A 71 33.91 -8.14 26.01
CA VAL A 71 34.57 -9.35 26.46
C VAL A 71 35.80 -9.56 25.58
N ASP A 72 36.86 -10.07 26.20
CA ASP A 72 38.10 -10.27 25.48
C ASP A 72 38.84 -11.47 26.07
N LEU A 73 39.81 -11.95 25.32
CA LEU A 73 40.76 -12.94 25.80
C LEU A 73 42.11 -12.28 25.94
N ASP A 74 42.80 -12.56 27.05
CA ASP A 74 44.17 -12.07 27.21
C ASP A 74 45.12 -13.12 26.63
N ARG A 75 45.81 -12.75 25.55
CA ARG A 75 46.60 -13.69 24.78
C ARG A 75 47.78 -14.24 25.59
N ASP A 76 47.92 -13.79 26.83
CA ASP A 76 48.96 -14.31 27.72
C ASP A 76 48.42 -15.44 28.59
N SER A 77 47.45 -15.15 29.44
CA SER A 77 46.92 -16.14 30.36
C SER A 77 45.73 -16.88 29.79
N TYR A 78 45.30 -16.54 28.59
CA TYR A 78 44.21 -17.23 27.91
C TYR A 78 42.94 -17.25 28.76
N THR A 79 42.68 -16.14 29.46
CA THR A 79 41.51 -16.05 30.31
C THR A 79 40.60 -14.94 29.81
N GLY A 80 39.45 -14.82 30.46
CA GLY A 80 38.49 -13.81 30.06
C GLY A 80 38.79 -12.48 30.76
N ARG A 81 38.76 -11.41 29.97
CA ARG A 81 38.84 -10.06 30.51
C ARG A 81 37.62 -9.32 30.03
N VAL A 82 36.74 -8.99 30.96
CA VAL A 82 35.48 -8.34 30.65
C VAL A 82 35.51 -6.91 31.17
N THR A 83 35.11 -5.99 30.32
CA THR A 83 34.98 -4.58 30.68
C THR A 83 33.51 -4.24 30.81
N MET A 84 33.14 -3.67 31.96
CA MET A 84 31.75 -3.43 32.28
C MET A 84 31.58 -2.02 32.84
N GLU A 85 30.33 -1.58 32.90
CA GLU A 85 29.98 -0.22 33.24
C GLU A 85 29.20 -0.17 34.55
N ILE A 86 29.52 0.83 35.36
CA ILE A 86 28.92 1.02 36.67
C ILE A 86 28.53 2.48 36.81
N ASN A 87 27.30 2.72 37.29
CA ASN A 87 26.79 4.07 37.42
C ASN A 87 27.68 4.89 38.33
N GLN A 88 27.49 6.21 38.27
CA GLN A 88 28.31 7.11 39.07
C GLN A 88 27.90 7.06 40.53
N ASN A 89 26.59 7.14 40.81
CA ASN A 89 26.11 7.17 42.19
C ASN A 89 26.58 5.96 42.97
N VAL A 90 26.65 4.80 42.30
CA VAL A 90 27.15 3.58 42.92
C VAL A 90 28.66 3.59 42.84
N ASN A 91 29.29 4.07 43.90
CA ASN A 91 30.73 4.32 43.92
C ASN A 91 31.32 3.94 45.26
N ASN A 92 30.68 2.99 45.95
CA ASN A 92 31.06 2.62 47.31
C ASN A 92 31.45 1.15 47.36
N LEU A 93 31.99 0.63 46.26
CA LEU A 93 32.28 -0.78 46.16
C LEU A 93 33.69 -1.04 46.68
N PRO A 94 33.84 -1.82 47.75
CA PRO A 94 35.19 -2.19 48.19
C PRO A 94 35.96 -2.97 47.13
N VAL A 95 37.24 -3.20 47.37
CA VAL A 95 38.07 -3.87 46.38
C VAL A 95 37.90 -5.38 46.44
N ASP A 96 37.99 -5.96 47.63
CA ASP A 96 37.87 -7.41 47.76
C ASP A 96 36.50 -7.93 47.38
N SER A 97 35.56 -7.06 47.01
CA SER A 97 34.31 -7.51 46.41
C SER A 97 34.61 -8.39 45.21
N THR A 98 33.93 -9.53 45.14
CA THR A 98 34.15 -10.51 44.09
C THR A 98 33.06 -10.41 43.04
N ALA A 99 33.36 -10.95 41.86
CA ALA A 99 32.38 -11.04 40.79
C ALA A 99 31.95 -12.49 40.64
N SER A 100 30.82 -12.69 39.97
CA SER A 100 30.36 -14.04 39.72
C SER A 100 29.31 -14.03 38.62
N ILE A 101 29.43 -14.96 37.70
CA ILE A 101 28.44 -15.10 36.63
C ILE A 101 27.26 -15.87 37.20
N LEU A 102 26.13 -15.20 37.36
CA LEU A 102 24.91 -15.84 37.80
C LEU A 102 23.95 -15.96 36.62
N THR A 103 22.89 -16.71 36.81
CA THR A 103 21.93 -16.96 35.76
C THR A 103 20.54 -16.55 36.22
N ALA A 104 19.88 -15.73 35.42
CA ALA A 104 18.55 -15.25 35.77
C ALA A 104 17.60 -16.41 35.91
N GLY A 105 17.16 -16.68 37.13
CA GLY A 105 16.33 -17.84 37.39
C GLY A 105 17.04 -19.12 37.04
N LEU A 106 16.62 -19.76 35.98
CA LEU A 106 17.27 -21.00 35.56
C LEU A 106 17.71 -20.97 34.10
N LEU A 107 16.96 -20.31 33.24
CA LEU A 107 17.28 -20.27 31.81
C LEU A 107 17.56 -18.87 31.31
N GLY A 108 17.45 -17.86 32.17
CA GLY A 108 17.74 -16.51 31.75
C GLY A 108 19.19 -16.35 31.36
N GLU A 109 19.45 -15.41 30.45
CA GLU A 109 20.80 -15.18 29.98
C GLU A 109 21.73 -14.94 31.16
N LYS A 110 22.89 -15.60 31.12
CA LYS A 110 23.84 -15.48 32.22
C LYS A 110 24.25 -14.02 32.38
N TYR A 111 23.82 -13.42 33.47
CA TYR A 111 24.27 -12.09 33.83
C TYR A 111 25.42 -12.22 34.82
N ILE A 112 25.93 -11.10 35.28
CA ILE A 112 27.01 -11.08 36.24
C ILE A 112 26.58 -10.27 37.46
N GLY A 113 26.70 -10.87 38.63
CA GLY A 113 26.52 -10.17 39.88
C GLY A 113 27.85 -10.00 40.58
N ILE A 114 27.80 -9.26 41.68
CA ILE A 114 28.98 -8.96 42.46
C ILE A 114 28.66 -9.17 43.93
N SER A 115 29.51 -9.94 44.60
CA SER A 115 29.47 -10.04 46.05
C SER A 115 30.27 -8.88 46.64
N VAL A 116 29.67 -8.18 47.60
CA VAL A 116 30.38 -7.09 48.27
C VAL A 116 31.57 -7.66 49.03
N GLY A 117 32.61 -6.86 49.16
CA GLY A 117 33.79 -7.23 49.92
C GLY A 117 33.74 -6.71 51.35
N GLY A 118 34.92 -6.49 51.91
CA GLY A 118 35.02 -5.98 53.26
C GLY A 118 36.16 -5.02 53.50
N ASP A 119 36.87 -4.63 52.45
CA ASP A 119 37.97 -3.67 52.61
C ASP A 119 37.47 -2.24 52.46
N GLU A 120 38.30 -1.29 52.89
CA GLU A 120 37.86 0.09 52.92
C GLU A 120 38.04 0.77 51.56
N ASP A 121 39.19 0.56 50.92
CA ASP A 121 39.48 1.19 49.64
C ASP A 121 38.43 0.78 48.61
N VAL A 122 37.94 1.76 47.87
CA VAL A 122 36.73 1.52 47.08
C VAL A 122 37.05 1.21 45.64
N LEU A 123 37.55 2.21 44.91
CA LEU A 123 37.68 2.05 43.46
C LEU A 123 38.40 3.25 42.88
N LYS A 124 38.89 3.07 41.67
CA LYS A 124 39.22 4.18 40.80
C LYS A 124 38.34 4.19 39.55
N ASP A 125 37.47 3.20 39.39
CA ASP A 125 36.45 3.19 38.34
C ASP A 125 37.11 3.30 36.97
N GLY A 126 37.77 2.20 36.61
CA GLY A 126 38.67 2.14 35.47
C GLY A 126 39.78 1.16 35.80
N SER A 127 39.72 0.63 37.02
CA SER A 127 40.64 -0.39 37.49
C SER A 127 40.15 -1.77 37.08
N THR A 128 40.74 -2.82 37.65
CA THR A 128 40.29 -4.19 37.45
C THR A 128 39.95 -4.81 38.79
N ILE A 129 38.98 -5.73 38.78
CA ILE A 129 38.70 -6.50 39.97
C ILE A 129 39.87 -7.47 40.22
N HIS A 130 39.89 -8.05 41.42
CA HIS A 130 40.96 -8.95 41.80
C HIS A 130 40.58 -10.41 41.60
N ASP A 131 39.54 -10.87 42.28
CA ASP A 131 39.13 -12.27 42.25
C ASP A 131 37.64 -12.34 41.95
N THR A 132 37.15 -13.57 41.84
CA THR A 132 35.80 -13.80 41.36
C THR A 132 35.45 -15.26 41.57
N GLN A 133 34.28 -15.65 41.05
CA GLN A 133 33.92 -17.04 40.83
C GLN A 133 33.40 -17.15 39.41
N SER A 134 34.10 -17.90 38.57
CA SER A 134 33.76 -18.00 37.17
C SER A 134 32.41 -18.70 37.00
N ALA A 135 31.96 -18.78 35.75
CA ALA A 135 30.71 -19.43 35.44
C ALA A 135 30.85 -20.95 35.49
N LEU A 136 29.72 -21.63 35.41
CA LEU A 136 29.67 -23.08 35.41
C LEU A 136 28.88 -23.57 34.21
N VAL A 137 29.17 -24.80 33.79
CA VAL A 137 28.53 -25.38 32.64
C VAL A 137 27.95 -26.73 33.02
N LEU A 138 26.98 -27.18 32.22
CA LEU A 138 26.36 -28.48 32.44
C LEU A 138 27.39 -29.60 32.45
N GLU A 139 28.47 -29.46 31.69
CA GLU A 139 29.48 -30.51 31.65
C GLU A 139 30.27 -30.57 32.95
N ASP A 140 30.85 -29.44 33.35
CA ASP A 140 31.64 -29.42 34.57
C ASP A 140 30.84 -29.96 35.75
N LEU A 141 29.64 -29.40 35.96
CA LEU A 141 28.83 -29.84 37.10
C LEU A 141 28.46 -31.31 37.00
N ILE A 142 28.81 -32.00 35.91
CA ILE A 142 28.87 -33.45 35.91
C ILE A 142 30.25 -33.96 35.55
N GLY A 143 31.17 -33.08 35.17
CA GLY A 143 32.53 -33.47 34.84
C GLY A 143 33.28 -34.04 36.02
N LYS A 144 33.47 -33.22 37.06
CA LYS A 144 34.14 -33.67 38.26
C LYS A 144 33.16 -34.46 39.13
N PHE A 145 32.49 -35.42 38.52
CA PHE A 145 31.34 -36.06 39.14
C PHE A 145 31.16 -37.48 38.62
N LEU A 146 29.93 -37.98 38.71
CA LEU A 146 29.55 -39.33 38.31
C LEU A 146 30.29 -39.79 37.06
N LEU A 147 30.61 -38.85 36.16
CA LEU A 147 31.50 -39.14 35.04
C LEU A 147 32.73 -39.94 35.47
N ASN A 148 33.39 -39.51 36.53
CA ASN A 148 34.58 -40.19 37.03
C ASN A 148 34.20 -41.45 37.80
N THR B 3 -23.50 22.04 4.22
CA THR B 3 -24.82 22.28 4.78
C THR B 3 -24.87 21.82 6.23
N ARG B 4 -25.90 21.03 6.55
CA ARG B 4 -26.03 20.47 7.89
C ARG B 4 -25.68 19.00 7.94
N THR B 5 -26.04 18.23 6.91
CA THR B 5 -25.72 16.81 6.92
C THR B 5 -24.21 16.58 6.95
N LEU B 6 -23.44 17.47 6.35
CA LEU B 6 -21.99 17.36 6.44
C LEU B 6 -21.53 17.50 7.89
N GLU B 7 -21.98 18.55 8.56
CA GLU B 7 -21.57 18.75 9.94
C GLU B 7 -21.98 17.58 10.80
N ILE B 8 -23.20 17.09 10.61
CA ILE B 8 -23.67 15.97 11.42
C ILE B 8 -22.83 14.74 11.17
N GLY B 9 -22.57 14.40 9.91
CA GLY B 9 -21.77 13.22 9.63
C GLY B 9 -20.38 13.34 10.22
N VAL B 10 -19.71 14.46 9.98
CA VAL B 10 -18.32 14.57 10.41
C VAL B 10 -18.25 14.61 11.93
N GLY B 11 -19.22 15.23 12.59
CA GLY B 11 -19.22 15.24 14.04
C GLY B 11 -19.46 13.87 14.62
N LEU B 12 -20.50 13.18 14.12
CA LEU B 12 -20.75 11.82 14.57
C LEU B 12 -19.51 10.97 14.45
N PHE B 13 -18.80 11.09 13.33
CA PHE B 13 -17.71 10.15 13.16
C PHE B 13 -16.41 10.63 13.81
N LEU B 14 -16.29 11.92 14.11
CA LEU B 14 -15.23 12.33 15.02
C LEU B 14 -15.45 11.75 16.40
N LEU B 15 -16.68 11.82 16.90
CA LEU B 15 -16.97 11.19 18.18
C LEU B 15 -16.72 9.71 18.11
N ALA B 16 -17.04 9.08 16.98
CA ALA B 16 -16.77 7.65 16.83
C ALA B 16 -15.27 7.38 16.93
N GLY B 17 -14.46 8.22 16.29
CA GLY B 17 -13.02 8.04 16.38
C GLY B 17 -12.52 8.18 17.81
N LEU B 18 -12.98 9.22 18.49
CA LEU B 18 -12.49 9.44 19.86
C LEU B 18 -12.96 8.34 20.79
N LEU B 19 -14.20 7.88 20.62
CA LEU B 19 -14.68 6.74 21.40
C LEU B 19 -13.83 5.51 21.12
N ALA B 20 -13.43 5.30 19.88
CA ALA B 20 -12.58 4.17 19.58
C ALA B 20 -11.24 4.30 20.27
N LEU B 21 -10.67 5.51 20.27
CA LEU B 21 -9.43 5.74 20.97
C LEU B 21 -9.57 5.39 22.45
N LEU B 22 -10.69 5.78 23.06
CA LEU B 22 -10.87 5.45 24.47
C LEU B 22 -11.06 3.94 24.66
N LEU B 23 -11.90 3.31 23.85
CA LEU B 23 -12.08 1.87 23.96
C LEU B 23 -10.75 1.15 23.86
N LEU B 24 -9.82 1.67 23.07
CA LEU B 24 -8.47 1.15 23.10
C LEU B 24 -7.78 1.51 24.40
N ALA B 25 -8.08 2.68 24.95
CA ALA B 25 -7.44 3.10 26.18
C ALA B 25 -8.10 2.43 27.38
N LEU B 26 -9.38 2.70 27.60
CA LEU B 26 -10.02 2.18 28.79
C LEU B 26 -10.05 0.67 28.80
N ARG B 27 -10.82 0.07 27.90
CA ARG B 27 -11.13 -1.35 28.03
C ARG B 27 -9.91 -2.21 27.71
N VAL B 28 -9.40 -2.13 26.49
CA VAL B 28 -8.38 -3.07 26.07
C VAL B 28 -7.08 -2.83 26.82
N SER B 29 -6.74 -1.57 27.06
CA SER B 29 -5.45 -1.33 27.68
C SER B 29 -5.51 -1.36 29.20
N GLY B 30 -6.69 -1.52 29.78
CA GLY B 30 -6.83 -1.68 31.22
C GLY B 30 -6.15 -0.59 32.02
N LEU B 31 -6.66 0.62 31.93
CA LEU B 31 -6.00 1.77 32.52
C LEU B 31 -6.49 2.02 33.94
N SER B 32 -6.19 3.20 34.47
CA SER B 32 -6.48 3.51 35.87
C SER B 32 -7.94 3.31 36.20
N VAL B 33 -8.83 4.08 35.55
CA VAL B 33 -10.25 4.18 35.89
C VAL B 33 -10.84 2.81 36.17
N GLY B 34 -10.48 1.81 35.36
CA GLY B 34 -11.00 0.47 35.58
C GLY B 34 -10.36 -0.24 36.76
N ASN B 35 -9.09 0.06 37.06
CA ASN B 35 -8.36 -0.61 38.12
C ASN B 35 -7.72 0.37 39.11
N ALA B 36 -8.23 1.61 39.17
CA ALA B 36 -7.73 2.58 40.13
C ALA B 36 -8.20 2.22 41.54
N GLY B 37 -7.37 2.57 42.52
CA GLY B 37 -7.71 2.27 43.88
C GLY B 37 -6.75 2.92 44.84
N ASP B 38 -7.03 2.75 46.12
CA ASP B 38 -6.26 3.37 47.19
C ASP B 38 -5.32 2.32 47.77
N THR B 39 -4.04 2.42 47.43
CA THR B 39 -3.02 1.52 47.92
C THR B 39 -1.94 2.32 48.63
N TYR B 40 -1.37 1.73 49.67
CA TYR B 40 -0.34 2.38 50.46
C TYR B 40 0.97 1.62 50.34
N LYS B 41 2.06 2.29 50.74
CA LYS B 41 3.40 1.78 50.49
C LYS B 41 3.94 0.98 51.67
N VAL B 42 5.00 0.24 51.40
CA VAL B 42 5.81 -0.38 52.44
C VAL B 42 7.18 -0.70 51.85
N TYR B 43 8.19 -0.80 52.70
CA TYR B 43 9.52 -1.13 52.25
C TYR B 43 9.90 -2.53 52.73
N ALA B 44 10.96 -3.06 52.13
CA ALA B 44 11.48 -4.37 52.50
C ALA B 44 12.96 -4.42 52.16
N TYR B 45 13.75 -4.93 53.09
CA TYR B 45 15.19 -5.08 52.90
C TYR B 45 15.49 -6.53 52.58
N PHE B 46 16.00 -6.80 51.39
CA PHE B 46 16.41 -8.14 51.00
C PHE B 46 17.91 -8.16 50.77
N ASP B 47 18.50 -9.34 51.00
CA ASP B 47 19.91 -9.52 50.64
C ASP B 47 20.10 -9.64 49.14
N ASN B 48 19.11 -10.16 48.42
CA ASN B 48 19.21 -10.34 46.99
C ASN B 48 17.84 -10.47 46.36
N ILE B 49 17.66 -9.86 45.19
CA ILE B 49 16.36 -9.74 44.55
C ILE B 49 16.43 -10.17 43.09
N ALA B 50 17.33 -11.09 42.79
CA ALA B 50 17.88 -11.24 41.44
C ALA B 50 16.87 -10.96 40.32
N GLY B 51 15.66 -11.51 40.43
CA GLY B 51 14.71 -11.37 39.35
C GLY B 51 13.47 -10.58 39.68
N VAL B 52 13.54 -9.73 40.71
CA VAL B 52 12.42 -8.85 41.04
C VAL B 52 12.41 -7.73 40.00
N THR B 53 11.38 -7.71 39.17
CA THR B 53 11.24 -6.66 38.16
C THR B 53 10.22 -5.62 38.62
N VAL B 54 10.39 -4.41 38.09
CA VAL B 54 9.42 -3.35 38.34
C VAL B 54 8.04 -3.82 37.90
N ARG B 55 7.03 -3.49 38.69
CA ARG B 55 5.64 -3.86 38.45
C ARG B 55 5.39 -5.36 38.61
N GLY B 56 6.36 -6.10 39.14
CA GLY B 56 6.10 -7.47 39.54
C GLY B 56 5.10 -7.55 40.66
N LYS B 57 4.49 -8.72 40.81
CA LYS B 57 3.37 -8.86 41.74
C LYS B 57 3.85 -9.16 43.15
N VAL B 58 3.09 -8.67 44.13
CA VAL B 58 3.28 -8.99 45.53
C VAL B 58 1.98 -9.56 46.06
N THR B 59 2.09 -10.66 46.79
CA THR B 59 0.93 -11.47 47.10
C THR B 59 1.06 -12.07 48.49
N LEU B 60 -0.06 -12.58 48.98
CA LEU B 60 -0.11 -13.33 50.22
C LEU B 60 -1.11 -14.46 50.02
N ALA B 61 -0.86 -15.58 50.69
CA ALA B 61 -1.73 -16.75 50.63
C ALA B 61 -1.97 -17.20 49.20
N GLY B 62 -1.08 -16.80 48.29
CA GLY B 62 -1.22 -17.08 46.88
C GLY B 62 -1.92 -16.00 46.08
N VAL B 63 -3.01 -15.46 46.60
CA VAL B 63 -3.77 -14.46 45.87
C VAL B 63 -2.98 -13.17 45.81
N THR B 64 -3.04 -12.49 44.68
CA THR B 64 -2.28 -11.27 44.51
C THR B 64 -2.80 -10.19 45.44
N ILE B 65 -1.91 -9.26 45.79
CA ILE B 65 -2.25 -8.19 46.70
C ILE B 65 -1.99 -6.85 46.02
N GLY B 66 -0.74 -6.61 45.64
CA GLY B 66 -0.39 -5.39 44.95
C GLY B 66 0.76 -5.60 43.98
N LYS B 67 1.43 -4.52 43.60
CA LYS B 67 2.59 -4.61 42.74
C LYS B 67 3.74 -3.86 43.37
N VAL B 68 4.95 -4.36 43.10
CA VAL B 68 6.14 -3.63 43.51
C VAL B 68 6.17 -2.28 42.81
N THR B 69 6.54 -1.25 43.54
CA THR B 69 6.65 0.08 42.97
C THR B 69 8.06 0.33 42.45
N ALA B 70 9.07 0.21 43.32
CA ALA B 70 10.41 0.57 42.93
C ALA B 70 11.42 -0.25 43.69
N VAL B 71 12.64 -0.22 43.18
CA VAL B 71 13.78 -0.97 43.70
C VAL B 71 14.96 -0.02 43.86
N ASP B 72 15.75 -0.23 44.92
CA ASP B 72 16.92 0.60 45.14
C ASP B 72 17.98 -0.23 45.84
N LEU B 73 19.23 0.17 45.64
CA LEU B 73 20.34 -0.37 46.41
C LEU B 73 20.69 0.65 47.49
N ASP B 74 20.68 0.22 48.75
CA ASP B 74 21.08 1.11 49.82
C ASP B 74 22.60 1.25 49.82
N ARG B 75 23.07 2.49 49.76
CA ARG B 75 24.51 2.75 49.64
C ARG B 75 25.28 2.44 50.91
N ASP B 76 24.60 2.05 52.00
CA ASP B 76 25.30 1.74 53.24
C ASP B 76 25.64 0.26 53.36
N SER B 77 24.62 -0.58 53.36
CA SER B 77 24.81 -2.02 53.52
C SER B 77 24.69 -2.77 52.20
N TYR B 78 24.49 -2.05 51.10
CA TYR B 78 24.46 -2.63 49.77
C TYR B 78 23.43 -3.75 49.66
N THR B 79 22.27 -3.53 50.27
CA THR B 79 21.16 -4.46 50.18
C THR B 79 20.11 -3.91 49.21
N GLY B 80 19.12 -4.75 48.94
CA GLY B 80 18.02 -4.33 48.09
C GLY B 80 16.84 -3.81 48.88
N ARG B 81 16.63 -2.51 48.85
CA ARG B 81 15.43 -1.91 49.41
C ARG B 81 14.37 -1.89 48.32
N VAL B 82 13.34 -2.69 48.49
CA VAL B 82 12.24 -2.76 47.55
C VAL B 82 11.01 -2.16 48.19
N THR B 83 10.39 -1.21 47.49
CA THR B 83 9.21 -0.52 47.98
C THR B 83 8.01 -0.90 47.13
N MET B 84 6.93 -1.30 47.78
CA MET B 84 5.81 -1.94 47.10
C MET B 84 4.49 -1.49 47.69
N GLU B 85 3.44 -1.67 46.91
CA GLU B 85 2.10 -1.20 47.24
C GLU B 85 1.22 -2.33 47.73
N ILE B 86 0.21 -1.96 48.52
CA ILE B 86 -0.78 -2.90 49.03
C ILE B 86 -2.14 -2.22 48.99
N ASN B 87 -3.13 -2.93 48.45
CA ASN B 87 -4.52 -2.46 48.52
C ASN B 87 -4.89 -2.15 49.94
N GLN B 88 -5.70 -1.11 50.13
CA GLN B 88 -5.98 -0.67 51.48
C GLN B 88 -6.83 -1.68 52.24
N ASN B 89 -7.80 -2.31 51.56
CA ASN B 89 -8.63 -3.31 52.22
C ASN B 89 -7.76 -4.42 52.82
N VAL B 90 -6.58 -4.64 52.26
CA VAL B 90 -5.57 -5.46 52.88
C VAL B 90 -4.80 -4.55 53.83
N ASN B 91 -5.16 -4.60 55.12
CA ASN B 91 -4.56 -3.70 56.10
C ASN B 91 -4.34 -4.38 57.45
N ASN B 92 -4.17 -5.69 57.49
CA ASN B 92 -4.04 -6.41 58.74
C ASN B 92 -2.74 -7.21 58.84
N LEU B 93 -1.82 -7.02 57.93
CA LEU B 93 -0.54 -7.72 57.98
C LEU B 93 0.25 -7.29 59.22
N PRO B 94 0.50 -8.18 60.16
CA PRO B 94 1.25 -7.77 61.36
C PRO B 94 2.69 -7.44 61.05
N VAL B 95 3.48 -7.08 62.06
CA VAL B 95 4.82 -6.57 61.79
C VAL B 95 5.80 -7.71 61.55
N ASP B 96 5.63 -8.83 62.25
CA ASP B 96 6.66 -9.86 62.05
C ASP B 96 6.36 -10.74 60.85
N SER B 97 5.48 -10.33 59.94
CA SER B 97 5.29 -11.06 58.70
C SER B 97 6.59 -11.05 57.90
N THR B 98 6.79 -12.09 57.11
CA THR B 98 8.01 -12.25 56.33
C THR B 98 7.70 -12.11 54.85
N ALA B 99 8.50 -11.32 54.16
CA ALA B 99 8.35 -11.11 52.72
C ALA B 99 9.48 -11.81 52.01
N SER B 100 9.16 -12.87 51.28
CA SER B 100 10.13 -13.67 50.55
C SER B 100 9.85 -13.53 49.05
N ILE B 101 10.81 -13.98 48.26
CA ILE B 101 10.69 -13.95 46.81
C ILE B 101 10.28 -15.33 46.34
N LEU B 102 9.23 -15.39 45.54
CA LEU B 102 8.68 -16.66 45.08
C LEU B 102 8.55 -16.65 43.57
N THR B 103 8.76 -17.83 42.97
CA THR B 103 8.69 -18.02 41.53
C THR B 103 7.77 -19.19 41.27
N ALA B 104 6.58 -18.92 40.73
CA ALA B 104 5.56 -19.94 40.61
C ALA B 104 6.01 -21.09 39.73
N GLY B 105 6.21 -20.84 38.44
CA GLY B 105 6.80 -21.82 37.55
C GLY B 105 8.32 -21.71 37.64
N LEU B 106 8.99 -22.85 37.46
CA LEU B 106 10.44 -22.88 37.57
C LEU B 106 11.07 -21.77 36.74
N LEU B 107 10.45 -21.41 35.63
CA LEU B 107 10.87 -20.25 34.87
C LEU B 107 9.97 -19.05 35.10
N GLY B 108 8.91 -19.19 35.89
CA GLY B 108 8.05 -18.06 36.18
C GLY B 108 8.81 -16.91 36.80
N GLU B 109 8.26 -15.71 36.63
CA GLU B 109 8.95 -14.52 37.10
C GLU B 109 8.99 -14.50 38.63
N LYS B 110 9.95 -13.74 39.16
CA LYS B 110 10.20 -13.73 40.59
C LYS B 110 9.35 -12.65 41.23
N TYR B 111 8.14 -13.05 41.65
CA TYR B 111 7.27 -12.16 42.40
C TYR B 111 7.62 -12.23 43.88
N ILE B 112 6.83 -11.56 44.71
CA ILE B 112 7.07 -11.54 46.14
C ILE B 112 5.83 -12.01 46.87
N GLY B 113 6.02 -12.78 47.93
CA GLY B 113 4.91 -13.21 48.76
C GLY B 113 5.25 -13.01 50.22
N ILE B 114 4.24 -12.63 50.99
CA ILE B 114 4.42 -12.29 52.39
C ILE B 114 3.63 -13.27 53.25
N SER B 115 4.21 -13.64 54.38
CA SER B 115 3.60 -14.59 55.30
C SER B 115 2.75 -13.88 56.33
N VAL B 116 2.18 -14.67 57.25
CA VAL B 116 1.40 -14.12 58.34
C VAL B 116 2.29 -13.90 59.56
N GLY B 117 2.30 -12.69 60.09
CA GLY B 117 3.15 -12.36 61.22
C GLY B 117 2.51 -12.48 62.59
N GLY B 118 2.05 -13.67 62.95
CA GLY B 118 1.58 -13.87 64.31
C GLY B 118 0.35 -13.05 64.64
N ASP B 119 0.42 -12.29 65.74
CA ASP B 119 -0.75 -11.58 66.25
C ASP B 119 -0.40 -10.18 66.76
N GLU B 120 0.63 -9.54 66.23
CA GLU B 120 1.07 -8.25 66.74
C GLU B 120 0.30 -7.16 66.01
N ASP B 121 0.59 -5.90 66.35
CA ASP B 121 0.10 -4.75 65.59
C ASP B 121 0.36 -4.94 64.12
N VAL B 122 -0.51 -4.36 63.30
CA VAL B 122 -0.42 -4.61 61.87
C VAL B 122 0.74 -3.83 61.24
N LEU B 123 0.63 -2.51 61.20
CA LEU B 123 1.52 -1.74 60.36
C LEU B 123 1.19 -0.25 60.43
N LYS B 124 2.02 0.56 59.79
CA LYS B 124 1.64 1.92 59.44
C LYS B 124 1.27 2.05 57.96
N ASP B 125 1.55 1.02 57.16
CA ASP B 125 1.29 1.02 55.73
C ASP B 125 1.93 2.26 55.10
N GLY B 126 3.25 2.22 55.12
CA GLY B 126 4.11 3.38 54.94
C GLY B 126 5.34 3.15 55.78
N SER B 127 5.25 2.13 56.63
CA SER B 127 6.40 1.64 57.38
C SER B 127 7.25 0.76 56.47
N THR B 128 8.20 0.04 57.06
CA THR B 128 8.96 -0.97 56.35
C THR B 128 8.73 -2.32 57.01
N ILE B 129 9.33 -3.35 56.44
CA ILE B 129 9.31 -4.67 57.07
C ILE B 129 10.72 -4.96 57.59
N HIS B 130 10.79 -5.90 58.53
CA HIS B 130 12.03 -6.14 59.26
C HIS B 130 12.85 -7.28 58.67
N ASP B 131 12.27 -8.47 58.61
CA ASP B 131 12.98 -9.68 58.19
C ASP B 131 12.46 -10.15 56.83
N THR B 132 13.12 -11.17 56.29
CA THR B 132 12.77 -11.66 54.97
C THR B 132 13.41 -13.02 54.71
N GLN B 133 13.06 -13.59 53.56
CA GLN B 133 13.76 -14.71 52.95
C GLN B 133 14.15 -14.26 51.55
N SER B 134 15.44 -14.05 51.34
CA SER B 134 15.92 -13.45 50.10
C SER B 134 15.67 -14.37 48.92
N ALA B 135 16.07 -13.91 47.74
CA ALA B 135 15.80 -14.60 46.49
C ALA B 135 16.91 -15.60 46.19
N LEU B 136 16.55 -16.87 46.11
CA LEU B 136 17.52 -17.91 45.78
C LEU B 136 17.95 -17.78 44.33
N VAL B 137 19.11 -18.36 44.02
CA VAL B 137 19.61 -18.42 42.66
C VAL B 137 20.13 -19.83 42.40
N LEU B 138 20.32 -20.13 41.11
CA LEU B 138 20.85 -21.43 40.75
C LEU B 138 22.27 -21.60 41.26
N GLU B 139 23.10 -20.57 41.08
CA GLU B 139 24.48 -20.66 41.53
C GLU B 139 24.55 -21.03 43.00
N ASP B 140 24.09 -20.14 43.87
CA ASP B 140 24.08 -20.43 45.30
C ASP B 140 23.50 -21.79 45.60
N LEU B 141 22.39 -22.15 44.94
CA LEU B 141 21.80 -23.47 45.12
C LEU B 141 22.85 -24.56 44.96
N ILE B 142 23.62 -24.52 43.89
CA ILE B 142 24.50 -25.65 43.59
C ILE B 142 25.85 -25.50 44.28
N GLY B 143 26.52 -24.36 44.08
CA GLY B 143 27.80 -24.13 44.73
C GLY B 143 27.73 -24.21 46.23
N LYS B 144 26.54 -23.97 46.80
CA LYS B 144 26.35 -24.22 48.23
C LYS B 144 26.59 -25.69 48.54
N PHE B 145 26.05 -26.58 47.72
CA PHE B 145 26.24 -28.02 47.90
C PHE B 145 27.39 -28.53 47.06
N LEU B 146 28.53 -27.88 47.27
CA LEU B 146 29.78 -28.17 46.60
C LEU B 146 30.89 -27.53 47.44
N LEU B 147 32.08 -27.39 46.86
CA LEU B 147 33.28 -26.76 47.41
C LEU B 147 33.99 -27.63 48.42
N ASN B 148 33.42 -28.75 48.85
CA ASN B 148 34.05 -29.64 49.82
C ASN B 148 33.25 -30.92 49.97
N THR C 3 25.96 25.21 -13.69
CA THR C 3 25.05 24.08 -13.54
C THR C 3 25.23 23.09 -14.68
N ARG C 4 26.47 22.71 -14.93
CA ARG C 4 26.76 21.62 -15.86
C ARG C 4 27.81 20.65 -15.35
N THR C 5 28.65 21.05 -14.39
CA THR C 5 29.68 20.17 -13.86
C THR C 5 29.17 19.46 -12.61
N LEU C 6 28.75 20.24 -11.61
CA LEU C 6 28.27 19.66 -10.36
C LEU C 6 27.09 18.75 -10.58
N GLU C 7 26.36 18.88 -11.68
CA GLU C 7 25.29 17.96 -11.97
C GLU C 7 25.84 16.55 -12.18
N ILE C 8 26.79 16.41 -13.10
CA ILE C 8 27.40 15.12 -13.33
C ILE C 8 28.13 14.64 -12.08
N GLY C 9 28.71 15.58 -11.34
CA GLY C 9 29.36 15.21 -10.09
C GLY C 9 28.38 14.61 -9.10
N VAL C 10 27.18 15.17 -9.03
CA VAL C 10 26.15 14.65 -8.14
C VAL C 10 25.70 13.28 -8.60
N GLY C 11 25.54 13.12 -9.91
CA GLY C 11 25.18 11.80 -10.42
C GLY C 11 26.20 10.75 -10.04
N LEU C 12 27.48 11.07 -10.20
CA LEU C 12 28.53 10.13 -9.83
C LEU C 12 28.52 9.88 -8.33
N PHE C 13 28.32 10.92 -7.53
CA PHE C 13 28.23 10.76 -6.09
C PHE C 13 27.13 9.78 -5.72
N LEU C 14 25.96 9.95 -6.34
CA LEU C 14 24.82 9.08 -6.06
C LEU C 14 25.10 7.64 -6.47
N LEU C 15 25.64 7.44 -7.67
CA LEU C 15 25.95 6.10 -8.10
C LEU C 15 26.98 5.46 -7.18
N ALA C 16 27.98 6.23 -6.75
CA ALA C 16 28.98 5.70 -5.84
C ALA C 16 28.35 5.31 -4.52
N GLY C 17 27.45 6.13 -4.00
CA GLY C 17 26.79 5.80 -2.75
C GLY C 17 25.96 4.55 -2.85
N LEU C 18 25.21 4.40 -3.95
CA LEU C 18 24.44 3.19 -4.13
C LEU C 18 25.34 1.97 -4.24
N LEU C 19 26.46 2.10 -4.96
CA LEU C 19 27.39 0.98 -5.07
C LEU C 19 27.97 0.62 -3.70
N ALA C 20 28.24 1.63 -2.87
CA ALA C 20 28.78 1.37 -1.55
C ALA C 20 27.74 0.67 -0.68
N LEU C 21 26.49 1.12 -0.73
CA LEU C 21 25.43 0.42 -0.03
C LEU C 21 25.34 -1.02 -0.49
N LEU C 22 25.47 -1.24 -1.80
CA LEU C 22 25.53 -2.58 -2.34
C LEU C 22 26.61 -3.40 -1.65
N LEU C 23 27.84 -2.91 -1.70
CA LEU C 23 28.97 -3.63 -1.13
C LEU C 23 28.72 -3.97 0.33
N LEU C 24 28.37 -2.95 1.13
CA LEU C 24 28.06 -3.16 2.53
C LEU C 24 26.97 -4.21 2.72
N ALA C 25 26.01 -4.26 1.81
CA ALA C 25 24.95 -5.27 1.93
C ALA C 25 25.49 -6.66 1.65
N LEU C 26 26.37 -6.79 0.66
CA LEU C 26 26.84 -8.11 0.28
C LEU C 26 27.79 -8.69 1.31
N ARG C 27 28.41 -7.84 2.14
CA ARG C 27 29.31 -8.37 3.15
C ARG C 27 28.58 -9.03 4.30
N VAL C 28 27.24 -8.97 4.32
CA VAL C 28 26.49 -9.73 5.32
C VAL C 28 26.54 -11.21 5.03
N SER C 29 26.16 -11.61 3.82
CA SER C 29 26.47 -12.94 3.33
C SER C 29 27.96 -13.04 3.05
N GLY C 30 28.48 -14.27 3.10
CA GLY C 30 29.92 -14.41 3.18
C GLY C 30 30.32 -13.57 4.37
N LEU C 31 29.85 -13.98 5.55
CA LEU C 31 29.69 -13.12 6.72
C LEU C 31 30.91 -12.26 7.04
N SER C 32 30.64 -11.11 7.68
CA SER C 32 31.50 -9.94 7.86
C SER C 32 32.80 -10.23 8.57
N VAL C 33 33.13 -11.43 9.02
CA VAL C 33 34.46 -11.69 9.60
C VAL C 33 35.35 -12.09 8.43
N GLY C 34 35.84 -11.07 7.72
CA GLY C 34 36.70 -11.24 6.57
C GLY C 34 36.08 -12.09 5.46
N ASN C 35 36.90 -12.33 4.44
CA ASN C 35 36.55 -13.26 3.37
C ASN C 35 36.92 -14.68 3.75
N ALA C 36 38.20 -14.91 4.07
CA ALA C 36 38.66 -16.16 4.65
C ALA C 36 39.01 -15.99 6.13
N GLY C 37 38.51 -14.93 6.76
CA GLY C 37 38.79 -14.64 8.15
C GLY C 37 39.37 -13.27 8.45
N ASP C 38 40.33 -12.77 7.68
CA ASP C 38 41.19 -13.57 6.82
C ASP C 38 42.20 -14.26 7.72
N THR C 39 41.84 -15.42 8.24
CA THR C 39 42.49 -15.97 9.41
C THR C 39 42.83 -17.44 9.13
N TYR C 40 43.26 -18.14 10.18
CA TYR C 40 43.82 -19.47 10.04
C TYR C 40 42.81 -20.55 10.37
N LYS C 41 42.89 -21.66 9.64
CA LYS C 41 42.03 -22.81 9.83
C LYS C 41 42.63 -23.76 10.86
N VAL C 42 41.79 -24.71 11.31
CA VAL C 42 42.26 -25.82 12.12
C VAL C 42 41.18 -26.90 12.09
N TYR C 43 41.57 -28.12 12.40
CA TYR C 43 40.68 -29.26 12.42
C TYR C 43 40.59 -29.83 13.82
N ALA C 44 39.68 -30.78 13.99
CA ALA C 44 39.52 -31.50 15.24
C ALA C 44 38.68 -32.74 14.98
N TYR C 45 38.91 -33.78 15.76
CA TYR C 45 38.17 -35.03 15.63
C TYR C 45 37.35 -35.26 16.90
N PHE C 46 36.10 -35.68 16.73
CA PHE C 46 35.20 -35.97 17.82
C PHE C 46 34.49 -37.28 17.57
N ASP C 47 33.83 -37.78 18.62
CA ASP C 47 33.03 -38.99 18.56
C ASP C 47 31.54 -38.71 18.47
N ASN C 48 31.11 -37.48 18.74
CA ASN C 48 29.72 -37.09 18.56
C ASN C 48 29.65 -35.57 18.56
N ILE C 49 29.13 -34.99 17.49
CA ILE C 49 29.07 -33.55 17.34
C ILE C 49 27.64 -33.09 17.12
N ALA C 50 26.69 -33.81 17.71
CA ALA C 50 25.26 -33.71 17.42
C ALA C 50 24.78 -32.29 17.14
N GLY C 51 25.16 -31.33 17.95
CA GLY C 51 24.61 -30.00 17.78
C GLY C 51 25.64 -28.97 17.39
N VAL C 52 26.56 -29.33 16.50
CA VAL C 52 27.66 -28.44 16.16
C VAL C 52 27.53 -28.08 14.69
N THR C 53 26.28 -27.93 14.23
CA THR C 53 26.01 -27.66 12.82
C THR C 53 26.75 -26.37 12.38
N VAL C 54 26.81 -26.19 11.07
CA VAL C 54 27.64 -25.17 10.44
C VAL C 54 27.51 -23.83 11.16
N ARG C 55 28.62 -23.13 11.27
CA ARG C 55 28.69 -21.85 11.95
C ARG C 55 28.26 -21.98 13.41
N GLY C 56 29.04 -22.76 14.15
CA GLY C 56 28.89 -22.89 15.59
C GLY C 56 30.10 -22.27 16.27
N LYS C 57 29.90 -21.78 17.49
CA LYS C 57 30.93 -21.00 18.16
C LYS C 57 32.06 -21.88 18.65
N VAL C 58 33.27 -21.57 18.22
CA VAL C 58 34.47 -22.05 18.88
C VAL C 58 34.88 -20.99 19.89
N THR C 59 35.31 -21.43 21.06
CA THR C 59 35.53 -20.49 22.13
C THR C 59 36.61 -21.02 23.04
N LEU C 60 37.25 -20.12 23.77
CA LEU C 60 38.17 -20.47 24.83
C LEU C 60 37.88 -19.58 26.02
N ALA C 61 37.90 -20.17 27.21
CA ALA C 61 37.62 -19.45 28.45
C ALA C 61 36.30 -18.69 28.38
N GLY C 62 35.35 -19.20 27.60
CA GLY C 62 34.07 -18.56 27.40
C GLY C 62 33.97 -17.65 26.20
N VAL C 63 34.94 -16.75 26.00
CA VAL C 63 34.85 -15.81 24.89
C VAL C 63 35.02 -16.58 23.58
N THR C 64 34.11 -16.33 22.65
CA THR C 64 34.19 -17.00 21.36
C THR C 64 35.46 -16.59 20.65
N ILE C 65 36.02 -17.51 19.86
CA ILE C 65 37.21 -17.27 19.09
C ILE C 65 36.88 -17.14 17.61
N GLY C 66 35.89 -17.88 17.14
CA GLY C 66 35.49 -17.86 15.75
C GLY C 66 34.35 -18.83 15.57
N LYS C 67 34.06 -19.13 14.32
CA LYS C 67 32.99 -20.06 14.02
C LYS C 67 33.56 -21.45 13.77
N VAL C 68 32.68 -22.40 13.61
CA VAL C 68 33.04 -23.63 12.92
C VAL C 68 32.74 -23.40 11.44
N THR C 69 33.53 -24.02 10.58
CA THR C 69 33.34 -23.88 9.15
C THR C 69 32.63 -25.10 8.56
N ALA C 70 33.06 -26.29 8.94
CA ALA C 70 32.49 -27.46 8.30
C ALA C 70 32.56 -28.65 9.23
N VAL C 71 31.64 -29.58 9.01
CA VAL C 71 31.58 -30.83 9.76
C VAL C 71 31.46 -31.96 8.76
N ASP C 72 32.15 -33.07 9.02
CA ASP C 72 32.18 -34.17 8.07
C ASP C 72 32.36 -35.47 8.83
N LEU C 73 32.00 -36.55 8.17
CA LEU C 73 32.16 -37.90 8.70
C LEU C 73 33.29 -38.58 7.93
N ASP C 74 34.45 -38.67 8.55
CA ASP C 74 35.60 -39.27 7.87
C ASP C 74 35.35 -40.76 7.64
N ARG C 75 35.41 -41.15 6.36
CA ARG C 75 35.07 -42.52 5.98
C ARG C 75 35.95 -43.56 6.66
N ASP C 76 37.15 -43.19 7.10
CA ASP C 76 38.04 -44.18 7.67
C ASP C 76 37.69 -44.49 9.13
N SER C 77 37.76 -43.49 9.99
CA SER C 77 37.54 -43.72 11.41
C SER C 77 36.06 -43.67 11.79
N TYR C 78 35.17 -43.34 10.86
CA TYR C 78 33.74 -43.22 11.12
C TYR C 78 33.43 -42.14 12.15
N THR C 79 34.42 -41.33 12.51
CA THR C 79 34.24 -40.30 13.51
C THR C 79 33.80 -39.01 12.85
N GLY C 80 33.68 -37.96 13.65
CA GLY C 80 33.37 -36.63 13.14
C GLY C 80 34.64 -35.80 13.06
N ARG C 81 34.75 -35.02 11.99
CA ARG C 81 35.84 -34.07 11.84
C ARG C 81 35.22 -32.70 11.66
N VAL C 82 35.70 -31.74 12.44
CA VAL C 82 35.17 -30.39 12.44
C VAL C 82 36.30 -29.42 12.13
N THR C 83 35.99 -28.41 11.34
CA THR C 83 36.97 -27.48 10.82
C THR C 83 36.49 -26.07 11.08
N MET C 84 37.38 -25.25 11.64
CA MET C 84 37.01 -23.94 12.14
C MET C 84 38.16 -22.97 12.00
N GLU C 85 37.81 -21.70 11.84
CA GLU C 85 38.81 -20.63 11.74
C GLU C 85 39.07 -20.04 13.11
N ILE C 86 40.12 -19.22 13.19
CA ILE C 86 40.54 -18.61 14.45
C ILE C 86 41.01 -17.18 14.16
N ASN C 87 40.40 -16.21 14.85
CA ASN C 87 40.86 -14.83 14.77
C ASN C 87 42.37 -14.76 14.96
N GLN C 88 43.02 -13.99 14.09
CA GLN C 88 44.47 -14.08 13.98
C GLN C 88 45.16 -13.54 15.23
N ASN C 89 44.56 -12.55 15.89
CA ASN C 89 45.10 -12.09 17.16
C ASN C 89 45.18 -13.25 18.15
N VAL C 90 44.26 -14.21 18.03
CA VAL C 90 44.33 -15.43 18.83
C VAL C 90 45.28 -16.37 18.11
N ASN C 91 46.52 -16.43 18.60
CA ASN C 91 47.56 -17.23 17.95
C ASN C 91 48.47 -17.92 18.96
N ASN C 92 48.05 -18.06 20.21
CA ASN C 92 48.89 -18.60 21.26
C ASN C 92 48.34 -19.90 21.84
N LEU C 93 47.57 -20.64 21.06
CA LEU C 93 46.94 -21.85 21.55
C LEU C 93 47.91 -23.01 21.39
N PRO C 94 48.40 -23.62 22.48
CA PRO C 94 49.31 -24.74 22.34
C PRO C 94 48.62 -25.98 21.76
N VAL C 95 49.40 -26.79 21.05
CA VAL C 95 48.83 -27.96 20.36
C VAL C 95 48.16 -28.89 21.35
N ASP C 96 48.69 -29.01 22.56
CA ASP C 96 48.18 -29.96 23.53
C ASP C 96 46.89 -29.51 24.20
N SER C 97 46.23 -28.51 23.63
CA SER C 97 44.92 -28.10 24.11
C SER C 97 43.88 -29.17 23.84
N THR C 98 42.80 -29.14 24.61
CA THR C 98 41.64 -29.97 24.36
C THR C 98 40.47 -29.07 24.01
N ALA C 99 39.43 -29.67 23.44
CA ALA C 99 38.27 -28.88 23.01
C ALA C 99 37.05 -29.78 23.04
N SER C 100 36.19 -29.56 24.02
CA SER C 100 34.98 -30.36 24.17
C SER C 100 33.78 -29.53 23.76
N ILE C 101 32.70 -30.22 23.43
CA ILE C 101 31.48 -29.57 22.96
C ILE C 101 30.68 -29.16 24.19
N LEU C 102 30.83 -27.91 24.60
CA LEU C 102 30.02 -27.32 25.65
C LEU C 102 28.59 -27.12 25.15
N THR C 103 27.68 -27.00 26.10
CA THR C 103 26.30 -26.63 25.80
C THR C 103 25.89 -25.56 26.80
N ALA C 104 25.79 -24.32 26.32
CA ALA C 104 25.46 -23.22 27.20
C ALA C 104 24.10 -23.45 27.86
N GLY C 105 24.06 -23.30 29.18
CA GLY C 105 22.84 -23.57 29.91
C GLY C 105 22.44 -25.02 29.72
N LEU C 106 21.17 -25.24 29.39
CA LEU C 106 20.66 -26.57 29.14
C LEU C 106 20.13 -26.72 27.72
N LEU C 107 19.37 -25.76 27.23
CA LEU C 107 18.83 -25.81 25.88
C LEU C 107 19.74 -25.14 24.86
N GLY C 108 20.89 -24.61 25.28
CA GLY C 108 21.72 -23.85 24.37
C GLY C 108 22.20 -24.69 23.20
N GLU C 109 22.36 -24.02 22.06
CA GLU C 109 22.94 -24.66 20.90
C GLU C 109 24.39 -25.03 21.20
N LYS C 110 24.74 -26.29 20.98
CA LYS C 110 26.07 -26.77 21.33
C LYS C 110 27.14 -25.95 20.63
N TYR C 111 28.24 -25.74 21.34
CA TYR C 111 29.35 -24.93 20.84
C TYR C 111 30.62 -25.47 21.46
N ILE C 112 31.73 -25.41 20.75
CA ILE C 112 32.94 -26.07 21.20
C ILE C 112 33.78 -25.11 22.01
N GLY C 113 34.12 -25.52 23.23
CA GLY C 113 35.00 -24.76 24.09
C GLY C 113 36.32 -25.48 24.25
N ILE C 114 37.40 -24.70 24.26
CA ILE C 114 38.74 -25.22 24.17
C ILE C 114 39.47 -24.86 25.45
N SER C 115 39.91 -25.89 26.17
CA SER C 115 40.83 -25.68 27.27
C SER C 115 42.26 -25.72 26.74
N VAL C 116 43.11 -24.84 27.30
CA VAL C 116 44.48 -24.68 26.83
C VAL C 116 45.24 -26.00 26.91
N GLY C 117 44.78 -26.92 27.74
CA GLY C 117 45.44 -28.20 27.90
C GLY C 117 46.80 -28.07 28.55
N GLY C 118 47.84 -28.47 27.84
CA GLY C 118 49.20 -28.38 28.33
C GLY C 118 49.89 -27.11 27.88
N ASP C 119 51.21 -27.20 27.78
CA ASP C 119 52.08 -26.08 27.39
C ASP C 119 53.18 -26.64 26.51
N GLU C 120 53.14 -26.30 25.23
CA GLU C 120 54.06 -26.86 24.25
C GLU C 120 54.09 -25.89 23.07
N ASP C 121 54.66 -26.32 21.96
CA ASP C 121 54.52 -25.63 20.68
C ASP C 121 53.09 -25.14 20.49
N VAL C 122 52.94 -23.92 19.98
CA VAL C 122 51.61 -23.33 19.89
C VAL C 122 50.76 -24.13 18.91
N LEU C 123 51.09 -24.05 17.62
CA LEU C 123 50.27 -24.65 16.58
C LEU C 123 50.99 -24.48 15.25
N LYS C 124 50.43 -25.12 14.23
CA LYS C 124 50.68 -24.70 12.86
C LYS C 124 49.54 -23.85 12.32
N ASP C 125 48.39 -23.82 13.00
CA ASP C 125 47.23 -23.06 12.56
C ASP C 125 46.81 -23.53 11.16
N GLY C 126 46.32 -24.77 11.14
CA GLY C 126 46.06 -25.49 9.93
C GLY C 126 46.36 -26.95 10.18
N SER C 127 46.86 -27.23 11.38
CA SER C 127 47.09 -28.59 11.83
C SER C 127 45.79 -29.17 12.36
N THR C 128 45.88 -30.29 13.07
CA THR C 128 44.75 -30.88 13.75
C THR C 128 44.99 -30.87 15.25
N ILE C 129 43.96 -31.24 16.00
CA ILE C 129 44.07 -31.42 17.43
C ILE C 129 44.14 -32.92 17.72
N HIS C 130 44.49 -33.26 18.95
CA HIS C 130 44.70 -34.65 19.31
C HIS C 130 43.70 -35.15 20.35
N ASP C 131 43.64 -34.53 21.52
CA ASP C 131 42.82 -35.01 22.62
C ASP C 131 41.64 -34.07 22.85
N THR C 132 40.53 -34.65 23.25
CA THR C 132 39.30 -33.88 23.44
C THR C 132 38.28 -34.75 24.16
N GLN C 133 37.12 -34.16 24.42
CA GLN C 133 35.96 -34.85 24.96
C GLN C 133 34.78 -34.58 24.04
N SER C 134 34.22 -35.63 23.46
CA SER C 134 33.04 -35.47 22.63
C SER C 134 31.89 -34.91 23.45
N ALA C 135 30.85 -34.48 22.74
CA ALA C 135 29.65 -34.02 23.41
C ALA C 135 28.99 -35.19 24.13
N LEU C 136 28.21 -34.87 25.15
CA LEU C 136 27.42 -35.87 25.84
C LEU C 136 26.05 -35.97 25.18
N VAL C 137 25.40 -37.10 25.40
CA VAL C 137 24.03 -37.30 24.97
C VAL C 137 23.22 -37.76 26.17
N LEU C 138 22.06 -37.12 26.37
CA LEU C 138 21.16 -37.50 27.44
C LEU C 138 20.94 -39.01 27.49
N GLU C 139 20.84 -39.64 26.33
CA GLU C 139 20.48 -41.04 26.28
C GLU C 139 21.54 -41.92 26.92
N ASP C 140 22.79 -41.82 26.46
CA ASP C 140 23.87 -42.56 27.08
C ASP C 140 23.89 -42.32 28.58
N LEU C 141 23.70 -41.07 28.99
CA LEU C 141 23.82 -40.73 30.40
C LEU C 141 22.77 -41.44 31.22
N ILE C 142 21.51 -41.43 30.76
CA ILE C 142 20.46 -42.08 31.53
C ILE C 142 20.46 -43.55 31.20
N GLY C 143 21.41 -43.99 30.39
CA GLY C 143 21.59 -45.37 30.01
C GLY C 143 22.66 -46.00 30.89
N LYS C 144 23.89 -45.99 30.39
CA LYS C 144 25.06 -46.55 31.08
C LYS C 144 25.05 -46.29 32.58
N PHE C 145 24.60 -45.12 32.99
CA PHE C 145 24.65 -44.74 34.38
C PHE C 145 23.35 -44.99 35.13
N LEU C 146 22.30 -45.43 34.44
CA LEU C 146 21.08 -45.80 35.11
C LEU C 146 20.69 -47.25 34.87
N LEU C 147 20.62 -47.68 33.62
CA LEU C 147 20.09 -49.01 33.32
C LEU C 147 21.11 -50.09 33.67
N ASN C 148 22.37 -49.88 33.31
CA ASN C 148 23.41 -50.85 33.61
C ASN C 148 24.79 -50.18 33.57
N THR D 3 13.27 -1.12 -28.23
CA THR D 3 14.66 -1.53 -28.45
C THR D 3 14.94 -2.88 -27.81
N ARG D 4 16.14 -3.01 -27.26
CA ARG D 4 16.53 -4.24 -26.56
C ARG D 4 16.97 -3.99 -25.13
N THR D 5 17.35 -2.76 -24.78
CA THR D 5 17.65 -2.45 -23.39
C THR D 5 16.47 -2.78 -22.48
N LEU D 6 15.26 -2.83 -23.02
CA LEU D 6 14.09 -3.26 -22.26
C LEU D 6 13.97 -4.76 -22.19
N GLU D 7 14.26 -5.46 -23.29
CA GLU D 7 14.24 -6.91 -23.25
C GLU D 7 15.23 -7.44 -22.23
N ILE D 8 16.43 -6.87 -22.19
CA ILE D 8 17.43 -7.37 -21.27
C ILE D 8 17.00 -7.12 -19.83
N GLY D 9 16.47 -5.94 -19.54
CA GLY D 9 16.02 -5.66 -18.20
C GLY D 9 14.91 -6.60 -17.76
N VAL D 10 13.89 -6.73 -18.60
CA VAL D 10 12.74 -7.53 -18.20
C VAL D 10 13.13 -9.00 -18.06
N GLY D 11 14.02 -9.47 -18.92
CA GLY D 11 14.51 -10.83 -18.75
C GLY D 11 15.29 -10.99 -17.47
N LEU D 12 16.19 -10.04 -17.20
CA LEU D 12 16.94 -10.03 -15.96
C LEU D 12 16.02 -10.22 -14.78
N PHE D 13 14.94 -9.46 -14.75
CA PHE D 13 14.17 -9.45 -13.51
C PHE D 13 13.12 -10.55 -13.47
N LEU D 14 12.69 -11.06 -14.62
CA LEU D 14 12.02 -12.35 -14.64
C LEU D 14 12.90 -13.40 -13.99
N LEU D 15 14.16 -13.45 -14.41
CA LEU D 15 15.08 -14.42 -13.84
C LEU D 15 15.32 -14.16 -12.36
N ALA D 16 15.32 -12.89 -11.96
CA ALA D 16 15.47 -12.56 -10.55
C ALA D 16 14.33 -13.12 -9.74
N GLY D 17 13.10 -12.90 -10.20
CA GLY D 17 11.95 -13.47 -9.51
C GLY D 17 12.01 -14.99 -9.46
N LEU D 18 12.42 -15.61 -10.56
CA LEU D 18 12.51 -17.07 -10.59
C LEU D 18 13.53 -17.57 -9.58
N LEU D 19 14.73 -16.98 -9.59
CA LEU D 19 15.73 -17.33 -8.61
C LEU D 19 15.20 -17.14 -7.20
N ALA D 20 14.45 -16.06 -6.97
CA ALA D 20 13.94 -15.82 -5.63
C ALA D 20 12.94 -16.90 -5.23
N LEU D 21 12.09 -17.32 -6.16
CA LEU D 21 11.20 -18.43 -5.88
C LEU D 21 11.99 -19.67 -5.48
N LEU D 22 13.08 -19.94 -6.20
CA LEU D 22 13.88 -21.11 -5.87
C LEU D 22 14.53 -20.96 -4.49
N LEU D 23 15.07 -19.78 -4.20
CA LEU D 23 15.74 -19.57 -2.93
C LEU D 23 14.77 -19.70 -1.77
N LEU D 24 13.51 -19.30 -1.99
CA LEU D 24 12.49 -19.64 -1.01
C LEU D 24 12.34 -21.14 -0.90
N ALA D 25 12.18 -21.82 -2.03
CA ALA D 25 11.91 -23.25 -1.99
C ALA D 25 13.09 -24.02 -1.44
N LEU D 26 14.32 -23.64 -1.81
CA LEU D 26 15.47 -24.47 -1.51
C LEU D 26 16.28 -23.95 -0.32
N ARG D 27 16.84 -22.76 -0.42
CA ARG D 27 17.66 -22.30 0.69
C ARG D 27 16.85 -21.73 1.83
N VAL D 28 15.53 -21.84 1.78
CA VAL D 28 14.69 -21.49 2.92
C VAL D 28 13.75 -22.61 3.32
N SER D 29 13.35 -23.51 2.43
CA SER D 29 12.59 -24.66 2.85
C SER D 29 13.32 -25.97 2.70
N GLY D 30 14.37 -26.03 1.90
CA GLY D 30 15.21 -27.21 1.80
C GLY D 30 14.49 -28.49 1.44
N LEU D 31 14.01 -28.60 0.20
CA LEU D 31 13.36 -29.84 -0.23
C LEU D 31 14.37 -30.86 -0.74
N SER D 32 14.99 -30.59 -1.90
CA SER D 32 15.87 -31.57 -2.52
C SER D 32 16.79 -30.87 -3.52
N VAL D 33 18.03 -30.62 -3.10
CA VAL D 33 19.08 -30.20 -4.03
C VAL D 33 20.31 -31.05 -3.72
N GLY D 34 20.08 -32.14 -2.99
CA GLY D 34 21.14 -32.93 -2.41
C GLY D 34 20.77 -33.27 -0.98
N ASN D 35 19.51 -32.99 -0.63
CA ASN D 35 18.97 -33.32 0.68
C ASN D 35 18.30 -34.69 0.70
N ALA D 36 17.45 -34.98 -0.27
CA ALA D 36 16.81 -36.28 -0.38
C ALA D 36 16.79 -36.74 -1.84
N GLY D 37 17.89 -36.49 -2.56
CA GLY D 37 18.01 -36.91 -3.94
C GLY D 37 18.78 -38.21 -4.10
N ASP D 38 20.05 -38.10 -4.51
CA ASP D 38 20.87 -39.29 -4.71
C ASP D 38 21.23 -39.89 -3.36
N THR D 39 20.26 -40.53 -2.72
CA THR D 39 20.45 -41.19 -1.43
C THR D 39 19.75 -42.54 -1.47
N TYR D 40 20.22 -43.47 -0.66
CA TYR D 40 19.70 -44.84 -0.69
C TYR D 40 19.05 -45.21 0.63
N LYS D 41 18.04 -46.08 0.52
CA LYS D 41 17.13 -46.37 1.62
C LYS D 41 17.75 -47.30 2.64
N VAL D 42 17.10 -47.36 3.80
CA VAL D 42 17.24 -48.51 4.70
C VAL D 42 16.05 -48.49 5.65
N TYR D 43 15.68 -49.66 6.13
CA TYR D 43 14.64 -49.80 7.14
C TYR D 43 15.27 -50.02 8.50
N ALA D 44 14.44 -49.87 9.54
CA ALA D 44 14.85 -50.25 10.89
C ALA D 44 13.61 -50.53 11.72
N TYR D 45 13.72 -51.50 12.61
CA TYR D 45 12.63 -51.87 13.50
C TYR D 45 12.90 -51.31 14.89
N PHE D 46 12.04 -50.40 15.34
CA PHE D 46 12.12 -49.81 16.66
C PHE D 46 10.93 -50.24 17.50
N ASP D 47 11.16 -50.35 18.81
CA ASP D 47 10.07 -50.69 19.70
C ASP D 47 9.20 -49.50 20.06
N ASN D 48 9.72 -48.29 19.91
CA ASN D 48 8.91 -47.09 20.14
C ASN D 48 9.60 -45.91 19.50
N ILE D 49 8.85 -45.18 18.68
CA ILE D 49 9.39 -44.07 17.92
C ILE D 49 8.71 -42.78 18.34
N ALA D 50 8.33 -42.71 19.62
CA ALA D 50 7.50 -41.63 20.13
C ALA D 50 7.87 -40.27 19.57
N GLY D 51 9.13 -39.87 19.76
CA GLY D 51 9.58 -38.59 19.30
C GLY D 51 10.10 -38.56 17.88
N VAL D 52 9.99 -39.65 17.14
CA VAL D 52 10.52 -39.75 15.79
C VAL D 52 9.45 -39.25 14.83
N THR D 53 9.80 -38.28 14.00
CA THR D 53 8.88 -37.70 13.04
C THR D 53 9.50 -37.70 11.65
N VAL D 54 8.63 -37.55 10.66
CA VAL D 54 9.08 -37.42 9.28
C VAL D 54 9.96 -36.19 9.15
N ARG D 55 10.83 -36.20 8.15
CA ARG D 55 11.79 -35.12 7.91
C ARG D 55 12.77 -34.95 9.06
N GLY D 56 12.89 -35.98 9.90
CA GLY D 56 13.89 -35.99 10.96
C GLY D 56 15.28 -36.09 10.39
N LYS D 57 16.21 -36.54 11.23
CA LYS D 57 17.61 -36.65 10.84
C LYS D 57 18.23 -37.93 11.34
N VAL D 58 18.86 -38.66 10.44
CA VAL D 58 19.70 -39.79 10.76
C VAL D 58 21.14 -39.30 10.75
N THR D 59 21.88 -39.64 11.79
CA THR D 59 23.23 -39.15 11.95
C THR D 59 24.12 -40.27 12.44
N LEU D 60 25.40 -39.96 12.57
CA LEU D 60 26.40 -40.88 13.06
C LEU D 60 27.52 -40.04 13.62
N ALA D 61 27.93 -40.35 14.84
CA ALA D 61 28.97 -39.57 15.52
C ALA D 61 28.64 -38.09 15.51
N GLY D 62 27.35 -37.76 15.58
CA GLY D 62 26.90 -36.39 15.61
C GLY D 62 26.56 -35.76 14.27
N VAL D 63 27.45 -35.86 13.29
CA VAL D 63 27.21 -35.20 12.01
C VAL D 63 26.08 -35.92 11.27
N THR D 64 25.30 -35.15 10.52
CA THR D 64 24.16 -35.71 9.85
C THR D 64 24.59 -36.66 8.74
N ILE D 65 23.84 -37.74 8.57
CA ILE D 65 24.11 -38.66 7.48
C ILE D 65 22.97 -38.55 6.48
N GLY D 66 21.81 -38.10 6.94
CA GLY D 66 20.70 -37.90 6.05
C GLY D 66 19.43 -37.65 6.81
N LYS D 67 18.30 -37.84 6.14
CA LYS D 67 17.00 -37.61 6.74
C LYS D 67 16.24 -38.91 6.85
N VAL D 68 15.16 -38.85 7.60
CA VAL D 68 14.23 -39.97 7.68
C VAL D 68 13.10 -39.71 6.71
N THR D 69 12.46 -40.77 6.24
CA THR D 69 11.44 -40.69 5.21
C THR D 69 10.07 -41.10 5.69
N ALA D 70 9.91 -42.31 6.22
CA ALA D 70 8.57 -42.77 6.53
C ALA D 70 8.59 -43.68 7.75
N VAL D 71 7.71 -43.37 8.68
CA VAL D 71 7.47 -44.21 9.85
C VAL D 71 6.17 -44.96 9.62
N ASP D 72 6.16 -46.23 9.97
CA ASP D 72 5.01 -47.06 9.69
C ASP D 72 4.84 -48.08 10.80
N LEU D 73 3.64 -48.64 10.89
CA LEU D 73 3.35 -49.69 11.85
C LEU D 73 3.29 -51.01 11.09
N ASP D 74 4.13 -51.97 11.50
CA ASP D 74 4.01 -53.32 10.96
C ASP D 74 2.88 -54.03 11.68
N ARG D 75 1.80 -54.30 10.96
CA ARG D 75 0.56 -54.76 11.57
C ARG D 75 0.68 -56.10 12.28
N ASP D 76 1.82 -56.78 12.19
CA ASP D 76 1.97 -58.06 12.85
C ASP D 76 2.57 -57.89 14.25
N SER D 77 3.74 -57.28 14.34
CA SER D 77 4.38 -57.06 15.63
C SER D 77 4.13 -55.68 16.20
N TYR D 78 3.46 -54.80 15.45
CA TYR D 78 3.03 -53.51 15.96
C TYR D 78 4.20 -52.59 16.28
N THR D 79 5.40 -52.99 15.90
CA THR D 79 6.57 -52.16 16.14
C THR D 79 6.59 -51.04 15.11
N GLY D 80 7.60 -50.19 15.19
CA GLY D 80 7.78 -49.14 14.21
C GLY D 80 8.79 -49.58 13.18
N ARG D 81 8.41 -49.43 11.91
CA ARG D 81 9.35 -49.59 10.81
C ARG D 81 9.66 -48.19 10.32
N VAL D 82 10.89 -47.76 10.54
CA VAL D 82 11.32 -46.42 10.16
C VAL D 82 12.28 -46.57 8.98
N THR D 83 11.91 -45.97 7.86
CA THR D 83 12.71 -46.04 6.64
C THR D 83 13.26 -44.66 6.32
N MET D 84 14.55 -44.62 5.98
CA MET D 84 15.26 -43.35 5.84
C MET D 84 16.28 -43.42 4.73
N GLU D 85 16.64 -42.25 4.19
CA GLU D 85 17.64 -42.11 3.15
C GLU D 85 19.01 -41.86 3.77
N ILE D 86 20.05 -42.27 3.06
CA ILE D 86 21.44 -42.08 3.47
C ILE D 86 22.23 -41.57 2.28
N ASN D 87 23.04 -40.54 2.51
CA ASN D 87 23.90 -40.01 1.46
C ASN D 87 24.78 -41.11 0.87
N GLN D 88 25.00 -41.03 -0.43
CA GLN D 88 25.71 -42.09 -1.13
C GLN D 88 27.20 -42.09 -0.82
N ASN D 89 27.76 -40.93 -0.50
CA ASN D 89 29.15 -40.88 -0.06
C ASN D 89 29.37 -41.73 1.18
N VAL D 90 28.35 -41.84 2.03
CA VAL D 90 28.42 -42.66 3.23
C VAL D 90 27.84 -44.02 2.87
N ASN D 91 28.73 -44.99 2.65
CA ASN D 91 28.32 -46.34 2.30
C ASN D 91 29.21 -47.36 2.99
N ASN D 92 29.66 -47.05 4.20
CA ASN D 92 30.68 -47.83 4.89
C ASN D 92 30.22 -48.34 6.25
N LEU D 93 28.96 -48.54 6.41
CA LEU D 93 28.44 -48.95 7.71
C LEU D 93 28.46 -50.46 7.82
N PRO D 94 28.83 -51.03 8.96
CA PRO D 94 28.60 -52.47 9.16
C PRO D 94 27.13 -52.75 9.38
N VAL D 95 26.77 -54.03 9.27
CA VAL D 95 25.37 -54.42 9.36
C VAL D 95 24.96 -54.67 10.81
N ASP D 96 25.91 -55.12 11.63
CA ASP D 96 25.62 -55.30 13.06
C ASP D 96 25.45 -53.97 13.79
N SER D 97 25.79 -52.85 13.15
CA SER D 97 25.71 -51.56 13.80
C SER D 97 24.26 -51.24 14.17
N THR D 98 24.09 -50.62 15.34
CA THR D 98 22.75 -50.29 15.79
C THR D 98 22.37 -48.89 15.34
N ALA D 99 21.11 -48.54 15.57
CA ALA D 99 20.61 -47.20 15.27
C ALA D 99 19.63 -46.82 16.38
N SER D 100 20.11 -46.03 17.32
CA SER D 100 19.29 -45.61 18.45
C SER D 100 18.64 -44.27 18.13
N ILE D 101 17.78 -43.83 19.03
CA ILE D 101 17.07 -42.56 18.89
C ILE D 101 17.62 -41.62 19.97
N LEU D 102 18.12 -40.47 19.54
CA LEU D 102 18.69 -39.49 20.46
C LEU D 102 17.90 -38.20 20.39
N THR D 103 17.62 -37.64 21.56
CA THR D 103 16.95 -36.35 21.66
C THR D 103 17.96 -35.23 21.50
N ALA D 104 17.66 -34.29 20.60
CA ALA D 104 18.56 -33.18 20.36
C ALA D 104 18.80 -32.39 21.64
N GLY D 105 20.06 -32.31 22.06
CA GLY D 105 20.40 -31.64 23.29
C GLY D 105 19.67 -32.24 24.48
N LEU D 106 18.75 -31.48 25.05
CA LEU D 106 17.99 -31.92 26.21
C LEU D 106 16.49 -31.87 26.01
N LEU D 107 16.00 -30.99 25.14
CA LEU D 107 14.58 -30.94 24.83
C LEU D 107 14.30 -30.87 23.34
N GLY D 108 15.33 -30.84 22.50
CA GLY D 108 15.12 -30.75 21.08
C GLY D 108 14.32 -31.93 20.53
N GLU D 109 14.07 -31.89 19.24
CA GLU D 109 13.38 -32.99 18.59
C GLU D 109 14.23 -34.26 18.68
N LYS D 110 13.60 -35.39 18.37
CA LYS D 110 14.29 -36.66 18.43
C LYS D 110 14.79 -37.04 17.05
N TYR D 111 16.11 -37.01 16.88
CA TYR D 111 16.73 -37.59 15.70
C TYR D 111 17.13 -39.02 16.03
N ILE D 112 17.72 -39.72 15.07
CA ILE D 112 18.28 -41.04 15.35
C ILE D 112 19.74 -41.06 14.91
N GLY D 113 20.55 -41.74 15.69
CA GLY D 113 21.97 -41.83 15.42
C GLY D 113 22.42 -43.26 15.40
N ILE D 114 23.44 -43.52 14.61
CA ILE D 114 23.92 -44.87 14.34
C ILE D 114 25.11 -45.14 15.24
N SER D 115 25.23 -46.38 15.71
CA SER D 115 26.36 -46.83 16.50
C SER D 115 27.07 -47.91 15.71
N VAL D 116 28.25 -47.58 15.18
CA VAL D 116 29.02 -48.51 14.37
C VAL D 116 29.32 -49.75 15.18
N GLY D 117 28.85 -50.90 14.70
CA GLY D 117 29.07 -52.16 15.39
C GLY D 117 30.39 -52.81 15.03
N GLY D 118 30.69 -52.86 13.73
CA GLY D 118 31.93 -53.44 13.25
C GLY D 118 31.75 -54.80 12.61
N ASP D 119 31.75 -54.85 11.29
CA ASP D 119 31.62 -56.10 10.55
C ASP D 119 32.32 -55.95 9.21
N GLU D 120 32.26 -57.01 8.42
CA GLU D 120 32.80 -56.97 7.06
C GLU D 120 31.70 -56.64 6.05
N ASP D 121 30.60 -57.38 6.10
CA ASP D 121 29.46 -57.04 5.26
C ASP D 121 28.97 -55.65 5.59
N VAL D 122 28.85 -54.81 4.57
CA VAL D 122 28.63 -53.38 4.80
C VAL D 122 27.15 -53.04 4.73
N LEU D 123 26.53 -53.17 3.56
CA LEU D 123 25.16 -52.72 3.46
C LEU D 123 24.53 -53.22 2.18
N LYS D 124 23.20 -53.10 2.12
CA LYS D 124 22.46 -53.22 0.87
C LYS D 124 21.81 -51.91 0.47
N ASP D 125 21.71 -50.95 1.38
CA ASP D 125 21.15 -49.63 1.10
C ASP D 125 19.76 -49.78 0.48
N GLY D 126 18.85 -50.28 1.31
CA GLY D 126 17.51 -50.63 0.91
C GLY D 126 17.04 -51.82 1.71
N SER D 127 17.96 -52.43 2.45
CA SER D 127 17.64 -53.49 3.40
C SER D 127 17.13 -52.85 4.69
N THR D 128 17.09 -53.64 5.77
CA THR D 128 16.72 -53.14 7.09
C THR D 128 17.93 -53.24 8.02
N ILE D 129 17.71 -52.94 9.28
CA ILE D 129 18.74 -53.10 10.32
C ILE D 129 18.29 -54.19 11.27
N HIS D 130 19.28 -54.89 11.82
CA HIS D 130 19.04 -56.01 12.73
C HIS D 130 18.72 -55.51 14.14
N ASP D 131 19.66 -54.83 14.78
CA ASP D 131 19.56 -54.48 16.19
C ASP D 131 19.64 -52.97 16.38
N THR D 132 19.13 -52.52 17.52
CA THR D 132 19.05 -51.09 17.85
C THR D 132 18.59 -50.96 19.31
N GLN D 133 18.51 -49.73 19.77
CA GLN D 133 17.94 -49.41 21.08
C GLN D 133 16.79 -48.44 20.88
N SER D 134 15.64 -48.76 21.48
CA SER D 134 14.45 -47.95 21.31
C SER D 134 14.64 -46.57 21.95
N ALA D 135 13.61 -45.75 21.83
CA ALA D 135 13.59 -44.44 22.44
C ALA D 135 12.90 -44.50 23.79
N LEU D 136 13.41 -43.72 24.74
CA LEU D 136 12.84 -43.66 26.07
C LEU D 136 11.50 -42.93 26.06
N VAL D 137 10.86 -42.90 27.22
CA VAL D 137 9.71 -42.03 27.45
C VAL D 137 9.50 -41.89 28.95
N LEU D 138 9.13 -40.68 29.37
CA LEU D 138 9.10 -40.33 30.78
C LEU D 138 8.25 -41.30 31.59
N GLU D 139 7.06 -41.62 31.10
CA GLU D 139 6.18 -42.51 31.85
C GLU D 139 6.84 -43.85 32.09
N ASP D 140 7.65 -44.31 31.14
CA ASP D 140 8.38 -45.55 31.35
C ASP D 140 9.40 -45.39 32.46
N LEU D 141 10.36 -44.47 32.28
CA LEU D 141 11.44 -44.31 33.24
C LEU D 141 10.91 -44.13 34.65
N ILE D 142 9.83 -43.38 34.80
CA ILE D 142 9.27 -43.19 36.14
C ILE D 142 8.44 -44.39 36.58
N GLY D 143 7.88 -45.15 35.65
CA GLY D 143 7.24 -46.40 36.01
C GLY D 143 8.27 -47.49 36.13
N LYS D 144 9.48 -47.20 35.64
CA LYS D 144 10.62 -48.07 35.77
C LYS D 144 11.15 -47.91 37.20
N PHE D 145 12.40 -48.30 37.48
CA PHE D 145 12.79 -48.52 38.86
C PHE D 145 12.80 -47.22 39.64
N LEU D 146 11.63 -46.62 39.80
CA LEU D 146 11.41 -45.51 40.70
C LEU D 146 10.20 -45.72 41.59
N LEU D 147 9.16 -46.39 41.11
CA LEU D 147 7.95 -46.62 41.90
C LEU D 147 7.55 -48.10 41.77
N ASN D 148 8.12 -48.93 42.63
CA ASN D 148 7.70 -50.33 42.70
C ASN D 148 7.72 -50.84 44.14
N SER D 149 7.80 -49.94 45.11
CA SER D 149 7.87 -50.32 46.51
C SER D 149 6.50 -50.69 47.05
N GLN E 2 -30.39 -4.22 -25.25
CA GLN E 2 -30.58 -4.55 -23.84
C GLN E 2 -29.33 -5.16 -23.23
N THR E 3 -28.17 -4.61 -23.58
CA THR E 3 -26.92 -5.12 -23.01
C THR E 3 -26.92 -5.00 -21.50
N ARG E 4 -27.61 -4.01 -20.95
CA ARG E 4 -27.66 -3.85 -19.50
C ARG E 4 -28.18 -5.11 -18.84
N THR E 5 -29.23 -5.70 -19.41
CA THR E 5 -29.78 -6.93 -18.85
C THR E 5 -28.75 -8.05 -18.87
N LEU E 6 -28.04 -8.20 -19.97
CA LEU E 6 -27.04 -9.23 -20.07
C LEU E 6 -25.94 -9.02 -19.03
N GLU E 7 -25.46 -7.79 -18.90
CA GLU E 7 -24.43 -7.50 -17.91
C GLU E 7 -24.91 -7.85 -16.51
N ILE E 8 -26.16 -7.47 -16.20
CA ILE E 8 -26.69 -7.76 -14.87
C ILE E 8 -26.74 -9.26 -14.64
N GLY E 9 -27.17 -10.00 -15.65
CA GLY E 9 -27.24 -11.45 -15.50
C GLY E 9 -25.88 -12.05 -15.23
N VAL E 10 -24.88 -11.67 -16.01
CA VAL E 10 -23.56 -12.26 -15.83
C VAL E 10 -22.97 -11.85 -14.49
N GLY E 11 -23.23 -10.61 -14.07
CA GLY E 11 -22.75 -10.18 -12.77
C GLY E 11 -23.40 -10.95 -11.65
N LEU E 12 -24.67 -11.29 -11.80
CA LEU E 12 -25.32 -12.11 -10.78
C LEU E 12 -24.73 -13.51 -10.77
N PHE E 13 -24.44 -14.06 -11.95
CA PHE E 13 -23.74 -15.34 -11.99
C PHE E 13 -22.42 -15.26 -11.24
N LEU E 14 -21.68 -14.17 -11.41
CA LEU E 14 -20.37 -14.10 -10.77
C LEU E 14 -20.49 -13.88 -9.27
N LEU E 15 -21.46 -13.07 -8.84
CA LEU E 15 -21.70 -12.95 -7.42
C LEU E 15 -22.11 -14.29 -6.81
N ALA E 16 -22.85 -15.10 -7.57
CA ALA E 16 -23.15 -16.45 -7.12
C ALA E 16 -21.88 -17.27 -6.99
N GLY E 17 -21.02 -17.21 -7.99
CA GLY E 17 -19.76 -17.92 -7.91
C GLY E 17 -18.92 -17.50 -6.73
N LEU E 18 -18.97 -16.22 -6.37
CA LEU E 18 -18.22 -15.73 -5.23
C LEU E 18 -18.85 -16.19 -3.92
N LEU E 19 -20.18 -16.22 -3.86
CA LEU E 19 -20.86 -16.73 -2.68
C LEU E 19 -20.71 -18.24 -2.54
N ALA E 20 -20.39 -18.93 -3.61
CA ALA E 20 -20.08 -20.35 -3.56
C ALA E 20 -18.76 -20.63 -2.90
N LEU E 21 -18.14 -19.62 -2.30
CA LEU E 21 -16.87 -19.77 -1.60
C LEU E 21 -16.97 -19.31 -0.15
N LEU E 22 -18.01 -19.70 0.57
CA LEU E 22 -18.25 -19.25 1.94
C LEU E 22 -17.14 -19.69 2.90
N LEU E 23 -16.80 -20.98 2.85
CA LEU E 23 -15.80 -21.58 3.74
C LEU E 23 -16.23 -21.47 5.20
N LEU E 24 -17.50 -21.78 5.44
CA LEU E 24 -18.01 -22.04 6.78
C LEU E 24 -18.71 -23.39 6.69
N ALA E 25 -17.92 -24.46 6.86
CA ALA E 25 -18.38 -25.83 6.68
C ALA E 25 -18.90 -26.06 5.26
N LEU E 26 -17.99 -25.91 4.29
CA LEU E 26 -18.28 -26.30 2.91
C LEU E 26 -18.17 -27.81 2.73
N ARG E 27 -17.05 -28.38 3.15
CA ARG E 27 -16.69 -29.76 2.87
C ARG E 27 -16.53 -30.56 4.16
N VAL E 28 -17.51 -30.46 5.06
CA VAL E 28 -17.39 -30.90 6.45
C VAL E 28 -16.69 -32.25 6.53
N SER E 29 -15.58 -32.29 7.27
CA SER E 29 -14.72 -33.46 7.35
C SER E 29 -13.68 -33.21 8.44
N GLY E 30 -12.71 -34.11 8.54
CA GLY E 30 -11.54 -33.90 9.37
C GLY E 30 -10.29 -33.97 8.52
N LEU E 31 -10.48 -34.22 7.23
CA LEU E 31 -9.38 -34.40 6.28
C LEU E 31 -9.93 -34.04 4.90
N SER E 32 -9.19 -34.39 3.85
CA SER E 32 -9.63 -34.12 2.49
C SER E 32 -10.77 -35.06 2.07
N VAL E 33 -11.33 -34.78 0.89
CA VAL E 33 -12.42 -35.59 0.35
C VAL E 33 -11.92 -36.87 -0.32
N GLY E 34 -10.66 -36.92 -0.72
CA GLY E 34 -10.10 -38.15 -1.27
C GLY E 34 -9.87 -39.21 -0.22
N ASN E 35 -9.52 -38.79 0.99
CA ASN E 35 -9.29 -39.71 2.10
C ASN E 35 -10.61 -40.04 2.79
N ALA E 36 -10.94 -41.33 2.87
CA ALA E 36 -12.23 -41.81 3.33
C ALA E 36 -12.60 -41.30 4.72
N GLY E 37 -11.60 -41.09 5.58
CA GLY E 37 -11.87 -40.64 6.92
C GLY E 37 -12.65 -41.61 7.78
N ASP E 38 -12.77 -42.87 7.35
CA ASP E 38 -13.42 -43.89 8.15
C ASP E 38 -12.48 -44.34 9.24
N THR E 39 -12.81 -43.99 10.48
CA THR E 39 -11.99 -44.35 11.64
C THR E 39 -12.95 -44.86 12.71
N TYR E 40 -12.76 -46.10 13.12
CA TYR E 40 -13.72 -46.68 14.04
C TYR E 40 -13.52 -46.15 15.44
N LYS E 41 -14.59 -46.20 16.24
CA LYS E 41 -14.57 -45.61 17.56
C LYS E 41 -13.87 -46.53 18.56
N VAL E 42 -13.57 -45.97 19.72
CA VAL E 42 -13.23 -46.74 20.90
C VAL E 42 -13.37 -45.83 22.10
N TYR E 43 -13.64 -46.42 23.26
CA TYR E 43 -13.66 -45.71 24.52
C TYR E 43 -12.48 -46.17 25.37
N ALA E 44 -12.28 -45.46 26.48
CA ALA E 44 -11.26 -45.84 27.43
C ALA E 44 -11.60 -45.21 28.77
N TYR E 45 -11.33 -45.97 29.85
CA TYR E 45 -11.64 -45.56 31.21
C TYR E 45 -10.35 -45.23 31.93
N PHE E 46 -10.13 -43.95 32.20
CA PHE E 46 -8.96 -43.47 32.94
C PHE E 46 -9.42 -42.81 34.24
N ASP E 47 -8.44 -42.44 35.06
CA ASP E 47 -8.71 -41.73 36.29
C ASP E 47 -8.18 -40.31 36.29
N ASN E 48 -7.35 -39.94 35.32
CA ASN E 48 -6.92 -38.56 35.17
C ASN E 48 -6.31 -38.38 33.80
N ILE E 49 -6.85 -37.45 33.02
CA ILE E 49 -6.41 -37.23 31.65
C ILE E 49 -5.99 -35.78 31.49
N ALA E 50 -5.42 -35.20 32.55
CA ALA E 50 -5.23 -33.75 32.69
C ALA E 50 -4.75 -33.06 31.42
N GLY E 51 -3.94 -33.74 30.61
CA GLY E 51 -3.42 -33.11 29.43
C GLY E 51 -3.72 -33.87 28.15
N VAL E 52 -4.92 -34.43 28.08
CA VAL E 52 -5.31 -35.27 26.94
C VAL E 52 -6.38 -34.54 26.15
N THR E 53 -6.26 -33.22 26.10
CA THR E 53 -7.21 -32.37 25.39
C THR E 53 -7.52 -32.89 23.99
N VAL E 54 -8.70 -32.55 23.48
CA VAL E 54 -9.13 -32.96 22.15
C VAL E 54 -8.09 -32.52 21.12
N ARG E 55 -8.06 -33.24 20.00
CA ARG E 55 -7.12 -33.05 18.90
C ARG E 55 -5.73 -33.57 19.24
N GLY E 56 -5.62 -34.38 20.29
CA GLY E 56 -4.37 -35.02 20.61
C GLY E 56 -3.99 -36.06 19.57
N LYS E 57 -3.09 -36.95 19.96
CA LYS E 57 -2.59 -38.00 19.09
C LYS E 57 -2.56 -39.31 19.85
N VAL E 58 -3.44 -40.22 19.51
CA VAL E 58 -3.34 -41.56 20.07
C VAL E 58 -2.38 -42.35 19.19
N THR E 59 -1.48 -43.08 19.84
CA THR E 59 -0.43 -43.76 19.11
C THR E 59 -0.21 -45.17 19.66
N LEU E 60 0.70 -45.87 19.01
CA LEU E 60 1.09 -47.23 19.38
C LEU E 60 2.52 -47.41 18.94
N ALA E 61 3.41 -47.70 19.88
CA ALA E 61 4.84 -47.86 19.62
C ALA E 61 5.42 -46.60 18.97
N GLY E 62 4.79 -45.46 19.16
CA GLY E 62 5.33 -44.21 18.67
C GLY E 62 4.60 -43.62 17.48
N VAL E 63 4.22 -44.46 16.53
CA VAL E 63 3.54 -43.96 15.33
C VAL E 63 2.09 -43.64 15.69
N THR E 64 1.60 -42.51 15.17
CA THR E 64 0.24 -42.11 15.47
C THR E 64 -0.76 -43.11 14.91
N ILE E 65 -1.82 -43.34 15.68
CA ILE E 65 -2.87 -44.27 15.26
C ILE E 65 -4.13 -43.47 15.05
N GLY E 66 -4.16 -42.27 15.59
CA GLY E 66 -5.29 -41.40 15.35
C GLY E 66 -5.26 -40.21 16.28
N LYS E 67 -6.46 -39.69 16.58
CA LYS E 67 -6.61 -38.57 17.47
C LYS E 67 -7.77 -38.82 18.42
N VAL E 68 -7.68 -38.18 19.59
CA VAL E 68 -8.79 -38.16 20.52
C VAL E 68 -9.94 -37.38 19.92
N THR E 69 -11.16 -37.86 20.15
CA THR E 69 -12.36 -37.18 19.73
C THR E 69 -12.99 -36.37 20.84
N ALA E 70 -13.20 -36.98 22.01
CA ALA E 70 -13.87 -36.26 23.07
C ALA E 70 -13.51 -36.89 24.41
N VAL E 71 -13.69 -36.10 25.46
CA VAL E 71 -13.42 -36.53 26.83
C VAL E 71 -14.67 -36.29 27.64
N ASP E 72 -14.92 -37.15 28.61
CA ASP E 72 -16.16 -37.10 29.36
C ASP E 72 -15.90 -37.51 30.80
N LEU E 73 -16.74 -37.01 31.69
CA LEU E 73 -16.75 -37.43 33.09
C LEU E 73 -17.99 -38.27 33.30
N ASP E 74 -17.82 -39.59 33.39
CA ASP E 74 -18.96 -40.46 33.63
C ASP E 74 -19.46 -40.26 35.06
N ARG E 75 -20.68 -39.72 35.17
CA ARG E 75 -21.18 -39.25 36.46
C ARG E 75 -21.38 -40.37 37.48
N ASP E 76 -21.27 -41.62 37.07
CA ASP E 76 -21.46 -42.73 38.01
C ASP E 76 -20.21 -42.96 38.84
N SER E 77 -19.08 -43.20 38.18
CA SER E 77 -17.83 -43.49 38.87
C SER E 77 -16.92 -42.28 38.94
N TYR E 78 -17.34 -41.15 38.38
CA TYR E 78 -16.54 -39.91 38.37
C TYR E 78 -15.16 -40.12 37.79
N THR E 79 -14.98 -41.12 36.93
CA THR E 79 -13.72 -41.31 36.25
C THR E 79 -13.76 -40.57 34.91
N GLY E 80 -12.66 -40.64 34.18
CA GLY E 80 -12.61 -40.09 32.83
C GLY E 80 -12.92 -41.18 31.82
N ARG E 81 -13.74 -40.85 30.85
CA ARG E 81 -13.96 -41.71 29.70
C ARG E 81 -13.58 -40.92 28.47
N VAL E 82 -12.55 -41.36 27.79
CA VAL E 82 -12.12 -40.74 26.54
C VAL E 82 -12.65 -41.58 25.39
N THR E 83 -13.26 -40.92 24.42
CA THR E 83 -13.65 -41.54 23.17
C THR E 83 -12.75 -41.04 22.05
N MET E 84 -12.13 -41.97 21.34
CA MET E 84 -11.18 -41.63 20.30
C MET E 84 -11.40 -42.54 19.10
N GLU E 85 -10.62 -42.31 18.05
CA GLU E 85 -10.80 -43.02 16.79
C GLU E 85 -9.53 -43.78 16.41
N ILE E 86 -9.72 -44.74 15.51
CA ILE E 86 -8.64 -45.59 15.02
C ILE E 86 -8.78 -45.74 13.52
N ASN E 87 -7.68 -45.50 12.79
CA ASN E 87 -7.65 -45.82 11.38
C ASN E 87 -7.95 -47.30 11.17
N GLN E 88 -8.70 -47.60 10.11
CA GLN E 88 -9.22 -48.96 9.93
C GLN E 88 -8.10 -49.95 9.65
N ASN E 89 -7.06 -49.53 8.95
CA ASN E 89 -5.91 -50.40 8.74
C ASN E 89 -5.37 -50.91 10.07
N VAL E 90 -5.50 -50.10 11.13
CA VAL E 90 -5.20 -50.57 12.48
C VAL E 90 -6.46 -51.24 13.00
N ASN E 91 -6.49 -52.57 12.94
CA ASN E 91 -7.67 -53.32 13.33
C ASN E 91 -7.29 -54.58 14.10
N ASN E 92 -6.13 -54.56 14.75
CA ASN E 92 -5.48 -55.77 15.22
C ASN E 92 -5.02 -55.60 16.65
N LEU E 93 -5.82 -54.91 17.46
CA LEU E 93 -5.45 -54.65 18.84
C LEU E 93 -6.21 -55.59 19.76
N PRO E 94 -5.55 -56.52 20.44
CA PRO E 94 -6.28 -57.38 21.38
C PRO E 94 -6.92 -56.57 22.50
N VAL E 95 -7.81 -57.22 23.24
CA VAL E 95 -8.60 -56.52 24.24
C VAL E 95 -7.82 -56.38 25.54
N ASP E 96 -6.93 -57.32 25.83
CA ASP E 96 -6.15 -57.27 27.06
C ASP E 96 -5.06 -56.21 27.01
N SER E 97 -4.88 -55.55 25.87
CA SER E 97 -3.91 -54.48 25.77
C SER E 97 -4.32 -53.28 26.60
N THR E 98 -3.34 -52.47 26.99
CA THR E 98 -3.60 -51.31 27.82
C THR E 98 -3.37 -50.03 27.04
N ALA E 99 -3.93 -48.94 27.55
CA ALA E 99 -3.66 -47.61 27.04
C ALA E 99 -3.26 -46.72 28.20
N SER E 100 -2.37 -45.77 27.92
CA SER E 100 -1.91 -44.89 28.98
C SER E 100 -1.38 -43.61 28.37
N ILE E 101 -1.55 -42.52 29.10
CA ILE E 101 -1.11 -41.21 28.64
C ILE E 101 0.40 -41.15 28.72
N LEU E 102 1.03 -40.66 27.66
CA LEU E 102 2.45 -40.43 27.67
C LEU E 102 2.72 -38.93 27.58
N THR E 103 4.00 -38.59 27.50
CA THR E 103 4.41 -37.21 27.36
C THR E 103 5.49 -37.13 26.29
N ALA E 104 5.22 -36.39 25.22
CA ALA E 104 6.19 -36.22 24.17
C ALA E 104 7.44 -35.55 24.71
N GLY E 105 8.54 -36.28 24.77
CA GLY E 105 9.75 -35.74 25.34
C GLY E 105 9.59 -35.38 26.80
N LEU E 106 9.66 -34.10 27.12
CA LEU E 106 9.49 -33.64 28.49
C LEU E 106 8.32 -32.70 28.67
N LEU E 107 8.18 -31.69 27.81
CA LEU E 107 7.05 -30.79 27.87
C LEU E 107 6.20 -30.87 26.60
N GLY E 108 6.09 -32.06 26.02
CA GLY E 108 5.19 -32.27 24.92
C GLY E 108 3.80 -32.59 25.42
N GLU E 109 2.80 -32.25 24.61
CA GLU E 109 1.42 -32.45 25.00
C GLU E 109 1.19 -33.90 25.40
N LYS E 110 0.40 -34.09 26.46
CA LYS E 110 0.22 -35.43 26.99
C LYS E 110 -0.64 -36.24 26.03
N TYR E 111 0.00 -36.91 25.10
CA TYR E 111 -0.71 -37.80 24.19
C TYR E 111 -0.94 -39.13 24.90
N ILE E 112 -1.72 -39.99 24.26
CA ILE E 112 -1.98 -41.34 24.76
C ILE E 112 -1.33 -42.35 23.83
N GLY E 113 -0.57 -43.26 24.40
CA GLY E 113 -0.11 -44.42 23.69
C GLY E 113 -0.87 -45.65 24.13
N ILE E 114 -0.73 -46.70 23.33
CA ILE E 114 -1.28 -48.00 23.64
C ILE E 114 -0.12 -48.98 23.74
N SER E 115 -0.23 -49.94 24.64
CA SER E 115 0.66 -51.10 24.67
C SER E 115 -0.17 -52.31 24.33
N VAL E 116 0.18 -52.97 23.23
CA VAL E 116 -0.50 -54.19 22.83
C VAL E 116 -0.20 -55.29 23.84
N GLY E 117 -1.25 -55.94 24.33
CA GLY E 117 -1.08 -57.09 25.19
C GLY E 117 -1.02 -58.34 24.35
N GLY E 118 -1.89 -59.30 24.62
CA GLY E 118 -2.07 -60.41 23.72
C GLY E 118 -3.34 -61.18 24.00
N ASP E 119 -4.18 -61.32 22.97
CA ASP E 119 -5.43 -62.06 23.07
C ASP E 119 -5.98 -62.23 21.66
N GLU E 120 -6.46 -63.43 21.34
CA GLU E 120 -6.86 -63.73 19.97
C GLU E 120 -7.96 -62.78 19.50
N ASP E 121 -9.04 -62.67 20.27
CA ASP E 121 -10.06 -61.67 19.95
C ASP E 121 -9.42 -60.29 20.00
N VAL E 122 -9.85 -59.41 19.09
CA VAL E 122 -9.12 -58.16 18.90
C VAL E 122 -9.98 -56.96 19.27
N LEU E 123 -11.02 -56.69 18.49
CA LEU E 123 -11.69 -55.40 18.63
C LEU E 123 -13.10 -55.47 18.08
N LYS E 124 -14.03 -54.90 18.82
CA LYS E 124 -15.26 -54.40 18.24
C LYS E 124 -15.05 -53.06 17.57
N ASP E 125 -14.00 -52.33 17.96
CA ASP E 125 -13.63 -51.07 17.33
C ASP E 125 -14.81 -50.10 17.36
N GLY E 126 -15.10 -49.69 18.60
CA GLY E 126 -16.34 -49.05 18.98
C GLY E 126 -16.68 -49.49 20.39
N SER E 127 -15.84 -50.37 20.93
CA SER E 127 -15.93 -50.81 22.30
C SER E 127 -15.10 -49.87 23.19
N THR E 128 -14.82 -50.29 24.42
CA THR E 128 -13.97 -49.56 25.35
C THR E 128 -12.73 -50.40 25.67
N ILE E 129 -11.92 -49.87 26.57
CA ILE E 129 -10.81 -50.62 27.13
C ILE E 129 -11.17 -51.05 28.53
N HIS E 130 -10.37 -51.96 29.09
CA HIS E 130 -10.59 -52.50 30.41
C HIS E 130 -9.60 -51.96 31.43
N ASP E 131 -8.30 -52.09 31.16
CA ASP E 131 -7.25 -51.67 32.08
C ASP E 131 -6.42 -50.56 31.45
N THR E 132 -5.72 -49.82 32.31
CA THR E 132 -4.95 -48.68 31.86
C THR E 132 -3.97 -48.27 32.93
N GLN E 133 -3.23 -47.21 32.65
CA GLN E 133 -2.43 -46.50 33.65
C GLN E 133 -2.65 -45.02 33.42
N SER E 134 -3.28 -44.35 34.39
CA SER E 134 -3.62 -42.95 34.24
C SER E 134 -2.36 -42.10 34.09
N ALA E 135 -2.57 -40.87 33.66
CA ALA E 135 -1.46 -39.95 33.46
C ALA E 135 -0.79 -39.62 34.79
N LEU E 136 0.53 -39.55 34.77
CA LEU E 136 1.25 -39.16 35.97
C LEU E 136 1.02 -37.68 36.24
N VAL E 137 0.91 -37.33 37.51
CA VAL E 137 0.71 -35.95 37.93
C VAL E 137 1.84 -35.54 38.85
N LEU E 138 2.27 -34.29 38.72
CA LEU E 138 3.38 -33.76 39.49
C LEU E 138 3.01 -33.47 40.92
N GLU E 139 1.77 -33.76 41.31
CA GLU E 139 1.36 -33.52 42.68
C GLU E 139 1.33 -34.80 43.50
N ASP E 140 0.51 -35.78 43.11
CA ASP E 140 0.44 -37.01 43.87
C ASP E 140 1.76 -37.75 43.86
N LEU E 141 2.50 -37.64 42.76
CA LEU E 141 3.85 -38.20 42.73
C LEU E 141 4.72 -37.60 43.83
N ILE E 142 4.86 -36.27 43.81
CA ILE E 142 5.70 -35.62 44.81
C ILE E 142 5.11 -35.82 46.20
N GLY E 143 3.77 -35.81 46.29
CA GLY E 143 3.13 -35.95 47.59
C GLY E 143 3.45 -37.28 48.24
N LYS E 144 3.38 -38.36 47.46
CA LYS E 144 3.62 -39.67 48.04
C LYS E 144 5.10 -40.02 48.10
N PHE E 145 5.95 -39.41 47.27
CA PHE E 145 7.37 -39.72 47.35
C PHE E 145 8.06 -38.87 48.41
N LEU E 146 8.09 -37.55 48.22
CA LEU E 146 8.55 -36.70 49.30
C LEU E 146 7.67 -35.45 49.39
N LEU E 147 6.51 -35.62 50.01
CA LEU E 147 5.85 -34.51 50.70
C LEU E 147 5.35 -35.01 52.04
N ASN E 148 4.86 -36.25 52.06
CA ASN E 148 4.16 -36.81 53.20
C ASN E 148 4.72 -38.16 53.64
N SER E 149 5.68 -38.70 52.92
CA SER E 149 6.25 -40.01 53.23
C SER E 149 7.61 -39.87 53.90
N VAL E 150 7.79 -38.81 54.68
CA VAL E 150 9.04 -38.56 55.38
C VAL E 150 8.78 -38.13 56.82
N THR F 3 -39.90 -0.70 -15.53
CA THR F 3 -40.17 -0.85 -14.11
C THR F 3 -38.96 -0.43 -13.28
N ARG F 4 -38.29 0.62 -13.74
CA ARG F 4 -37.05 1.05 -13.10
C ARG F 4 -37.29 1.65 -11.73
N THR F 5 -38.40 2.36 -11.54
CA THR F 5 -38.78 2.77 -10.20
C THR F 5 -39.24 1.57 -9.39
N LEU F 6 -39.89 0.61 -10.05
CA LEU F 6 -40.36 -0.64 -9.45
C LEU F 6 -39.24 -1.55 -9.08
N GLU F 7 -38.00 -1.08 -9.25
CA GLU F 7 -36.82 -1.79 -8.81
C GLU F 7 -36.09 -1.08 -7.68
N ILE F 8 -36.65 0.03 -7.18
CA ILE F 8 -36.14 0.65 -5.96
C ILE F 8 -35.93 -0.40 -4.88
N GLY F 9 -36.73 -1.47 -4.92
CA GLY F 9 -36.60 -2.57 -3.98
C GLY F 9 -35.19 -3.05 -3.76
N VAL F 10 -34.34 -2.99 -4.79
CA VAL F 10 -32.94 -3.42 -4.60
C VAL F 10 -32.33 -2.67 -3.43
N GLY F 11 -32.42 -1.33 -3.44
CA GLY F 11 -31.99 -0.55 -2.29
C GLY F 11 -32.60 -1.06 -1.01
N LEU F 12 -33.91 -1.27 -1.00
CA LEU F 12 -34.56 -1.90 0.15
C LEU F 12 -33.81 -3.15 0.56
N PHE F 13 -33.66 -4.11 -0.38
CA PHE F 13 -32.89 -5.31 -0.09
C PHE F 13 -31.58 -4.95 0.61
N LEU F 14 -30.79 -4.06 0.00
CA LEU F 14 -29.48 -3.73 0.53
C LEU F 14 -29.61 -3.19 1.94
N LEU F 15 -30.56 -2.29 2.18
CA LEU F 15 -30.81 -1.83 3.53
C LEU F 15 -31.17 -3.00 4.42
N ALA F 16 -32.15 -3.80 3.99
CA ALA F 16 -32.49 -5.00 4.72
C ALA F 16 -31.34 -5.99 4.73
N GLY F 17 -30.37 -5.84 3.84
CA GLY F 17 -29.20 -6.68 3.87
C GLY F 17 -28.14 -6.12 4.78
N LEU F 18 -28.13 -4.80 4.94
CA LEU F 18 -27.12 -4.15 5.77
C LEU F 18 -27.52 -4.15 7.24
N LEU F 19 -28.65 -3.52 7.56
CA LEU F 19 -29.09 -3.49 8.95
C LEU F 19 -29.23 -4.89 9.51
N ALA F 20 -29.48 -5.88 8.65
CA ALA F 20 -29.42 -7.27 9.08
C ALA F 20 -28.04 -7.60 9.62
N LEU F 21 -27.02 -7.50 8.77
CA LEU F 21 -25.65 -7.83 9.18
C LEU F 21 -25.27 -7.13 10.46
N LEU F 22 -25.65 -5.86 10.61
CA LEU F 22 -25.38 -5.14 11.84
C LEU F 22 -25.88 -5.92 13.05
N LEU F 23 -27.18 -6.25 13.05
CA LEU F 23 -27.73 -7.03 14.17
C LEU F 23 -27.01 -8.35 14.33
N LEU F 24 -26.50 -8.91 13.23
CA LEU F 24 -25.73 -10.15 13.35
C LEU F 24 -24.33 -9.88 13.89
N ALA F 25 -23.75 -8.74 13.52
CA ALA F 25 -22.51 -8.36 14.18
C ALA F 25 -22.76 -8.04 15.65
N LEU F 26 -23.98 -7.68 16.00
CA LEU F 26 -24.35 -7.36 17.37
C LEU F 26 -24.96 -8.54 18.12
N ARG F 27 -25.05 -9.70 17.50
CA ARG F 27 -25.52 -10.90 18.18
C ARG F 27 -24.38 -11.67 18.81
N VAL F 28 -23.33 -10.95 19.25
CA VAL F 28 -22.18 -11.59 19.90
C VAL F 28 -22.62 -12.49 21.03
N SER F 29 -23.69 -12.15 21.73
CA SER F 29 -24.26 -13.06 22.72
C SER F 29 -24.84 -14.30 22.06
N GLY F 30 -25.50 -14.14 20.92
CA GLY F 30 -25.95 -15.29 20.16
C GLY F 30 -27.04 -16.09 20.83
N LEU F 31 -28.26 -15.54 20.88
CA LEU F 31 -29.35 -16.23 21.58
C LEU F 31 -29.75 -17.48 20.79
N SER F 32 -28.81 -18.42 20.71
CA SER F 32 -28.96 -19.71 20.06
C SER F 32 -28.35 -20.73 21.03
N VAL F 33 -28.85 -20.70 22.28
CA VAL F 33 -28.12 -21.01 23.49
C VAL F 33 -27.13 -22.17 23.34
N GLY F 34 -25.89 -21.92 23.73
CA GLY F 34 -24.84 -22.93 23.77
C GLY F 34 -24.04 -22.79 25.05
N ASN F 35 -24.44 -21.86 25.90
CA ASN F 35 -23.82 -21.66 27.20
C ASN F 35 -24.34 -22.73 28.16
N ALA F 36 -24.03 -22.59 29.44
CA ALA F 36 -24.47 -23.54 30.45
C ALA F 36 -25.45 -22.93 31.46
N GLY F 37 -25.90 -21.71 31.23
CA GLY F 37 -26.89 -21.10 32.10
C GLY F 37 -26.43 -20.88 33.52
N ASP F 38 -25.16 -20.48 33.71
CA ASP F 38 -24.62 -20.11 35.03
C ASP F 38 -24.75 -21.27 36.02
N THR F 39 -24.03 -22.34 35.73
CA THR F 39 -24.05 -23.51 36.59
C THR F 39 -23.42 -23.18 37.95
N TYR F 40 -23.49 -24.11 38.89
CA TYR F 40 -23.56 -23.73 40.30
C TYR F 40 -22.20 -23.41 40.91
N LYS F 41 -22.19 -22.43 41.82
CA LYS F 41 -20.98 -21.93 42.47
C LYS F 41 -20.56 -22.84 43.63
N VAL F 42 -19.25 -22.84 43.90
CA VAL F 42 -18.69 -23.59 45.01
C VAL F 42 -17.52 -22.79 45.55
N TYR F 43 -17.34 -22.84 46.86
CA TYR F 43 -16.22 -22.17 47.51
C TYR F 43 -15.18 -23.18 47.97
N ALA F 44 -13.98 -22.68 48.25
CA ALA F 44 -12.93 -23.49 48.81
C ALA F 44 -11.90 -22.57 49.47
N TYR F 45 -11.26 -23.08 50.52
CA TYR F 45 -10.26 -22.33 51.26
C TYR F 45 -8.92 -23.02 51.12
N PHE F 46 -7.92 -22.28 50.67
CA PHE F 46 -6.54 -22.75 50.60
C PHE F 46 -5.65 -21.86 51.44
N ASP F 47 -4.47 -22.36 51.75
CA ASP F 47 -3.46 -21.54 52.40
C ASP F 47 -2.56 -20.84 51.40
N ASN F 48 -2.48 -21.35 50.17
CA ASN F 48 -1.68 -20.72 49.14
C ASN F 48 -2.23 -21.10 47.78
N ILE F 49 -2.44 -20.12 46.93
CA ILE F 49 -3.00 -20.34 45.61
C ILE F 49 -2.12 -19.68 44.56
N ALA F 50 -0.82 -19.59 44.85
CA ALA F 50 0.10 -18.73 44.12
C ALA F 50 -0.14 -18.73 42.63
N GLY F 51 -0.08 -19.90 42.01
CA GLY F 51 -0.25 -19.93 40.58
C GLY F 51 -1.67 -19.83 40.09
N VAL F 52 -2.66 -20.00 40.98
CA VAL F 52 -4.05 -20.03 40.55
C VAL F 52 -4.41 -18.62 40.10
N THR F 53 -4.63 -18.45 38.81
CA THR F 53 -5.08 -17.17 38.29
C THR F 53 -6.60 -17.17 38.16
N VAL F 54 -7.16 -15.96 38.12
CA VAL F 54 -8.60 -15.83 37.99
C VAL F 54 -9.05 -16.50 36.70
N ARG F 55 -10.17 -17.21 36.78
CA ARG F 55 -10.80 -17.81 35.61
C ARG F 55 -9.90 -18.83 34.93
N GLY F 56 -9.13 -19.56 35.72
CA GLY F 56 -8.43 -20.72 35.20
C GLY F 56 -9.42 -21.83 34.96
N LYS F 57 -9.00 -23.07 35.17
CA LYS F 57 -9.84 -24.22 34.89
C LYS F 57 -9.91 -25.12 36.11
N VAL F 58 -11.10 -25.63 36.40
CA VAL F 58 -11.29 -26.64 37.45
C VAL F 58 -11.67 -27.95 36.78
N THR F 59 -11.02 -29.03 37.20
CA THR F 59 -11.21 -30.32 36.57
C THR F 59 -11.30 -31.40 37.64
N LEU F 60 -11.72 -32.57 37.18
CA LEU F 60 -11.73 -33.78 37.98
C LEU F 60 -11.47 -34.94 37.05
N ALA F 61 -10.67 -35.90 37.50
CA ALA F 61 -10.28 -37.04 36.69
C ALA F 61 -9.73 -36.59 35.34
N GLY F 62 -9.13 -35.41 35.30
CA GLY F 62 -8.59 -34.85 34.08
C GLY F 62 -9.59 -34.12 33.21
N VAL F 63 -10.86 -34.47 33.27
CA VAL F 63 -11.88 -33.80 32.47
C VAL F 63 -12.21 -32.47 33.12
N THR F 64 -12.16 -31.41 32.33
CA THR F 64 -12.49 -30.09 32.84
C THR F 64 -13.91 -30.07 33.38
N ILE F 65 -14.05 -29.67 34.65
CA ILE F 65 -15.37 -29.55 35.23
C ILE F 65 -15.98 -28.20 34.91
N GLY F 66 -15.16 -27.15 34.94
CA GLY F 66 -15.64 -25.81 34.67
C GLY F 66 -14.53 -24.81 34.86
N LYS F 67 -14.87 -23.61 35.30
CA LYS F 67 -13.89 -22.56 35.49
C LYS F 67 -13.98 -22.02 36.91
N VAL F 68 -12.84 -21.59 37.44
CA VAL F 68 -12.86 -20.84 38.69
C VAL F 68 -13.38 -19.45 38.41
N THR F 69 -14.41 -19.04 39.15
CA THR F 69 -15.02 -17.75 38.87
C THR F 69 -14.18 -16.61 39.43
N ALA F 70 -13.72 -16.74 40.66
CA ALA F 70 -12.93 -15.68 41.28
C ALA F 70 -12.12 -16.24 42.43
N VAL F 71 -11.20 -15.41 42.90
CA VAL F 71 -10.37 -15.73 44.06
C VAL F 71 -10.33 -14.50 44.96
N ASP F 72 -10.23 -14.74 46.27
CA ASP F 72 -10.25 -13.67 47.23
C ASP F 72 -9.43 -14.10 48.45
N LEU F 73 -9.25 -13.17 49.37
CA LEU F 73 -8.55 -13.46 50.62
C LEU F 73 -9.43 -13.02 51.78
N ASP F 74 -9.58 -13.91 52.76
CA ASP F 74 -10.20 -13.53 54.02
C ASP F 74 -9.07 -13.25 55.01
N ARG F 75 -8.98 -11.98 55.43
CA ARG F 75 -7.90 -11.54 56.30
C ARG F 75 -8.07 -12.05 57.72
N ASP F 76 -9.30 -12.39 58.12
CA ASP F 76 -9.52 -12.98 59.43
C ASP F 76 -8.78 -14.30 59.55
N SER F 77 -8.95 -15.17 58.57
CA SER F 77 -8.19 -16.42 58.50
C SER F 77 -6.93 -16.28 57.66
N TYR F 78 -6.78 -15.17 56.94
CA TYR F 78 -5.61 -14.93 56.09
C TYR F 78 -5.50 -15.97 54.99
N THR F 79 -6.64 -16.45 54.51
CA THR F 79 -6.64 -17.59 53.59
C THR F 79 -7.21 -17.17 52.23
N GLY F 80 -7.05 -18.06 51.25
CA GLY F 80 -7.55 -17.80 49.91
C GLY F 80 -8.85 -18.53 49.68
N ARG F 81 -9.91 -17.75 49.52
CA ARG F 81 -11.25 -18.27 49.24
C ARG F 81 -11.47 -18.18 47.74
N VAL F 82 -11.46 -19.32 47.09
CA VAL F 82 -11.68 -19.42 45.65
C VAL F 82 -13.12 -19.87 45.42
N THR F 83 -13.68 -19.44 44.30
CA THR F 83 -15.05 -19.72 43.94
C THR F 83 -15.12 -20.10 42.48
N MET F 84 -15.76 -21.22 42.20
CA MET F 84 -15.80 -21.74 40.85
C MET F 84 -17.18 -22.27 40.51
N GLU F 85 -17.54 -22.15 39.24
CA GLU F 85 -18.76 -22.75 38.76
C GLU F 85 -18.50 -24.20 38.38
N ILE F 86 -19.55 -25.01 38.46
CA ILE F 86 -19.51 -26.42 38.14
C ILE F 86 -20.79 -26.77 37.40
N ASN F 87 -20.66 -27.50 36.30
CA ASN F 87 -21.81 -27.87 35.50
C ASN F 87 -22.82 -28.64 36.34
N GLN F 88 -24.09 -28.51 35.98
CA GLN F 88 -25.14 -29.13 36.78
C GLN F 88 -25.28 -30.61 36.46
N ASN F 89 -24.96 -31.02 35.23
CA ASN F 89 -25.06 -32.44 34.88
C ASN F 89 -24.18 -33.28 35.80
N VAL F 90 -23.02 -32.75 36.18
CA VAL F 90 -22.18 -33.37 37.19
C VAL F 90 -22.51 -32.68 38.52
N ASN F 91 -23.39 -33.30 39.28
CA ASN F 91 -23.77 -32.82 40.60
C ASN F 91 -23.55 -33.84 41.68
N ASN F 92 -23.16 -35.06 41.32
CA ASN F 92 -22.99 -36.18 42.23
C ASN F 92 -21.73 -36.08 43.04
N LEU F 93 -21.12 -34.91 43.09
CA LEU F 93 -19.94 -34.72 43.90
C LEU F 93 -20.30 -34.93 45.36
N PRO F 94 -19.50 -35.65 46.14
CA PRO F 94 -19.69 -35.65 47.59
C PRO F 94 -19.04 -34.44 48.24
N VAL F 95 -19.56 -34.08 49.42
CA VAL F 95 -19.12 -32.86 50.07
C VAL F 95 -17.68 -32.98 50.58
N ASP F 96 -17.31 -34.16 51.09
CA ASP F 96 -15.96 -34.34 51.60
C ASP F 96 -14.91 -34.32 50.50
N SER F 97 -15.31 -34.58 49.26
CA SER F 97 -14.40 -34.56 48.13
C SER F 97 -13.55 -33.31 48.13
N THR F 98 -12.24 -33.48 48.05
CA THR F 98 -11.33 -32.37 48.27
C THR F 98 -10.76 -31.85 46.96
N ALA F 99 -10.70 -30.53 46.84
CA ALA F 99 -10.14 -29.87 45.68
C ALA F 99 -8.75 -29.35 46.06
N SER F 100 -7.74 -29.76 45.29
CA SER F 100 -6.38 -29.38 45.56
C SER F 100 -5.75 -28.82 44.28
N ILE F 101 -4.84 -27.88 44.44
CA ILE F 101 -4.20 -27.24 43.30
C ILE F 101 -3.16 -28.19 42.74
N LEU F 102 -3.17 -28.34 41.43
CA LEU F 102 -2.26 -29.20 40.72
C LEU F 102 -1.57 -28.34 39.68
N THR F 103 -0.48 -28.83 39.12
CA THR F 103 0.19 -28.15 38.02
C THR F 103 0.32 -29.12 36.87
N ALA F 104 -0.16 -28.71 35.69
CA ALA F 104 -0.16 -29.60 34.54
C ALA F 104 1.26 -29.88 34.08
N GLY F 105 1.58 -31.15 33.88
CA GLY F 105 2.91 -31.52 33.42
C GLY F 105 3.94 -31.07 34.43
N LEU F 106 4.87 -30.23 33.99
CA LEU F 106 5.84 -29.61 34.89
C LEU F 106 5.79 -28.10 34.87
N LEU F 107 5.34 -27.49 33.79
CA LEU F 107 5.18 -26.05 33.73
C LEU F 107 3.78 -25.61 33.34
N GLY F 108 2.89 -26.54 33.01
CA GLY F 108 1.53 -26.18 32.70
C GLY F 108 0.88 -25.44 33.86
N GLU F 109 0.00 -24.50 33.51
CA GLU F 109 -0.49 -23.55 34.50
C GLU F 109 -1.30 -24.25 35.59
N LYS F 110 -1.23 -23.71 36.80
CA LYS F 110 -1.89 -24.31 37.93
C LYS F 110 -3.39 -24.39 37.70
N TYR F 111 -4.02 -25.38 38.33
CA TYR F 111 -5.42 -25.68 38.08
C TYR F 111 -5.92 -26.58 39.20
N ILE F 112 -7.14 -26.39 39.61
CA ILE F 112 -7.66 -27.11 40.76
C ILE F 112 -8.35 -28.38 40.32
N GLY F 113 -7.91 -29.50 40.87
CA GLY F 113 -8.54 -30.77 40.59
C GLY F 113 -9.14 -31.35 41.85
N ILE F 114 -10.29 -31.99 41.74
CA ILE F 114 -11.00 -32.48 42.90
C ILE F 114 -10.96 -34.00 42.90
N SER F 115 -10.80 -34.57 44.09
CA SER F 115 -10.86 -36.01 44.32
C SER F 115 -12.14 -36.31 45.07
N VAL F 116 -12.94 -37.22 44.51
CA VAL F 116 -14.22 -37.57 45.11
C VAL F 116 -13.99 -38.19 46.49
N GLY F 117 -14.95 -37.99 47.38
CA GLY F 117 -14.84 -38.50 48.73
C GLY F 117 -15.75 -39.68 49.03
N GLY F 118 -16.75 -39.90 48.17
CA GLY F 118 -17.63 -41.05 48.31
C GLY F 118 -18.32 -41.15 49.66
N ASP F 119 -18.62 -40.03 50.29
CA ASP F 119 -19.20 -40.02 51.62
C ASP F 119 -20.73 -40.14 51.59
N GLU F 120 -21.31 -40.37 50.42
CA GLU F 120 -22.74 -40.58 50.19
C GLU F 120 -23.55 -39.30 50.41
N ASP F 121 -22.93 -38.22 50.89
CA ASP F 121 -23.59 -36.93 50.95
C ASP F 121 -23.18 -36.16 49.70
N VAL F 122 -24.06 -36.16 48.69
CA VAL F 122 -23.76 -35.43 47.47
C VAL F 122 -23.53 -33.96 47.80
N LEU F 123 -22.75 -33.30 46.93
CA LEU F 123 -22.40 -31.91 47.17
C LEU F 123 -23.65 -31.06 47.36
N LYS F 124 -23.73 -30.40 48.52
CA LYS F 124 -24.88 -29.58 48.83
C LYS F 124 -25.05 -28.42 47.86
N ASP F 125 -24.14 -28.24 46.90
CA ASP F 125 -24.22 -27.15 45.95
C ASP F 125 -24.21 -25.81 46.68
N GLY F 126 -23.03 -25.48 47.20
CA GLY F 126 -22.82 -24.19 47.83
C GLY F 126 -21.87 -24.31 49.00
N SER F 127 -21.64 -25.55 49.44
CA SER F 127 -20.76 -25.78 50.58
C SER F 127 -19.32 -25.45 50.22
N THR F 128 -18.69 -24.63 51.06
CA THR F 128 -17.25 -24.47 50.96
C THR F 128 -16.56 -25.82 51.16
N ILE F 129 -15.40 -25.98 50.54
CA ILE F 129 -14.68 -27.23 50.67
C ILE F 129 -14.10 -27.35 52.07
N HIS F 130 -14.35 -28.50 52.69
CA HIS F 130 -13.93 -28.70 54.08
C HIS F 130 -12.42 -28.79 54.20
N ASP F 131 -11.78 -29.62 53.38
CA ASP F 131 -10.36 -29.87 53.50
C ASP F 131 -9.74 -29.89 52.12
N THR F 132 -8.44 -29.60 52.07
CA THR F 132 -7.73 -29.50 50.80
C THR F 132 -6.25 -29.71 51.02
N GLN F 133 -5.52 -29.74 49.91
CA GLN F 133 -4.07 -29.66 49.89
C GLN F 133 -3.68 -28.44 49.09
N SER F 134 -3.00 -27.49 49.74
CA SER F 134 -2.62 -26.26 49.07
C SER F 134 -1.65 -26.55 47.94
N ALA F 135 -1.36 -25.50 47.18
CA ALA F 135 -0.41 -25.63 46.07
C ALA F 135 1.00 -25.69 46.60
N LEU F 136 1.80 -26.59 46.04
CA LEU F 136 3.19 -26.66 46.40
C LEU F 136 3.92 -25.43 45.89
N VAL F 137 5.09 -25.17 46.47
CA VAL F 137 5.90 -24.03 46.11
C VAL F 137 7.35 -24.50 46.04
N LEU F 138 8.00 -24.24 44.90
CA LEU F 138 9.40 -24.58 44.74
C LEU F 138 10.21 -24.09 45.93
N GLU F 139 10.04 -22.81 46.28
CA GLU F 139 10.78 -22.26 47.41
C GLU F 139 10.48 -23.02 48.68
N ASP F 140 9.21 -23.42 48.87
CA ASP F 140 8.88 -24.22 50.03
C ASP F 140 9.68 -25.51 50.04
N LEU F 141 9.74 -26.20 48.89
CA LEU F 141 10.48 -27.44 48.81
C LEU F 141 11.94 -27.24 49.17
N ILE F 142 12.57 -26.25 48.54
CA ILE F 142 14.01 -26.10 48.70
C ILE F 142 14.33 -25.61 50.11
N GLY F 143 13.50 -24.75 50.68
CA GLY F 143 13.72 -24.27 52.02
C GLY F 143 13.36 -25.27 53.09
N LYS F 144 12.59 -26.29 52.74
CA LYS F 144 12.37 -27.39 53.65
C LYS F 144 13.54 -28.33 53.73
N PHE F 145 14.31 -28.48 52.65
CA PHE F 145 15.45 -29.40 52.64
C PHE F 145 16.68 -28.68 52.10
N LEU F 146 17.33 -27.93 52.98
CA LEU F 146 18.65 -27.38 52.71
C LEU F 146 19.47 -27.38 54.00
N LEU F 147 18.97 -28.02 55.06
CA LEU F 147 19.52 -27.88 56.39
C LEU F 147 19.59 -29.23 57.11
N SER G 5 -35.24 14.06 -1.34
CA SER G 5 -36.35 13.18 -1.04
C SER G 5 -35.86 11.82 -0.58
N PRO G 6 -36.38 11.33 0.55
CA PRO G 6 -35.87 10.05 1.08
C PRO G 6 -36.19 8.87 0.18
N LEU G 7 -37.41 8.81 -0.34
CA LEU G 7 -37.74 7.74 -1.27
C LEU G 7 -36.86 7.80 -2.51
N GLU G 8 -36.60 9.00 -3.03
CA GLU G 8 -35.73 9.11 -4.19
C GLU G 8 -34.27 8.95 -3.79
N ARG G 9 -33.94 9.25 -2.54
CA ARG G 9 -32.61 8.90 -2.03
C ARG G 9 -32.38 7.41 -2.10
N ILE G 10 -33.34 6.62 -1.64
CA ILE G 10 -33.22 5.17 -1.74
C ILE G 10 -33.26 4.73 -3.18
N ARG G 11 -34.00 5.46 -4.03
CA ARG G 11 -33.97 5.16 -5.45
C ARG G 11 -32.54 5.27 -5.98
N LEU G 12 -31.85 6.35 -5.62
CA LEU G 12 -30.47 6.53 -6.07
C LEU G 12 -29.57 5.44 -5.50
N PHE G 13 -29.79 5.09 -4.23
CA PHE G 13 -29.01 4.00 -3.64
C PHE G 13 -29.18 2.71 -4.43
N GLY G 14 -30.43 2.35 -4.74
CA GLY G 14 -30.66 1.16 -5.50
C GLY G 14 -30.12 1.25 -6.91
N ARG G 15 -30.15 2.45 -7.50
CA ARG G 15 -29.56 2.63 -8.82
C ARG G 15 -28.08 2.35 -8.77
N ALA G 16 -27.40 2.78 -7.70
CA ALA G 16 -26.00 2.44 -7.52
C ALA G 16 -25.82 0.94 -7.33
N GLY G 17 -26.77 0.30 -6.65
CA GLY G 17 -26.74 -1.15 -6.55
C GLY G 17 -26.72 -1.81 -7.91
N LEU G 18 -27.74 -1.56 -8.73
CA LEU G 18 -27.75 -2.10 -10.09
C LEU G 18 -26.53 -1.64 -10.87
N ASP G 19 -25.97 -0.50 -10.50
CA ASP G 19 -24.83 0.03 -11.24
C ASP G 19 -23.60 -0.82 -11.03
N VAL G 20 -23.25 -1.09 -9.76
CA VAL G 20 -22.11 -1.97 -9.50
C VAL G 20 -22.41 -3.37 -10.01
N VAL G 21 -23.69 -3.74 -9.97
CA VAL G 21 -24.13 -5.01 -10.53
C VAL G 21 -23.71 -5.13 -11.98
N ALA G 22 -24.25 -4.26 -12.84
CA ALA G 22 -23.93 -4.29 -14.25
C ALA G 22 -22.47 -3.99 -14.47
N ALA G 23 -21.85 -3.26 -13.56
CA ALA G 23 -20.45 -2.91 -13.69
C ALA G 23 -19.64 -4.18 -13.72
N LEU G 24 -19.67 -4.97 -12.65
CA LEU G 24 -18.80 -6.12 -12.68
C LEU G 24 -19.29 -7.16 -13.67
N GLY G 25 -20.57 -7.13 -14.04
CA GLY G 25 -20.98 -7.99 -15.13
C GLY G 25 -20.23 -7.67 -16.41
N ARG G 26 -20.35 -6.41 -16.83
CA ARG G 26 -19.61 -5.92 -17.98
C ARG G 26 -18.11 -6.16 -17.81
N SER G 27 -17.63 -6.13 -16.58
CA SER G 27 -16.21 -6.36 -16.35
C SER G 27 -15.82 -7.77 -16.74
N THR G 28 -16.62 -8.75 -16.33
CA THR G 28 -16.29 -10.11 -16.67
C THR G 28 -16.42 -10.36 -18.17
N LEU G 29 -17.43 -9.74 -18.80
CA LEU G 29 -17.50 -9.80 -20.25
C LEU G 29 -16.23 -9.25 -20.89
N PHE G 30 -15.83 -8.06 -20.46
CA PHE G 30 -14.59 -7.45 -20.92
C PHE G 30 -13.43 -8.41 -20.78
N LEU G 31 -13.29 -9.01 -19.61
CA LEU G 31 -12.18 -9.94 -19.37
C LEU G 31 -12.24 -11.11 -20.35
N GLY G 32 -13.44 -11.65 -20.58
CA GLY G 32 -13.55 -12.72 -21.54
C GLY G 32 -13.12 -12.30 -22.92
N HIS G 33 -13.67 -11.19 -23.40
CA HIS G 33 -13.30 -10.69 -24.72
C HIS G 33 -11.80 -10.48 -24.81
N ALA G 34 -11.18 -10.06 -23.72
CA ALA G 34 -9.77 -9.73 -23.78
C ALA G 34 -8.92 -10.98 -23.84
N LEU G 35 -9.22 -11.97 -23.02
CA LEU G 35 -8.31 -13.11 -22.97
C LEU G 35 -8.62 -14.16 -24.02
N LEU G 36 -9.85 -14.21 -24.55
CA LEU G 36 -10.22 -15.31 -25.42
C LEU G 36 -11.02 -14.86 -26.64
N GLY G 37 -10.90 -13.61 -27.05
CA GLY G 37 -11.72 -13.12 -28.14
C GLY G 37 -11.35 -13.64 -29.51
N ARG G 38 -10.19 -13.24 -30.02
CA ARG G 38 -9.66 -13.68 -31.31
C ARG G 38 -8.15 -13.60 -31.22
N ARG G 39 -7.49 -13.56 -32.37
CA ARG G 39 -6.09 -13.15 -32.48
C ARG G 39 -6.04 -11.99 -33.45
N THR G 40 -5.53 -10.85 -33.01
CA THR G 40 -5.55 -9.63 -33.79
C THR G 40 -4.42 -9.59 -34.80
N PRO G 41 -4.50 -8.71 -35.79
CA PRO G 41 -3.41 -8.59 -36.76
C PRO G 41 -2.12 -8.06 -36.17
N GLY G 42 -2.20 -6.93 -35.48
CA GLY G 42 -1.00 -6.22 -35.09
C GLY G 42 -0.48 -6.56 -33.71
N THR G 43 -0.79 -7.75 -33.22
CA THR G 43 -0.34 -8.17 -31.90
C THR G 43 1.04 -8.81 -32.00
N GLY G 44 1.45 -9.50 -30.96
CA GLY G 44 2.72 -10.19 -30.96
C GLY G 44 3.12 -10.57 -29.54
N LEU G 45 4.42 -10.52 -29.29
CA LEU G 45 4.93 -10.70 -27.96
C LEU G 45 5.76 -9.53 -27.47
N HIS G 46 6.38 -8.79 -28.40
CA HIS G 46 7.10 -7.58 -28.01
C HIS G 46 6.21 -6.65 -27.19
N LEU G 47 4.92 -6.60 -27.51
CA LEU G 47 3.99 -5.85 -26.66
C LEU G 47 4.07 -6.32 -25.23
N LEU G 48 4.00 -7.63 -25.02
CA LEU G 48 4.04 -8.15 -23.66
C LEU G 48 5.34 -7.78 -22.99
N VAL G 49 6.43 -7.76 -23.74
CA VAL G 49 7.70 -7.40 -23.14
C VAL G 49 7.68 -5.95 -22.68
N LYS G 50 7.27 -5.05 -23.57
CA LYS G 50 7.23 -3.64 -23.19
C LYS G 50 6.35 -3.44 -21.97
N GLN G 51 5.16 -4.04 -21.97
CA GLN G 51 4.29 -3.88 -20.82
C GLN G 51 4.94 -4.44 -19.58
N LEU G 52 5.24 -5.73 -19.57
CA LEU G 52 5.89 -6.35 -18.43
C LEU G 52 7.01 -5.50 -17.88
N TYR G 53 7.74 -4.81 -18.75
CA TYR G 53 8.70 -3.83 -18.25
C TYR G 53 8.00 -2.73 -17.49
N SER G 54 7.07 -2.05 -18.15
CA SER G 54 6.46 -0.87 -17.55
C SER G 54 5.74 -1.18 -16.25
N VAL G 55 5.20 -2.38 -16.14
CA VAL G 55 4.39 -2.76 -14.98
C VAL G 55 5.22 -3.41 -13.90
N GLY G 56 6.01 -4.42 -14.24
CA GLY G 56 6.80 -5.06 -13.22
C GLY G 56 8.06 -4.30 -12.88
N VAL G 57 8.94 -4.12 -13.88
CA VAL G 57 10.27 -3.63 -13.60
C VAL G 57 10.23 -2.28 -12.92
N LEU G 58 9.47 -1.34 -13.46
CA LEU G 58 9.44 -0.02 -12.85
C LEU G 58 8.90 -0.08 -11.44
N SER G 59 7.95 -0.97 -11.20
CA SER G 59 7.40 -1.14 -9.85
C SER G 59 8.22 -2.13 -9.03
N LEU G 60 9.49 -2.30 -9.36
CA LEU G 60 10.30 -3.25 -8.60
C LEU G 60 11.11 -2.58 -7.51
N ALA G 61 11.63 -1.38 -7.77
CA ALA G 61 12.39 -0.70 -6.74
C ALA G 61 11.52 -0.45 -5.51
N ILE G 62 10.26 -0.08 -5.73
CA ILE G 62 9.36 0.16 -4.61
C ILE G 62 9.25 -1.08 -3.74
N ILE G 63 8.97 -2.24 -4.34
CA ILE G 63 8.73 -3.39 -3.48
C ILE G 63 10.04 -3.93 -2.93
N VAL G 64 11.16 -3.68 -3.59
CA VAL G 64 12.44 -4.06 -2.99
C VAL G 64 12.66 -3.29 -1.70
N VAL G 65 12.59 -1.96 -1.78
CA VAL G 65 12.83 -1.16 -0.58
C VAL G 65 11.77 -1.46 0.47
N SER G 66 10.54 -1.70 0.03
CA SER G 66 9.49 -1.97 0.99
C SER G 66 9.67 -3.32 1.65
N GLY G 67 10.14 -4.32 0.91
CA GLY G 67 10.45 -5.58 1.54
C GLY G 67 11.56 -5.43 2.56
N LEU G 68 12.59 -4.67 2.21
CA LEU G 68 13.66 -4.40 3.16
C LEU G 68 13.09 -3.85 4.46
N PHE G 69 12.33 -2.77 4.37
CA PHE G 69 11.85 -2.10 5.57
C PHE G 69 10.89 -3.00 6.34
N ILE G 70 9.96 -3.66 5.66
CA ILE G 70 8.98 -4.45 6.38
C ILE G 70 9.65 -5.65 7.00
N GLY G 71 10.70 -6.18 6.38
CA GLY G 71 11.39 -7.30 6.99
C GLY G 71 12.11 -6.89 8.25
N MET G 72 12.88 -5.80 8.19
CA MET G 72 13.56 -5.41 9.42
C MET G 72 12.59 -4.96 10.49
N VAL G 73 11.43 -4.44 10.12
CA VAL G 73 10.42 -4.14 11.12
C VAL G 73 9.87 -5.42 11.73
N LEU G 74 9.56 -6.40 10.89
CA LEU G 74 9.10 -7.67 11.40
C LEU G 74 10.09 -8.25 12.40
N ALA G 75 11.39 -8.15 12.10
CA ALA G 75 12.39 -8.61 13.04
C ALA G 75 12.34 -7.79 14.32
N LEU G 76 12.65 -6.50 14.24
CA LEU G 76 12.66 -5.65 15.42
C LEU G 76 11.39 -5.76 16.24
N GLN G 77 10.32 -6.27 15.66
CA GLN G 77 9.11 -6.52 16.45
C GLN G 77 9.11 -7.92 17.05
N GLY G 78 9.58 -8.91 16.29
CA GLY G 78 9.60 -10.27 16.81
C GLY G 78 10.62 -10.45 17.92
N TYR G 79 11.81 -9.92 17.74
CA TYR G 79 12.83 -9.98 18.77
C TYR G 79 12.26 -9.50 20.10
N ASN G 80 11.59 -8.36 20.07
CA ASN G 80 11.13 -7.77 21.32
C ASN G 80 9.82 -8.39 21.79
N ILE G 81 8.98 -8.88 20.87
CA ILE G 81 7.77 -9.62 21.24
C ILE G 81 8.11 -10.91 21.94
N LEU G 82 9.24 -11.55 21.59
CA LEU G 82 9.51 -12.91 22.01
C LEU G 82 10.61 -13.02 23.05
N ILE G 83 11.49 -12.04 23.16
CA ILE G 83 12.48 -12.08 24.23
C ILE G 83 11.79 -12.21 25.57
N SER G 84 10.55 -11.72 25.67
CA SER G 84 9.75 -11.91 26.87
C SER G 84 9.27 -13.33 27.03
N TYR G 85 9.66 -14.23 26.12
CA TYR G 85 9.33 -15.64 26.24
C TYR G 85 10.55 -16.54 26.24
N GLY G 86 11.74 -15.97 26.14
CA GLY G 86 12.95 -16.76 26.16
C GLY G 86 13.30 -17.32 24.79
N SER G 87 12.30 -17.77 24.04
CA SER G 87 12.53 -18.38 22.73
C SER G 87 12.90 -17.29 21.71
N GLU G 88 13.98 -16.57 22.03
CA GLU G 88 14.43 -15.49 21.18
C GLU G 88 14.90 -16.01 19.83
N GLN G 89 15.75 -17.03 19.83
CA GLN G 89 16.30 -17.57 18.59
C GLN G 89 15.22 -18.03 17.61
N ALA G 90 13.98 -18.22 18.08
CA ALA G 90 12.90 -18.63 17.19
C ALA G 90 12.39 -17.51 16.30
N VAL G 91 12.96 -16.31 16.41
CA VAL G 91 12.51 -15.19 15.58
C VAL G 91 12.54 -15.55 14.10
N GLY G 92 13.47 -16.41 13.69
CA GLY G 92 13.52 -16.81 12.30
C GLY G 92 12.23 -17.46 11.85
N GLN G 93 11.67 -18.35 12.66
CA GLN G 93 10.43 -18.99 12.27
C GLN G 93 9.25 -18.04 12.35
N MET G 94 9.45 -16.82 12.83
CA MET G 94 8.40 -15.82 12.75
C MET G 94 8.60 -14.94 11.51
N VAL G 95 9.74 -14.25 11.44
CA VAL G 95 10.01 -13.26 10.40
C VAL G 95 9.98 -13.92 9.04
N ALA G 96 10.01 -15.25 9.01
CA ALA G 96 9.95 -15.96 7.75
C ALA G 96 8.66 -16.72 7.56
N LEU G 97 7.79 -16.76 8.56
CA LEU G 97 6.50 -17.40 8.36
C LEU G 97 5.40 -16.37 8.16
N THR G 98 5.37 -15.32 8.96
CA THR G 98 4.43 -14.25 8.71
C THR G 98 4.71 -13.50 7.43
N LEU G 99 5.98 -13.31 7.10
CA LEU G 99 6.35 -12.58 5.90
C LEU G 99 6.22 -13.43 4.66
N LEU G 100 5.73 -14.66 4.78
CA LEU G 100 5.73 -15.59 3.68
C LEU G 100 4.39 -16.26 3.43
N ARG G 101 3.53 -16.39 4.43
CA ARG G 101 2.23 -16.99 4.20
C ARG G 101 1.10 -15.99 4.17
N GLU G 102 1.14 -14.94 4.99
CA GLU G 102 0.08 -13.93 4.93
C GLU G 102 0.58 -12.52 4.63
N LEU G 103 1.50 -11.96 5.41
CA LEU G 103 1.81 -10.54 5.22
C LEU G 103 2.56 -10.29 3.93
N GLY G 104 3.36 -11.24 3.48
CA GLY G 104 4.11 -11.10 2.26
C GLY G 104 3.24 -10.69 1.08
N PRO G 105 2.34 -11.59 0.68
CA PRO G 105 1.49 -11.29 -0.47
C PRO G 105 0.51 -10.17 -0.21
N VAL G 106 0.05 -9.96 1.02
CA VAL G 106 -0.88 -8.87 1.28
C VAL G 106 -0.21 -7.52 1.03
N VAL G 107 0.95 -7.31 1.64
CA VAL G 107 1.64 -6.05 1.39
C VAL G 107 2.05 -5.95 -0.07
N THR G 108 2.44 -7.06 -0.69
CA THR G 108 2.81 -6.98 -2.09
C THR G 108 1.60 -6.58 -2.93
N GLY G 109 0.40 -6.98 -2.54
CA GLY G 109 -0.78 -6.49 -3.21
C GLY G 109 -0.96 -5.00 -2.99
N LEU G 110 -1.06 -4.59 -1.73
CA LEU G 110 -1.32 -3.19 -1.42
C LEU G 110 -0.29 -2.27 -2.02
N LEU G 111 0.89 -2.77 -2.35
CA LEU G 111 1.85 -1.94 -3.06
C LEU G 111 1.74 -2.04 -4.56
N PHE G 112 1.66 -3.25 -5.09
CA PHE G 112 1.44 -3.41 -6.50
C PHE G 112 0.11 -2.81 -6.92
N ALA G 113 -0.95 -3.12 -6.18
CA ALA G 113 -2.21 -2.44 -6.44
C ALA G 113 -2.13 -0.96 -6.14
N GLY G 114 -1.12 -0.53 -5.41
CA GLY G 114 -0.96 0.88 -5.17
C GLY G 114 -0.38 1.56 -6.38
N ARG G 115 0.78 1.09 -6.84
CA ARG G 115 1.45 1.77 -7.95
C ARG G 115 1.05 1.16 -9.29
N ALA G 116 1.41 -0.10 -9.52
CA ALA G 116 1.12 -0.68 -10.81
C ALA G 116 -0.34 -1.06 -10.96
N GLY G 117 -1.11 -0.95 -9.88
CA GLY G 117 -2.54 -1.04 -10.02
C GLY G 117 -3.20 0.26 -10.33
N SER G 118 -2.44 1.35 -10.30
CA SER G 118 -2.98 2.66 -10.63
C SER G 118 -2.36 3.22 -11.88
N ALA G 119 -1.05 3.39 -11.93
CA ALA G 119 -0.42 3.96 -13.11
C ALA G 119 -0.61 3.04 -14.30
N LEU G 120 -1.31 1.94 -14.08
CA LEU G 120 -1.81 1.08 -15.14
C LEU G 120 -3.24 1.44 -15.52
N THR G 121 -4.04 1.90 -14.56
CA THR G 121 -5.37 2.37 -14.87
C THR G 121 -5.31 3.74 -15.52
N ALA G 122 -4.51 4.64 -14.96
CA ALA G 122 -4.40 5.96 -15.56
C ALA G 122 -3.84 5.87 -16.96
N GLU G 123 -2.97 4.89 -17.22
CA GLU G 123 -2.41 4.77 -18.56
C GLU G 123 -3.49 4.48 -19.58
N ILE G 124 -4.24 3.40 -19.39
CA ILE G 124 -5.22 3.05 -20.40
C ILE G 124 -6.47 3.89 -20.20
N GLY G 125 -6.45 4.78 -19.22
CA GLY G 125 -7.53 5.72 -19.11
C GLY G 125 -7.22 6.86 -20.03
N ASN G 126 -6.06 7.48 -19.79
CA ASN G 126 -5.55 8.51 -20.69
C ASN G 126 -5.64 8.07 -22.13
N MET G 127 -5.28 6.83 -22.42
CA MET G 127 -5.41 6.35 -23.78
C MET G 127 -6.84 6.54 -24.27
N LYS G 128 -7.81 6.15 -23.46
CA LYS G 128 -9.20 6.31 -23.89
C LYS G 128 -9.58 7.77 -24.01
N ALA G 129 -8.94 8.64 -23.24
CA ALA G 129 -9.40 10.01 -23.15
C ALA G 129 -8.87 10.88 -24.27
N THR G 130 -7.68 10.60 -24.78
CA THR G 130 -7.19 11.28 -25.96
C THR G 130 -7.61 10.58 -27.23
N GLU G 131 -8.58 9.67 -27.15
CA GLU G 131 -9.17 8.97 -28.27
C GLU G 131 -8.19 8.03 -28.92
N GLN G 132 -6.94 8.06 -28.47
CA GLN G 132 -5.93 7.13 -28.97
C GLN G 132 -6.44 5.71 -28.93
N LEU G 133 -7.17 5.37 -27.87
CA LEU G 133 -7.71 4.02 -27.74
C LEU G 133 -8.80 3.76 -28.76
N SER G 134 -9.37 4.82 -29.32
CA SER G 134 -10.46 4.63 -30.25
C SER G 134 -9.98 4.53 -31.69
N SER G 135 -9.00 5.35 -32.09
CA SER G 135 -8.47 5.25 -33.45
C SER G 135 -7.95 3.86 -33.76
N LEU G 136 -7.61 3.07 -32.75
CA LEU G 136 -7.24 1.69 -33.00
C LEU G 136 -8.34 0.96 -33.74
N GLU G 137 -9.58 1.15 -33.34
CA GLU G 137 -10.67 0.51 -34.06
C GLU G 137 -10.78 1.04 -35.48
N MET G 138 -10.82 2.36 -35.64
CA MET G 138 -10.87 2.92 -36.99
C MET G 138 -9.73 2.41 -37.85
N ILE G 139 -8.62 2.02 -37.24
CA ILE G 139 -7.61 1.28 -37.98
C ILE G 139 -8.07 -0.15 -38.19
N GLY G 140 -8.44 -0.84 -37.13
CA GLY G 140 -8.96 -2.18 -37.29
C GLY G 140 -8.53 -3.13 -36.20
N VAL G 141 -7.49 -2.79 -35.47
CA VAL G 141 -7.02 -3.64 -34.39
C VAL G 141 -8.04 -3.60 -33.26
N ASP G 142 -8.26 -4.74 -32.63
CA ASP G 142 -9.11 -4.75 -31.46
C ASP G 142 -8.33 -4.25 -30.26
N PRO G 143 -8.68 -3.13 -29.66
CA PRO G 143 -7.92 -2.66 -28.51
C PRO G 143 -7.91 -3.64 -27.38
N LEU G 144 -9.04 -4.29 -27.10
CA LEU G 144 -9.11 -5.23 -26.01
C LEU G 144 -8.13 -6.37 -26.14
N LYS G 145 -7.41 -6.46 -27.26
CA LYS G 145 -6.39 -7.47 -27.39
C LYS G 145 -5.01 -6.88 -27.63
N TYR G 146 -4.92 -5.65 -28.14
CA TYR G 146 -3.65 -5.01 -28.34
C TYR G 146 -3.25 -4.10 -27.21
N ILE G 147 -4.22 -3.52 -26.51
CA ILE G 147 -3.94 -2.53 -25.48
C ILE G 147 -4.05 -3.12 -24.09
N VAL G 148 -5.04 -3.96 -23.84
CA VAL G 148 -5.29 -4.45 -22.49
C VAL G 148 -4.85 -5.89 -22.29
N ALA G 149 -4.84 -6.71 -23.32
CA ALA G 149 -4.39 -8.09 -23.12
C ALA G 149 -2.96 -8.15 -22.63
N PRO G 150 -2.01 -7.42 -23.22
CA PRO G 150 -0.68 -7.38 -22.61
C PRO G 150 -0.67 -6.79 -21.22
N ARG G 151 -1.61 -5.91 -20.88
CA ARG G 151 -1.69 -5.47 -19.50
C ARG G 151 -2.00 -6.63 -18.57
N LEU G 152 -3.05 -7.37 -18.87
CA LEU G 152 -3.41 -8.52 -18.03
C LEU G 152 -2.25 -9.50 -17.94
N TRP G 153 -1.56 -9.72 -19.05
CA TRP G 153 -0.50 -10.70 -18.98
C TRP G 153 0.70 -10.18 -18.22
N ALA G 154 0.99 -8.89 -18.32
CA ALA G 154 2.02 -8.32 -17.49
C ALA G 154 1.61 -8.29 -16.03
N GLY G 155 0.31 -8.40 -15.77
CA GLY G 155 -0.12 -8.49 -14.40
C GLY G 155 0.15 -9.86 -13.86
N PHE G 156 -0.44 -10.88 -14.51
CA PHE G 156 -0.40 -12.22 -13.95
C PHE G 156 1.02 -12.73 -13.79
N ILE G 157 1.93 -12.35 -14.67
CA ILE G 157 3.25 -12.90 -14.65
C ILE G 157 4.26 -11.94 -14.03
N SER G 158 3.78 -10.90 -13.35
CA SER G 158 4.69 -10.04 -12.62
C SER G 158 4.42 -10.06 -11.12
N MET G 159 3.19 -9.84 -10.71
CA MET G 159 2.91 -9.76 -9.28
C MET G 159 3.36 -11.00 -8.51
N PRO G 160 3.21 -12.24 -9.00
CA PRO G 160 3.74 -13.37 -8.25
C PRO G 160 5.26 -13.31 -8.11
N LEU G 161 5.95 -13.02 -9.21
CA LEU G 161 7.39 -12.86 -9.12
C LEU G 161 7.74 -11.76 -8.14
N LEU G 162 6.95 -10.69 -8.14
CA LEU G 162 7.21 -9.59 -7.21
C LEU G 162 7.01 -10.04 -5.77
N ALA G 163 5.98 -10.84 -5.51
CA ALA G 163 5.77 -11.34 -4.17
C ALA G 163 6.94 -12.20 -3.73
N ALA G 164 7.44 -13.03 -4.63
CA ALA G 164 8.59 -13.84 -4.29
C ALA G 164 9.80 -12.98 -3.97
N ILE G 165 10.08 -11.98 -4.80
CA ILE G 165 11.22 -11.11 -4.56
C ILE G 165 11.05 -10.37 -3.25
N PHE G 166 9.84 -9.94 -2.97
CA PHE G 166 9.56 -9.24 -1.73
C PHE G 166 9.80 -10.14 -0.54
N SER G 167 9.27 -11.35 -0.58
CA SER G 167 9.47 -12.26 0.55
C SER G 167 10.94 -12.56 0.76
N VAL G 168 11.68 -12.75 -0.33
CA VAL G 168 13.11 -13.02 -0.22
C VAL G 168 13.81 -11.86 0.47
N VAL G 169 13.63 -10.64 -0.06
CA VAL G 169 14.32 -9.50 0.52
C VAL G 169 13.87 -9.27 1.94
N GLY G 170 12.61 -9.55 2.23
CA GLY G 170 12.13 -9.38 3.59
C GLY G 170 12.83 -10.31 4.55
N ILE G 171 12.91 -11.60 4.19
CA ILE G 171 13.60 -12.55 5.05
C ILE G 171 15.05 -12.16 5.22
N TRP G 172 15.70 -11.75 4.13
CA TRP G 172 17.10 -11.43 4.23
C TRP G 172 17.34 -10.22 5.11
N GLY G 173 16.49 -9.21 5.00
CA GLY G 173 16.63 -8.05 5.87
C GLY G 173 16.38 -8.40 7.32
N GLY G 174 15.35 -9.21 7.56
CA GLY G 174 15.10 -9.66 8.91
C GLY G 174 16.31 -10.35 9.51
N ALA G 175 16.97 -11.19 8.72
CA ALA G 175 18.18 -11.82 9.21
C ALA G 175 19.25 -10.78 9.49
N MET G 176 19.52 -9.92 8.50
CA MET G 176 20.58 -8.94 8.64
C MET G 176 20.44 -8.07 9.87
N VAL G 177 19.23 -7.65 10.24
CA VAL G 177 19.06 -6.92 11.48
C VAL G 177 19.14 -7.85 12.69
N ALA G 178 18.56 -9.04 12.59
CA ALA G 178 18.61 -9.97 13.70
C ALA G 178 20.03 -10.43 13.97
N VAL G 179 20.74 -10.83 12.93
CA VAL G 179 22.12 -11.28 13.11
C VAL G 179 23.00 -10.13 13.56
N ASP G 180 23.09 -9.08 12.75
CA ASP G 180 24.11 -8.09 12.97
C ASP G 180 23.75 -7.09 14.05
N TRP G 181 22.48 -6.75 14.20
CA TRP G 181 22.11 -5.71 15.15
C TRP G 181 21.47 -6.27 16.42
N LEU G 182 20.66 -7.31 16.29
CA LEU G 182 20.13 -7.95 17.49
C LEU G 182 21.15 -8.90 18.11
N GLY G 183 22.05 -9.45 17.29
CA GLY G 183 23.08 -10.32 17.79
C GLY G 183 22.71 -11.79 17.88
N VAL G 184 21.46 -12.16 17.57
CA VAL G 184 21.11 -13.58 17.61
C VAL G 184 22.00 -14.37 16.66
N TYR G 185 22.12 -15.66 16.94
CA TYR G 185 23.20 -16.43 16.34
C TYR G 185 22.89 -16.78 14.89
N GLU G 186 23.96 -16.89 14.10
CA GLU G 186 23.83 -17.02 12.65
C GLU G 186 23.08 -18.28 12.26
N GLY G 187 23.69 -19.44 12.54
CA GLY G 187 23.12 -20.69 12.04
C GLY G 187 21.79 -21.04 12.64
N SER G 188 21.59 -20.68 13.91
CA SER G 188 20.34 -20.99 14.61
C SER G 188 19.14 -20.45 13.86
N PHE G 189 19.29 -19.25 13.30
CA PHE G 189 18.21 -18.60 12.55
C PHE G 189 17.73 -19.49 11.42
N TRP G 190 18.59 -19.70 10.43
CA TRP G 190 18.20 -20.51 9.30
C TRP G 190 17.80 -21.91 9.74
N ALA G 191 18.37 -22.41 10.84
CA ALA G 191 18.04 -23.75 11.30
C ALA G 191 16.59 -23.84 11.71
N ASN G 192 16.18 -23.04 12.70
CA ASN G 192 14.79 -23.09 13.14
C ASN G 192 13.87 -22.71 12.00
N MET G 193 14.35 -21.86 11.08
CA MET G 193 13.51 -21.48 9.95
C MET G 193 13.18 -22.69 9.10
N GLN G 194 14.21 -23.37 8.58
CA GLN G 194 14.00 -24.51 7.72
C GLN G 194 13.33 -25.66 8.44
N ASN G 195 13.44 -25.73 9.77
CA ASN G 195 12.73 -26.78 10.49
C ASN G 195 11.25 -26.50 10.63
N SER G 196 10.78 -25.34 10.18
CA SER G 196 9.40 -24.94 10.43
C SER G 196 8.80 -24.24 9.23
N VAL G 197 9.00 -24.77 8.04
CA VAL G 197 8.60 -24.09 6.81
C VAL G 197 7.42 -24.77 6.13
N GLN G 198 7.48 -26.09 5.93
CA GLN G 198 6.42 -26.83 5.25
C GLN G 198 6.16 -26.27 3.85
N PHE G 199 7.18 -26.45 3.00
CA PHE G 199 7.22 -25.83 1.68
C PHE G 199 5.88 -25.92 0.95
N THR G 200 5.47 -27.13 0.59
CA THR G 200 4.29 -27.27 -0.24
C THR G 200 3.04 -26.79 0.45
N GLU G 201 3.18 -26.38 1.70
CA GLU G 201 2.06 -26.18 2.59
C GLU G 201 2.02 -24.76 3.15
N ASP G 202 3.15 -24.04 3.12
CA ASP G 202 3.20 -22.62 3.39
C ASP G 202 3.73 -21.81 2.21
N VAL G 203 4.86 -22.20 1.64
CA VAL G 203 5.44 -21.43 0.54
C VAL G 203 4.51 -21.44 -0.66
N LEU G 204 4.16 -22.64 -1.13
CA LEU G 204 3.21 -22.72 -2.24
C LEU G 204 1.88 -22.10 -1.87
N ASN G 205 1.50 -22.18 -0.59
CA ASN G 205 0.29 -21.50 -0.17
C ASN G 205 0.39 -20.01 -0.43
N GLY G 206 1.48 -19.40 0.01
CA GLY G 206 1.67 -17.98 -0.23
C GLY G 206 1.75 -17.64 -1.70
N VAL G 207 2.31 -18.54 -2.51
CA VAL G 207 2.44 -18.23 -3.92
C VAL G 207 1.09 -18.29 -4.62
N ILE G 208 0.28 -19.31 -4.33
CA ILE G 208 -1.04 -19.34 -4.94
C ILE G 208 -1.86 -18.17 -4.44
N LYS G 209 -1.68 -17.80 -3.17
CA LYS G 209 -2.34 -16.62 -2.65
C LYS G 209 -1.91 -15.38 -3.43
N SER G 210 -0.62 -15.28 -3.73
CA SER G 210 -0.16 -14.15 -4.51
C SER G 210 -0.78 -14.14 -5.88
N ILE G 211 -0.83 -15.30 -6.54
CA ILE G 211 -1.32 -15.33 -7.91
C ILE G 211 -2.78 -14.95 -7.98
N VAL G 212 -3.58 -15.41 -7.02
CA VAL G 212 -5.02 -15.21 -7.18
C VAL G 212 -5.37 -13.73 -7.11
N PHE G 213 -4.83 -13.00 -6.14
CA PHE G 213 -5.12 -11.57 -6.14
C PHE G 213 -4.09 -10.76 -6.91
N ALA G 214 -3.18 -11.41 -7.62
CA ALA G 214 -2.57 -10.75 -8.76
C ALA G 214 -3.57 -10.65 -9.88
N PHE G 215 -4.18 -11.78 -10.21
CA PHE G 215 -5.26 -11.79 -11.18
C PHE G 215 -6.31 -10.77 -10.81
N VAL G 216 -6.79 -10.82 -9.56
CA VAL G 216 -7.85 -9.91 -9.16
C VAL G 216 -7.43 -8.46 -9.19
N VAL G 217 -6.21 -8.13 -8.78
CA VAL G 217 -5.78 -6.74 -8.85
C VAL G 217 -5.69 -6.29 -10.30
N THR G 218 -4.81 -6.89 -11.06
CA THR G 218 -4.67 -6.39 -12.41
C THR G 218 -5.80 -6.71 -13.26
N TRP G 219 -6.89 -7.24 -12.73
CA TRP G 219 -8.12 -7.28 -13.48
C TRP G 219 -8.91 -5.99 -13.33
N ILE G 220 -9.17 -5.57 -12.10
CA ILE G 220 -9.88 -4.30 -11.93
C ILE G 220 -8.99 -3.15 -12.34
N ALA G 221 -7.71 -3.23 -12.03
CA ALA G 221 -6.81 -2.13 -12.31
C ALA G 221 -6.71 -1.83 -13.79
N VAL G 222 -7.20 -2.70 -14.65
CA VAL G 222 -7.27 -2.42 -16.07
C VAL G 222 -8.70 -2.22 -16.52
N TYR G 223 -9.66 -2.94 -15.95
CA TYR G 223 -11.03 -2.69 -16.34
C TYR G 223 -11.40 -1.24 -16.06
N GLN G 224 -11.22 -0.80 -14.82
CA GLN G 224 -11.54 0.58 -14.47
C GLN G 224 -10.93 1.54 -15.47
N GLY G 225 -9.69 1.30 -15.86
CA GLY G 225 -9.07 2.16 -16.83
C GLY G 225 -9.75 2.10 -18.18
N TYR G 226 -10.35 0.95 -18.50
CA TYR G 226 -11.03 0.87 -19.78
C TYR G 226 -12.40 1.51 -19.74
N ASP G 227 -13.01 1.61 -18.58
CA ASP G 227 -14.38 2.07 -18.48
C ASP G 227 -14.51 3.54 -18.13
N CYS G 228 -13.49 4.14 -17.52
CA CYS G 228 -13.59 5.51 -17.05
C CYS G 228 -13.98 6.47 -18.15
N GLU G 229 -14.87 7.40 -17.83
CA GLU G 229 -15.34 8.33 -18.83
C GLU G 229 -14.20 9.25 -19.24
N PRO G 230 -14.12 9.62 -20.50
CA PRO G 230 -12.93 10.33 -20.97
C PRO G 230 -12.90 11.79 -20.59
N THR G 231 -12.40 12.09 -19.39
CA THR G 231 -12.14 13.48 -19.03
C THR G 231 -11.19 13.49 -17.85
N SER G 232 -10.32 14.51 -17.82
CA SER G 232 -9.27 14.55 -16.83
C SER G 232 -9.78 14.42 -15.41
N GLU G 233 -11.06 14.64 -15.18
CA GLU G 233 -11.61 14.32 -13.89
C GLU G 233 -12.04 12.87 -13.80
N GLY G 234 -12.55 12.33 -14.89
CA GLY G 234 -12.94 10.93 -14.89
C GLY G 234 -11.77 10.03 -14.55
N ILE G 235 -10.66 10.19 -15.25
CA ILE G 235 -9.50 9.35 -14.97
C ILE G 235 -8.99 9.58 -13.56
N SER G 236 -9.03 10.82 -13.11
CA SER G 236 -8.53 11.11 -11.76
C SER G 236 -9.38 10.44 -10.70
N ARG G 237 -10.61 10.08 -11.04
CA ARG G 237 -11.45 9.36 -10.11
C ARG G 237 -11.37 7.86 -10.29
N ALA G 238 -11.14 7.41 -11.51
CA ALA G 238 -10.97 5.99 -11.72
C ALA G 238 -9.68 5.49 -11.10
N THR G 239 -8.61 6.26 -11.20
CA THR G 239 -7.38 5.80 -10.58
C THR G 239 -7.43 5.86 -9.07
N THR G 240 -8.55 6.25 -8.49
CA THR G 240 -8.82 6.09 -7.07
C THR G 240 -9.81 4.96 -6.79
N ARG G 241 -10.81 4.81 -7.65
CA ARG G 241 -11.65 3.63 -7.54
C ARG G 241 -10.83 2.37 -7.63
N THR G 242 -9.80 2.36 -8.47
CA THR G 242 -8.98 1.18 -8.64
C THR G 242 -7.88 1.06 -7.62
N VAL G 243 -7.89 1.88 -6.57
CA VAL G 243 -7.11 1.62 -5.38
C VAL G 243 -8.00 1.23 -4.22
N VAL G 244 -9.14 1.91 -4.08
CA VAL G 244 -10.15 1.45 -3.15
C VAL G 244 -10.44 -0.02 -3.40
N TYR G 245 -10.91 -0.34 -4.60
CA TYR G 245 -11.30 -1.71 -4.87
C TYR G 245 -10.10 -2.63 -4.92
N ALA G 246 -8.97 -2.16 -5.39
CA ALA G 246 -7.83 -3.05 -5.47
C ALA G 246 -7.24 -3.36 -4.11
N SER G 247 -7.57 -2.59 -3.08
CA SER G 247 -7.17 -2.96 -1.74
C SER G 247 -8.24 -3.75 -1.02
N LEU G 248 -9.49 -3.33 -1.19
CA LEU G 248 -10.61 -4.12 -0.70
C LEU G 248 -10.50 -5.55 -1.16
N ALA G 249 -10.32 -5.76 -2.46
CA ALA G 249 -10.27 -7.12 -2.99
C ALA G 249 -9.02 -7.84 -2.55
N VAL G 250 -7.88 -7.15 -2.48
CA VAL G 250 -6.69 -7.82 -1.97
C VAL G 250 -6.96 -8.41 -0.61
N LEU G 251 -7.48 -7.60 0.32
CA LEU G 251 -7.67 -8.12 1.67
C LEU G 251 -8.80 -9.13 1.72
N GLY G 252 -9.89 -8.89 1.00
CA GLY G 252 -10.99 -9.83 1.04
C GLY G 252 -10.59 -11.21 0.54
N LEU G 253 -9.94 -11.25 -0.62
CA LEU G 253 -9.52 -12.53 -1.13
C LEU G 253 -8.38 -13.12 -0.34
N ASP G 254 -7.57 -12.29 0.33
CA ASP G 254 -6.63 -12.87 1.28
C ASP G 254 -7.37 -13.60 2.38
N PHE G 255 -8.42 -12.99 2.89
CA PHE G 255 -9.18 -13.62 3.97
C PHE G 255 -9.79 -14.93 3.52
N ILE G 256 -10.46 -14.90 2.37
CA ILE G 256 -11.05 -16.14 1.87
C ILE G 256 -9.98 -17.18 1.62
N LEU G 257 -8.90 -16.80 0.94
CA LEU G 257 -7.86 -17.76 0.60
C LEU G 257 -7.12 -18.27 1.81
N THR G 258 -7.19 -17.57 2.94
CA THR G 258 -6.62 -18.13 4.15
C THR G 258 -7.64 -18.88 4.98
N ALA G 259 -8.93 -18.72 4.70
CA ALA G 259 -9.92 -19.60 5.31
C ALA G 259 -10.00 -20.93 4.58
N LEU G 260 -9.73 -20.92 3.26
CA LEU G 260 -9.55 -22.18 2.56
C LEU G 260 -8.45 -23.01 3.18
N MET G 261 -7.44 -22.37 3.78
CA MET G 261 -6.31 -23.11 4.31
C MET G 261 -5.68 -22.29 5.43
N PHE G 262 -5.70 -22.85 6.63
CA PHE G 262 -5.17 -22.14 7.78
C PHE G 262 -3.66 -22.01 7.69
N SER H 5 24.10 8.37 -24.73
CA SER H 5 25.45 8.60 -24.26
C SER H 5 25.56 8.29 -22.77
N PRO H 6 26.55 7.48 -22.39
CA PRO H 6 26.67 7.09 -20.97
C PRO H 6 26.97 8.27 -20.06
N LEU H 7 27.91 9.13 -20.46
CA LEU H 7 28.21 10.30 -19.67
C LEU H 7 26.97 11.19 -19.53
N GLU H 8 26.22 11.37 -20.62
CA GLU H 8 25.01 12.17 -20.53
C GLU H 8 23.89 11.41 -19.85
N ARG H 9 23.93 10.08 -19.89
CA ARG H 9 23.01 9.29 -19.07
C ARG H 9 23.22 9.59 -17.59
N ILE H 10 24.48 9.59 -17.15
CA ILE H 10 24.75 9.92 -15.76
C ILE H 10 24.43 11.39 -15.50
N ARG H 11 24.59 12.25 -16.51
CA ARG H 11 24.15 13.63 -16.36
C ARG H 11 22.68 13.69 -16.02
N LEU H 12 21.86 12.94 -16.77
CA LEU H 12 20.43 12.92 -16.49
C LEU H 12 20.14 12.34 -15.12
N PHE H 13 20.86 11.28 -14.74
CA PHE H 13 20.68 10.72 -13.41
C PHE H 13 20.95 11.76 -12.34
N GLY H 14 22.06 12.48 -12.45
CA GLY H 14 22.36 13.52 -11.49
C GLY H 14 21.37 14.65 -11.53
N ARG H 15 20.84 14.97 -12.70
CA ARG H 15 19.82 16.00 -12.79
C ARG H 15 18.59 15.58 -12.02
N ALA H 16 18.22 14.29 -12.10
CA ALA H 16 17.13 13.79 -11.27
C ALA H 16 17.48 13.86 -9.80
N GLY H 17 18.75 13.63 -9.46
CA GLY H 17 19.17 13.82 -8.09
C GLY H 17 18.88 15.21 -7.59
N LEU H 18 19.44 16.22 -8.25
CA LEU H 18 19.14 17.60 -7.88
C LEU H 18 17.66 17.89 -7.97
N ASP H 19 16.93 17.15 -8.80
CA ASP H 19 15.52 17.41 -8.98
C ASP H 19 14.75 17.01 -7.74
N VAL H 20 14.94 15.79 -7.25
CA VAL H 20 14.26 15.40 -6.02
C VAL H 20 14.77 16.23 -4.86
N VAL H 21 16.04 16.64 -4.94
CA VAL H 21 16.61 17.54 -3.95
C VAL H 21 15.77 18.81 -3.84
N ALA H 22 15.72 19.58 -4.92
CA ALA H 22 14.96 20.82 -4.91
C ALA H 22 13.48 20.55 -4.71
N ALA H 23 13.03 19.36 -5.10
CA ALA H 23 11.64 19.01 -4.96
C ALA H 23 11.27 19.06 -3.50
N LEU H 24 11.89 18.22 -2.68
CA LEU H 24 11.44 18.23 -1.30
C LEU H 24 11.85 19.51 -0.59
N GLY H 25 12.87 20.22 -1.08
CA GLY H 25 13.10 21.53 -0.53
C GLY H 25 11.90 22.44 -0.69
N ARG H 26 11.49 22.62 -1.95
CA ARG H 26 10.30 23.38 -2.26
C ARG H 26 9.09 22.84 -1.51
N SER H 27 9.06 21.54 -1.26
CA SER H 27 7.95 20.96 -0.54
C SER H 27 7.88 21.48 0.88
N THR H 28 9.02 21.53 1.56
CA THR H 28 9.00 22.03 2.93
C THR H 28 8.69 23.51 2.96
N LEU H 29 9.19 24.27 1.98
CA LEU H 29 8.77 25.67 1.88
C LEU H 29 7.27 25.79 1.73
N PHE H 30 6.71 25.03 0.80
CA PHE H 30 5.26 24.97 0.61
C PHE H 30 4.56 24.69 1.92
N LEU H 31 5.01 23.68 2.64
CA LEU H 31 4.37 23.33 3.90
C LEU H 31 4.43 24.48 4.89
N GLY H 32 5.57 25.15 4.96
CA GLY H 32 5.66 26.30 5.84
C GLY H 32 4.68 27.39 5.47
N HIS H 33 4.69 27.78 4.19
CA HIS H 33 3.76 28.80 3.72
C HIS H 33 2.33 28.41 4.03
N ALA H 34 2.03 27.12 3.96
CA ALA H 34 0.65 26.70 4.13
C ALA H 34 0.22 26.76 5.58
N LEU H 35 1.07 26.28 6.48
CA LEU H 35 0.60 26.20 7.85
C LEU H 35 0.84 27.48 8.64
N LEU H 36 1.76 28.34 8.22
CA LEU H 36 2.13 29.49 9.04
C LEU H 36 2.30 30.76 8.23
N GLY H 37 1.69 30.86 7.06
CA GLY H 37 1.89 32.03 6.22
C GLY H 37 1.24 33.31 6.71
N ARG H 38 -0.08 33.35 6.67
CA ARG H 38 -0.86 34.49 7.15
C ARG H 38 -2.22 33.96 7.59
N ARG H 39 -3.21 34.84 7.68
CA ARG H 39 -4.60 34.45 7.76
C ARG H 39 -5.32 35.12 6.60
N THR H 40 -5.96 34.32 5.75
CA THR H 40 -6.56 34.81 4.53
C THR H 40 -7.93 35.43 4.79
N PRO H 41 -8.45 36.20 3.84
CA PRO H 41 -9.79 36.76 4.01
C PRO H 41 -10.90 35.73 4.02
N GLY H 42 -10.93 34.88 2.99
CA GLY H 42 -12.07 34.02 2.79
C GLY H 42 -11.98 32.65 3.41
N THR H 43 -11.17 32.51 4.45
CA THR H 43 -11.01 31.24 5.13
C THR H 43 -12.09 31.06 6.19
N GLY H 44 -11.89 30.10 7.07
CA GLY H 44 -12.83 29.86 8.15
C GLY H 44 -12.58 28.50 8.77
N LEU H 45 -13.68 27.89 9.19
CA LEU H 45 -13.63 26.52 9.67
C LEU H 45 -14.55 25.59 8.90
N HIS H 46 -15.63 26.12 8.33
CA HIS H 46 -16.49 25.31 7.48
C HIS H 46 -15.70 24.62 6.39
N LEU H 47 -14.66 25.28 5.87
CA LEU H 47 -13.77 24.62 4.93
C LEU H 47 -13.22 23.34 5.53
N LEU H 48 -12.70 23.43 6.75
CA LEU H 48 -12.12 22.25 7.37
C LEU H 48 -13.16 21.17 7.53
N VAL H 49 -14.39 21.54 7.82
CA VAL H 49 -15.43 20.54 7.97
C VAL H 49 -15.67 19.83 6.65
N LYS H 50 -15.87 20.60 5.58
CA LYS H 50 -16.13 19.98 4.30
C LYS H 50 -14.98 19.05 3.91
N GLN H 51 -13.75 19.53 4.07
CA GLN H 51 -12.61 18.67 3.73
C GLN H 51 -12.62 17.42 4.59
N LEU H 52 -12.49 17.59 5.90
CA LEU H 52 -12.51 16.46 6.82
C LEU H 52 -13.58 15.45 6.45
N TYR H 53 -14.72 15.91 5.97
CA TYR H 53 -15.70 14.97 5.44
C TYR H 53 -15.13 14.24 4.24
N SER H 54 -14.73 14.99 3.22
CA SER H 54 -14.33 14.36 1.96
C SER H 54 -13.14 13.43 2.13
N VAL H 55 -12.27 13.71 3.08
CA VAL H 55 -11.04 12.95 3.26
C VAL H 55 -11.23 11.82 4.25
N GLY H 56 -11.76 12.11 5.43
CA GLY H 56 -11.93 11.06 6.41
C GLY H 56 -13.16 10.23 6.17
N VAL H 57 -14.33 10.86 6.20
CA VAL H 57 -15.58 10.11 6.22
C VAL H 57 -15.70 9.22 5.00
N LEU H 58 -15.48 9.76 3.81
CA LEU H 58 -15.64 8.93 2.63
C LEU H 58 -14.65 7.79 2.64
N SER H 59 -13.46 8.01 3.16
CA SER H 59 -12.46 6.95 3.26
C SER H 59 -12.62 6.14 4.53
N LEU H 60 -13.82 6.11 5.11
CA LEU H 60 -14.01 5.37 6.34
C LEU H 60 -14.55 3.97 6.09
N ALA H 61 -15.45 3.82 5.13
CA ALA H 61 -15.98 2.49 4.84
C ALA H 61 -14.87 1.55 4.42
N ILE H 62 -13.92 2.05 3.63
CA ILE H 62 -12.81 1.21 3.21
C ILE H 62 -12.04 0.68 4.40
N ILE H 63 -11.66 1.55 5.34
CA ILE H 63 -10.83 1.06 6.42
C ILE H 63 -11.64 0.27 7.41
N VAL H 64 -12.94 0.51 7.51
CA VAL H 64 -13.77 -0.35 8.35
C VAL H 64 -13.75 -1.78 7.83
N VAL H 65 -14.11 -1.95 6.55
CA VAL H 65 -14.15 -3.30 5.99
C VAL H 65 -12.76 -3.91 6.01
N SER H 66 -11.74 -3.10 5.78
CA SER H 66 -10.38 -3.63 5.76
C SER H 66 -9.94 -4.04 7.15
N GLY H 67 -10.31 -3.28 8.17
CA GLY H 67 -10.01 -3.71 9.52
C GLY H 67 -10.69 -5.01 9.84
N LEU H 68 -11.96 -5.14 9.46
CA LEU H 68 -12.66 -6.40 9.66
C LEU H 68 -11.88 -7.56 9.07
N PHE H 69 -11.55 -7.46 7.79
CA PHE H 69 -10.89 -8.58 7.13
C PHE H 69 -9.52 -8.85 7.70
N ILE H 70 -8.73 -7.80 7.93
CA ILE H 70 -7.37 -8.03 8.41
C ILE H 70 -7.40 -8.57 9.82
N GLY H 71 -8.40 -8.20 10.61
CA GLY H 71 -8.49 -8.73 11.96
C GLY H 71 -8.82 -10.22 11.94
N MET H 72 -9.84 -10.60 11.17
CA MET H 72 -10.15 -12.02 11.16
C MET H 72 -9.05 -12.83 10.51
N VAL H 73 -8.28 -12.24 9.59
CA VAL H 73 -7.13 -12.95 9.05
C VAL H 73 -6.06 -13.11 10.12
N LEU H 74 -5.79 -12.03 10.86
CA LEU H 74 -4.83 -12.12 11.95
C LEU H 74 -5.21 -13.23 12.91
N ALA H 75 -6.50 -13.34 13.22
CA ALA H 75 -6.93 -14.43 14.08
C ALA H 75 -6.69 -15.77 13.43
N LEU H 76 -7.38 -16.04 12.31
CA LEU H 76 -7.23 -17.32 11.64
C LEU H 76 -5.79 -17.70 11.37
N GLN H 77 -4.86 -16.75 11.44
CA GLN H 77 -3.45 -17.08 11.33
C GLN H 77 -2.84 -17.36 12.69
N GLY H 78 -3.23 -16.59 13.71
CA GLY H 78 -2.68 -16.81 15.03
C GLY H 78 -3.15 -18.11 15.66
N TYR H 79 -4.44 -18.39 15.55
CA TYR H 79 -4.98 -19.64 16.06
C TYR H 79 -4.16 -20.81 15.54
N ASN H 80 -3.90 -20.82 14.23
CA ASN H 80 -3.22 -21.97 13.64
C ASN H 80 -1.71 -21.91 13.82
N ILE H 81 -1.14 -20.71 13.90
CA ILE H 81 0.28 -20.55 14.22
C ILE H 81 0.59 -21.05 15.61
N LEU H 82 -0.34 -20.92 16.56
CA LEU H 82 -0.04 -21.11 17.97
C LEU H 82 -0.63 -22.39 18.55
N ILE H 83 -1.69 -22.94 17.94
CA ILE H 83 -2.19 -24.22 18.41
C ILE H 83 -1.07 -25.25 18.41
N SER H 84 -0.07 -25.08 17.54
CA SER H 84 1.10 -25.93 17.56
C SER H 84 2.00 -25.65 18.76
N TYR H 85 1.61 -24.75 19.64
CA TYR H 85 2.36 -24.47 20.85
C TYR H 85 1.53 -24.66 22.11
N GLY H 86 0.26 -25.03 21.97
CA GLY H 86 -0.59 -25.23 23.13
C GLY H 86 -1.20 -23.95 23.65
N SER H 87 -0.43 -22.85 23.64
CA SER H 87 -0.91 -21.58 24.17
C SER H 87 -1.90 -20.95 23.19
N GLU H 88 -2.95 -21.71 22.92
CA GLU H 88 -3.98 -21.26 21.98
C GLU H 88 -4.70 -20.02 22.50
N GLN H 89 -5.16 -20.07 23.74
CA GLN H 89 -5.91 -18.96 24.32
C GLN H 89 -5.14 -17.65 24.29
N ALA H 90 -3.83 -17.68 24.09
CA ALA H 90 -3.05 -16.45 24.02
C ALA H 90 -3.22 -15.70 22.72
N VAL H 91 -4.05 -16.20 21.79
CA VAL H 91 -4.26 -15.52 20.52
C VAL H 91 -4.68 -14.07 20.73
N GLY H 92 -5.40 -13.79 21.81
CA GLY H 92 -5.79 -12.42 22.07
C GLY H 92 -4.61 -11.49 22.20
N GLN H 93 -3.57 -11.92 22.91
CA GLN H 93 -2.41 -11.06 23.05
C GLN H 93 -1.60 -10.98 21.77
N MET H 94 -1.97 -11.73 20.75
CA MET H 94 -1.37 -11.55 19.43
C MET H 94 -2.21 -10.63 18.56
N VAL H 95 -3.45 -11.03 18.31
CA VAL H 95 -4.34 -10.33 17.38
C VAL H 95 -4.59 -8.92 17.86
N ALA H 96 -4.24 -8.64 19.10
CA ALA H 96 -4.41 -7.30 19.63
C ALA H 96 -3.10 -6.59 19.88
N LEU H 97 -1.97 -7.26 19.72
CA LEU H 97 -0.70 -6.58 19.86
C LEU H 97 -0.08 -6.26 18.51
N THR H 98 -0.09 -7.22 17.59
CA THR H 98 0.36 -6.93 16.24
C THR H 98 -0.55 -5.97 15.52
N LEU H 99 -1.86 -6.06 15.74
CA LEU H 99 -2.81 -5.19 15.07
C LEU H 99 -2.86 -3.82 15.71
N LEU H 100 -2.02 -3.55 16.70
CA LEU H 100 -2.13 -2.33 17.46
C LEU H 100 -0.82 -1.57 17.61
N ARG H 101 0.32 -2.23 17.54
CA ARG H 101 1.58 -1.52 17.63
C ARG H 101 2.29 -1.37 16.30
N GLU H 102 2.22 -2.36 15.41
CA GLU H 102 2.85 -2.20 14.10
C GLU H 102 1.89 -2.33 12.92
N LEU H 103 1.17 -3.44 12.79
CA LEU H 103 0.42 -3.64 11.55
C LEU H 103 -0.76 -2.70 11.44
N GLY H 104 -1.36 -2.33 12.57
CA GLY H 104 -2.48 -1.43 12.57
C GLY H 104 -2.22 -0.16 11.79
N PRO H 105 -1.29 0.66 12.28
CA PRO H 105 -1.01 1.92 11.61
C PRO H 105 -0.37 1.75 10.24
N VAL H 106 0.39 0.68 10.01
CA VAL H 106 1.00 0.50 8.69
C VAL H 106 -0.08 0.26 7.64
N VAL H 107 -0.98 -0.69 7.90
CA VAL H 107 -2.04 -0.91 6.93
C VAL H 107 -2.93 0.32 6.84
N THR H 108 -3.17 1.01 7.96
CA THR H 108 -4.00 2.20 7.87
C THR H 108 -3.33 3.25 7.01
N GLY H 109 -2.01 3.31 7.02
CA GLY H 109 -1.32 4.19 6.09
C GLY H 109 -1.52 3.74 4.65
N LEU H 110 -1.13 2.50 4.36
CA LEU H 110 -1.19 2.02 2.99
C LEU H 110 -2.59 2.09 2.42
N LEU H 111 -3.62 2.16 3.25
CA LEU H 111 -4.96 2.37 2.74
C LEU H 111 -5.33 3.83 2.66
N PHE H 112 -5.09 4.59 3.71
CA PHE H 112 -5.34 6.02 3.66
C PHE H 112 -4.46 6.66 2.61
N ALA H 113 -3.17 6.35 2.60
CA ALA H 113 -2.33 6.83 1.51
C ALA H 113 -2.73 6.22 0.19
N GLY H 114 -3.50 5.15 0.19
CA GLY H 114 -3.99 4.61 -1.05
C GLY H 114 -5.13 5.43 -1.61
N ARG H 115 -6.17 5.62 -0.82
CA ARG H 115 -7.35 6.33 -1.31
C ARG H 115 -7.27 7.81 -1.01
N ALA H 116 -7.30 8.16 0.27
CA ALA H 116 -7.31 9.58 0.60
C ALA H 116 -5.95 10.21 0.43
N GLY H 117 -4.92 9.42 0.17
CA GLY H 117 -3.66 9.98 -0.24
C GLY H 117 -3.56 10.21 -1.71
N SER H 118 -4.55 9.74 -2.47
CA SER H 118 -4.56 9.94 -3.91
C SER H 118 -5.71 10.83 -4.35
N ALA H 119 -6.94 10.45 -4.05
CA ALA H 119 -8.07 11.26 -4.50
C ALA H 119 -8.05 12.61 -3.81
N LEU H 120 -7.02 12.83 -2.99
CA LEU H 120 -6.68 14.14 -2.46
C LEU H 120 -5.64 14.84 -3.32
N THR H 121 -4.73 14.08 -3.93
CA THR H 121 -3.79 14.67 -4.86
C THR H 121 -4.46 14.98 -6.18
N ALA H 122 -5.24 14.05 -6.69
CA ALA H 122 -5.94 14.30 -7.95
C ALA H 122 -6.89 15.47 -7.80
N GLU H 123 -7.47 15.66 -6.62
CA GLU H 123 -8.39 16.76 -6.44
C GLU H 123 -7.69 18.10 -6.64
N ILE H 124 -6.64 18.36 -5.86
CA ILE H 124 -6.00 19.66 -5.96
C ILE H 124 -5.07 19.67 -7.16
N GLY H 125 -5.01 18.56 -7.88
CA GLY H 125 -4.28 18.59 -9.12
C GLY H 125 -5.21 19.13 -10.17
N ASN H 126 -6.34 18.45 -10.34
CA ASN H 126 -7.41 18.93 -11.21
C ASN H 126 -7.68 20.39 -10.96
N MET H 127 -7.75 20.81 -9.70
CA MET H 127 -7.94 22.22 -9.42
C MET H 127 -6.90 23.06 -10.13
N LYS H 128 -5.64 22.66 -10.03
CA LYS H 128 -4.60 23.42 -10.69
C LYS H 128 -4.71 23.36 -12.20
N ALA H 129 -5.28 22.28 -12.72
CA ALA H 129 -5.25 22.05 -14.15
C ALA H 129 -6.36 22.77 -14.89
N THR H 130 -7.51 22.96 -14.27
CA THR H 130 -8.55 23.79 -14.85
C THR H 130 -8.40 25.25 -14.45
N GLU H 131 -7.23 25.62 -13.92
CA GLU H 131 -6.88 26.99 -13.59
C GLU H 131 -7.71 27.50 -12.42
N GLN H 132 -8.69 26.71 -11.99
CA GLN H 132 -9.48 27.07 -10.82
C GLN H 132 -8.59 27.46 -9.66
N LEU H 133 -7.48 26.75 -9.49
CA LEU H 133 -6.57 27.06 -8.40
C LEU H 133 -5.87 28.38 -8.63
N SER H 134 -5.85 28.86 -9.86
CA SER H 134 -5.14 30.09 -10.15
C SER H 134 -6.04 31.31 -10.02
N SER H 135 -7.27 31.24 -10.50
CA SER H 135 -8.19 32.37 -10.35
C SER H 135 -8.36 32.78 -8.90
N LEU H 136 -8.09 31.90 -7.95
CA LEU H 136 -8.11 32.31 -6.55
C LEU H 136 -7.16 33.47 -6.31
N GLU H 137 -5.96 33.41 -6.88
CA GLU H 137 -5.05 34.53 -6.72
C GLU H 137 -5.59 35.78 -7.38
N MET H 138 -6.00 35.69 -8.65
CA MET H 138 -6.58 36.85 -9.31
C MET H 138 -7.74 37.43 -8.53
N ILE H 139 -8.41 36.61 -7.74
CA ILE H 139 -9.34 37.15 -6.76
C ILE H 139 -8.58 37.77 -5.60
N GLY H 140 -7.69 37.02 -4.99
CA GLY H 140 -6.89 37.58 -3.93
C GLY H 140 -6.62 36.64 -2.78
N VAL H 141 -7.40 35.58 -2.68
CA VAL H 141 -7.20 34.61 -1.63
C VAL H 141 -5.92 33.84 -1.90
N ASP H 142 -5.18 33.53 -0.86
CA ASP H 142 -4.01 32.70 -1.03
C ASP H 142 -4.46 31.24 -1.11
N PRO H 143 -4.25 30.57 -2.23
CA PRO H 143 -4.69 29.17 -2.30
C PRO H 143 -4.02 28.31 -1.27
N LEU H 144 -2.73 28.52 -1.03
CA LEU H 144 -2.01 27.69 -0.07
C LEU H 144 -2.61 27.75 1.32
N LYS H 145 -3.59 28.61 1.55
CA LYS H 145 -4.28 28.64 2.82
C LYS H 145 -5.75 28.35 2.72
N TYR H 146 -6.35 28.55 1.56
CA TYR H 146 -7.76 28.25 1.37
C TYR H 146 -7.99 26.88 0.77
N ILE H 147 -7.06 26.39 -0.04
CA ILE H 147 -7.25 25.16 -0.78
C ILE H 147 -6.50 24.00 -0.13
N VAL H 148 -5.28 24.23 0.34
CA VAL H 148 -4.47 23.13 0.84
C VAL H 148 -4.37 23.10 2.35
N ALA H 149 -4.49 24.23 3.03
CA ALA H 149 -4.42 24.19 4.49
C ALA H 149 -5.52 23.32 5.07
N PRO H 150 -6.78 23.45 4.66
CA PRO H 150 -7.76 22.49 5.15
C PRO H 150 -7.47 21.07 4.72
N ARG H 151 -6.77 20.85 3.61
CA ARG H 151 -6.36 19.49 3.30
C ARG H 151 -5.43 18.94 4.37
N LEU H 152 -4.36 19.68 4.68
CA LEU H 152 -3.43 19.22 5.70
C LEU H 152 -4.14 19.00 7.02
N TRP H 153 -5.07 19.88 7.37
CA TRP H 153 -5.73 19.71 8.66
C TRP H 153 -6.68 18.53 8.64
N ALA H 154 -7.35 18.29 7.52
CA ALA H 154 -8.16 17.09 7.42
C ALA H 154 -7.29 15.86 7.39
N GLY H 155 -6.02 16.01 7.07
CA GLY H 155 -5.15 14.87 7.13
C GLY H 155 -4.80 14.56 8.57
N PHE H 156 -4.20 15.54 9.25
CA PHE H 156 -3.64 15.27 10.57
C PHE H 156 -4.71 14.81 11.54
N ILE H 157 -5.93 15.29 11.41
CA ILE H 157 -6.95 15.00 12.40
C ILE H 157 -7.92 13.92 11.89
N SER H 158 -7.56 13.23 10.83
CA SER H 158 -8.37 12.11 10.40
C SER H 158 -7.63 10.79 10.46
N MET H 159 -6.44 10.72 9.88
CA MET H 159 -5.73 9.44 9.85
C MET H 159 -5.51 8.84 11.22
N PRO H 160 -5.18 9.60 12.28
CA PRO H 160 -5.08 8.95 13.59
C PRO H 160 -6.38 8.38 14.07
N LEU H 161 -7.47 9.14 13.94
CA LEU H 161 -8.78 8.62 14.28
C LEU H 161 -9.07 7.37 13.46
N LEU H 162 -8.69 7.39 12.19
CA LEU H 162 -8.91 6.23 11.34
C LEU H 162 -8.12 5.03 11.83
N ALA H 163 -6.88 5.25 12.25
CA ALA H 163 -6.09 4.14 12.76
C ALA H 163 -6.72 3.57 14.02
N ALA H 164 -7.25 4.44 14.88
CA ALA H 164 -7.93 3.95 16.07
C ALA H 164 -9.14 3.11 15.69
N ILE H 165 -9.96 3.62 14.78
CA ILE H 165 -11.15 2.89 14.38
C ILE H 165 -10.77 1.55 13.76
N PHE H 166 -9.71 1.56 12.96
CA PHE H 166 -9.25 0.35 12.33
C PHE H 166 -8.80 -0.66 13.37
N SER H 167 -7.99 -0.23 14.32
CA SER H 167 -7.51 -1.15 15.33
C SER H 167 -8.67 -1.72 16.14
N VAL H 168 -9.65 -0.88 16.47
CA VAL H 168 -10.80 -1.36 17.21
C VAL H 168 -11.54 -2.43 16.42
N VAL H 169 -11.91 -2.12 15.19
CA VAL H 169 -12.67 -3.09 14.42
C VAL H 169 -11.85 -4.34 14.17
N GLY H 170 -10.53 -4.19 14.03
CA GLY H 170 -9.69 -5.35 13.85
C GLY H 170 -9.72 -6.27 15.05
N ILE H 171 -9.53 -5.71 16.23
CA ILE H 171 -9.58 -6.52 17.44
C ILE H 171 -10.94 -7.17 17.58
N TRP H 172 -12.01 -6.42 17.32
CA TRP H 172 -13.33 -6.99 17.51
C TRP H 172 -13.58 -8.13 16.55
N GLY H 173 -13.16 -7.97 15.29
CA GLY H 173 -13.34 -9.06 14.35
C GLY H 173 -12.51 -10.27 14.72
N GLY H 174 -11.28 -10.04 15.15
CA GLY H 174 -10.46 -11.14 15.62
C GLY H 174 -11.13 -11.91 16.71
N ALA H 175 -11.74 -11.20 17.66
CA ALA H 175 -12.47 -11.89 18.70
C ALA H 175 -13.63 -12.67 18.13
N MET H 176 -14.47 -11.99 17.33
CA MET H 176 -15.65 -12.62 16.79
C MET H 176 -15.36 -13.91 16.03
N VAL H 177 -14.29 -14.00 15.27
CA VAL H 177 -13.92 -15.25 14.65
C VAL H 177 -13.30 -16.21 15.65
N ALA H 178 -12.47 -15.71 16.55
CA ALA H 178 -11.87 -16.58 17.55
C ALA H 178 -12.91 -17.16 18.48
N VAL H 179 -13.78 -16.31 19.00
CA VAL H 179 -14.81 -16.79 19.91
C VAL H 179 -15.79 -17.70 19.18
N ASP H 180 -16.45 -17.17 18.16
CA ASP H 180 -17.59 -17.88 17.60
C ASP H 180 -17.19 -18.98 16.64
N TRP H 181 -16.10 -18.83 15.91
CA TRP H 181 -15.74 -19.81 14.90
C TRP H 181 -14.58 -20.69 15.32
N LEU H 182 -13.59 -20.13 16.00
CA LEU H 182 -12.53 -20.98 16.55
C LEU H 182 -12.96 -21.65 17.82
N GLY H 183 -13.87 -21.04 18.57
CA GLY H 183 -14.36 -21.64 19.78
C GLY H 183 -13.57 -21.32 21.04
N VAL H 184 -12.45 -20.60 20.93
CA VAL H 184 -11.71 -20.25 22.14
C VAL H 184 -12.60 -19.46 23.09
N TYR H 185 -12.24 -19.50 24.37
CA TYR H 185 -13.18 -19.10 25.40
C TYR H 185 -13.30 -17.58 25.50
N GLU H 186 -14.48 -17.13 25.88
CA GLU H 186 -14.83 -15.72 25.82
C GLU H 186 -13.92 -14.88 26.71
N GLY H 187 -14.02 -15.08 28.02
CA GLY H 187 -13.34 -14.20 28.96
C GLY H 187 -11.83 -14.31 28.88
N SER H 188 -11.32 -15.51 28.59
CA SER H 188 -9.88 -15.74 28.54
C SER H 188 -9.23 -14.80 27.54
N PHE H 189 -9.89 -14.55 26.42
CA PHE H 189 -9.38 -13.67 25.37
C PHE H 189 -9.08 -12.30 25.93
N TRP H 190 -10.12 -11.57 26.33
CA TRP H 190 -9.92 -10.23 26.86
C TRP H 190 -9.00 -10.25 28.08
N ALA H 191 -8.99 -11.35 28.82
CA ALA H 191 -8.15 -11.42 30.02
C ALA H 191 -6.68 -11.36 29.64
N ASN H 192 -6.22 -12.33 28.85
CA ASN H 192 -4.81 -12.33 28.46
C ASN H 192 -4.49 -11.07 27.69
N MET H 193 -5.47 -10.52 26.97
CA MET H 193 -5.23 -9.29 26.22
C MET H 193 -4.87 -8.15 27.16
N GLN H 194 -5.77 -7.84 28.09
CA GLN H 194 -5.54 -6.74 29.01
C GLN H 194 -4.35 -6.99 29.92
N ASN H 195 -3.98 -8.24 30.14
CA ASN H 195 -2.79 -8.50 30.95
C ASN H 195 -1.51 -8.25 30.20
N SER H 196 -1.58 -7.94 28.91
CA SER H 196 -0.38 -7.85 28.09
C SER H 196 -0.46 -6.69 27.13
N VAL H 197 -0.88 -5.52 27.58
CA VAL H 197 -1.14 -4.40 26.69
C VAL H 197 -0.12 -3.29 26.85
N GLN H 198 0.15 -2.85 28.08
CA GLN H 198 1.08 -1.76 28.36
C GLN H 198 0.66 -0.48 27.61
N PHE H 199 -0.49 0.05 28.06
CA PHE H 199 -1.14 1.16 27.36
C PHE H 199 -0.18 2.25 26.92
N THR H 200 0.43 2.94 27.88
CA THR H 200 1.23 4.10 27.54
C THR H 200 2.44 3.71 26.73
N GLU H 201 2.62 2.42 26.49
CA GLU H 201 3.87 1.87 26.01
C GLU H 201 3.69 1.07 24.72
N ASP H 202 2.46 0.63 24.43
CA ASP H 202 2.08 0.08 23.14
C ASP H 202 0.97 0.87 22.46
N VAL H 203 -0.13 1.15 23.17
CA VAL H 203 -1.23 1.86 22.54
C VAL H 203 -0.81 3.25 22.12
N LEU H 204 -0.31 4.04 23.07
CA LEU H 204 0.18 5.36 22.72
C LEU H 204 1.32 5.28 21.72
N ASN H 205 2.11 4.21 21.78
CA ASN H 205 3.14 4.03 20.78
C ASN H 205 2.53 3.95 19.39
N GLY H 206 1.53 3.10 19.23
CA GLY H 206 0.86 2.99 17.95
C GLY H 206 0.19 4.27 17.52
N VAL H 207 -0.32 5.04 18.48
CA VAL H 207 -1.01 6.27 18.11
C VAL H 207 -0.03 7.32 17.63
N ILE H 208 1.09 7.49 18.34
CA ILE H 208 2.08 8.45 17.86
C ILE H 208 2.64 7.99 16.53
N LYS H 209 2.80 6.68 16.36
CA LYS H 209 3.22 6.15 15.08
C LYS H 209 2.21 6.49 14.00
N SER H 210 0.93 6.39 14.31
CA SER H 210 -0.08 6.75 13.34
C SER H 210 0.01 8.22 12.99
N ILE H 211 0.17 9.08 13.99
CA ILE H 211 0.14 10.52 13.73
C ILE H 211 1.32 10.92 12.87
N VAL H 212 2.49 10.35 13.12
CA VAL H 212 3.66 10.88 12.42
C VAL H 212 3.56 10.63 10.93
N PHE H 213 3.20 9.41 10.51
CA PHE H 213 3.04 9.22 9.08
C PHE H 213 1.62 9.46 8.60
N ALA H 214 0.75 9.99 9.46
CA ALA H 214 -0.37 10.76 8.95
C ALA H 214 0.11 12.07 8.40
N PHE H 215 0.88 12.79 9.22
CA PHE H 215 1.51 14.01 8.76
C PHE H 215 2.29 13.77 7.49
N VAL H 216 3.15 12.75 7.49
CA VAL H 216 3.96 12.50 6.32
C VAL H 216 3.16 12.10 5.09
N VAL H 217 2.11 11.31 5.24
CA VAL H 217 1.30 10.97 4.08
C VAL H 217 0.59 12.21 3.56
N THR H 218 -0.28 12.79 4.36
CA THR H 218 -1.01 13.91 3.80
C THR H 218 -0.20 15.10 3.64
N TRP H 219 1.11 15.03 3.81
CA TRP H 219 1.97 16.10 3.35
C TRP H 219 2.35 15.92 1.89
N ILE H 220 2.88 14.77 1.52
CA ILE H 220 3.20 14.56 0.12
C ILE H 220 1.92 14.46 -0.70
N ALA H 221 0.91 13.80 -0.15
CA ALA H 221 -0.32 13.58 -0.90
C ALA H 221 -0.99 14.88 -1.29
N VAL H 222 -0.59 16.00 -0.72
CA VAL H 222 -1.10 17.29 -1.14
C VAL H 222 -0.03 18.10 -1.86
N TYR H 223 1.23 17.98 -1.46
CA TYR H 223 2.26 18.69 -2.20
C TYR H 223 2.25 18.26 -3.65
N GLN H 224 2.38 16.95 -3.89
CA GLN H 224 2.39 16.45 -5.25
C GLN H 224 1.22 17.01 -6.04
N GLY H 225 0.05 17.06 -5.43
CA GLY H 225 -1.09 17.62 -6.12
C GLY H 225 -0.92 19.09 -6.41
N TYR H 226 -0.16 19.79 -5.57
CA TYR H 226 0.03 21.20 -5.85
C TYR H 226 1.09 21.44 -6.91
N ASP H 227 2.00 20.51 -7.10
CA ASP H 227 3.12 20.73 -7.99
C ASP H 227 2.92 20.14 -9.38
N CYS H 228 2.05 19.16 -9.54
CA CYS H 228 1.90 18.46 -10.80
C CYS H 228 1.59 19.42 -11.94
N GLU H 229 2.23 19.21 -13.08
CA GLU H 229 2.02 20.09 -14.21
C GLU H 229 0.60 19.95 -14.72
N PRO H 230 0.00 21.02 -15.15
CA PRO H 230 -1.44 20.99 -15.45
C PRO H 230 -1.76 20.32 -16.78
N THR H 231 -1.88 19.00 -16.78
CA THR H 231 -2.40 18.31 -17.95
C THR H 231 -2.85 16.92 -17.53
N SER H 232 -3.91 16.44 -18.18
CA SER H 232 -4.54 15.19 -17.76
C SER H 232 -3.55 14.05 -17.68
N GLU H 233 -2.39 14.16 -18.30
CA GLU H 233 -1.36 13.17 -18.08
C GLU H 233 -0.53 13.51 -16.86
N GLY H 234 -0.30 14.79 -16.62
CA GLY H 234 0.46 15.17 -15.45
C GLY H 234 -0.19 14.70 -14.17
N ILE H 235 -1.48 14.99 -14.02
CA ILE H 235 -2.17 14.56 -12.81
C ILE H 235 -2.20 13.05 -12.72
N SER H 236 -2.39 12.38 -13.84
CA SER H 236 -2.46 10.93 -13.82
C SER H 236 -1.14 10.33 -13.38
N ARG H 237 -0.05 11.07 -13.50
CA ARG H 237 1.23 10.58 -13.03
C ARG H 237 1.53 11.03 -11.61
N ALA H 238 1.04 12.20 -11.23
CA ALA H 238 1.23 12.63 -9.86
C ALA H 238 0.44 11.77 -8.90
N THR H 239 -0.77 11.39 -9.27
CA THR H 239 -1.53 10.55 -8.35
C THR H 239 -0.99 9.15 -8.28
N THR H 240 0.10 8.85 -8.97
CA THR H 240 0.87 7.64 -8.78
C THR H 240 2.17 7.88 -8.05
N ARG H 241 2.82 9.00 -8.32
CA ARG H 241 3.95 9.38 -7.50
C ARG H 241 3.55 9.48 -6.04
N THR H 242 2.35 9.97 -5.76
CA THR H 242 1.91 10.12 -4.38
C THR H 242 1.31 8.87 -3.81
N VAL H 243 1.43 7.74 -4.48
CA VAL H 243 1.22 6.45 -3.87
C VAL H 243 2.53 5.70 -3.70
N VAL H 244 3.38 5.76 -4.71
CA VAL H 244 4.75 5.27 -4.54
C VAL H 244 5.35 5.88 -3.29
N TYR H 245 5.45 7.21 -3.25
CA TYR H 245 6.11 7.86 -2.13
C TYR H 245 5.29 7.72 -0.86
N ALA H 246 3.98 7.76 -0.96
CA ALA H 246 3.21 7.67 0.26
C ALA H 246 3.23 6.29 0.87
N SER H 247 3.65 5.27 0.13
CA SER H 247 3.85 3.98 0.74
C SER H 247 5.29 3.77 1.18
N LEU H 248 6.23 4.20 0.35
CA LEU H 248 7.62 4.23 0.74
C LEU H 248 7.78 4.92 2.09
N ALA H 249 7.25 6.12 2.21
CA ALA H 249 7.41 6.87 3.44
C ALA H 249 6.65 6.25 4.60
N VAL H 250 5.46 5.71 4.35
CA VAL H 250 4.76 5.02 5.42
C VAL H 250 5.65 3.94 6.01
N LEU H 251 6.18 3.07 5.17
CA LEU H 251 6.97 1.97 5.71
C LEU H 251 8.29 2.44 6.29
N GLY H 252 8.95 3.38 5.62
CA GLY H 252 10.22 3.86 6.12
C GLY H 252 10.10 4.49 7.49
N LEU H 253 9.13 5.39 7.65
CA LEU H 253 8.96 6.00 8.95
C LEU H 253 8.38 5.04 9.96
N ASP H 254 7.65 4.02 9.53
CA ASP H 254 7.30 2.97 10.47
C ASP H 254 8.55 2.30 11.01
N PHE H 255 9.49 2.01 10.13
CA PHE H 255 10.71 1.35 10.55
C PHE H 255 11.48 2.21 11.52
N ILE H 256 11.69 3.47 11.17
CA ILE H 256 12.42 4.36 12.08
C ILE H 256 11.67 4.49 13.39
N LEU H 257 10.37 4.74 13.35
CA LEU H 257 9.60 4.95 14.55
C LEU H 257 9.50 3.69 15.40
N THR H 258 9.75 2.52 14.83
CA THR H 258 9.81 1.33 15.67
C THR H 258 11.23 1.00 16.10
N ALA H 259 12.23 1.62 15.48
CA ALA H 259 13.57 1.51 16.03
C ALA H 259 13.78 2.47 17.17
N LEU H 260 13.11 3.62 17.13
CA LEU H 260 13.06 4.49 18.30
C LEU H 260 12.53 3.75 19.51
N MET H 261 11.65 2.77 19.31
CA MET H 261 11.04 2.09 20.44
C MET H 261 10.62 0.70 20.01
N PHE H 262 11.21 -0.31 20.63
CA PHE H 262 10.92 -1.69 20.25
C PHE H 262 9.50 -2.07 20.64
N ALA I 6 -22.30 6.87 -56.77
CA ALA I 6 -22.49 8.29 -57.01
C ALA I 6 -22.16 9.08 -55.75
N TYR I 7 -22.49 8.49 -54.61
CA TYR I 7 -22.19 9.07 -53.31
C TYR I 7 -21.20 8.18 -52.58
N ALA I 8 -20.29 8.82 -51.85
CA ALA I 8 -19.30 8.05 -51.11
C ALA I 8 -19.93 7.37 -49.90
N VAL I 9 -20.68 8.12 -49.10
CA VAL I 9 -21.28 7.59 -47.88
C VAL I 9 -22.72 8.09 -47.79
N GLU I 10 -23.64 7.18 -47.53
CA GLU I 10 -25.04 7.50 -47.33
C GLU I 10 -25.53 6.77 -46.09
N LEU I 11 -26.43 7.42 -45.35
CA LEU I 11 -26.91 6.92 -44.07
C LEU I 11 -28.42 6.76 -44.15
N LYS I 12 -28.88 5.58 -44.52
CA LYS I 12 -30.31 5.37 -44.71
C LYS I 12 -30.94 4.89 -43.40
N GLY I 13 -31.97 5.62 -42.96
CA GLY I 13 -32.79 5.25 -41.82
C GLY I 13 -32.00 4.99 -40.56
N LEU I 14 -31.00 5.81 -40.30
CA LEU I 14 -30.11 5.58 -39.18
C LEU I 14 -30.63 6.23 -37.92
N THR I 15 -30.64 5.47 -36.83
CA THR I 15 -30.96 5.99 -35.52
C THR I 15 -30.06 5.33 -34.50
N PHE I 16 -29.82 6.04 -33.41
CA PHE I 16 -28.91 5.57 -32.37
C PHE I 16 -29.37 6.10 -31.03
N LYS I 17 -29.31 5.25 -30.01
CA LYS I 17 -29.67 5.66 -28.66
C LYS I 17 -28.60 5.16 -27.71
N ARG I 18 -28.06 6.06 -26.91
CA ARG I 18 -27.07 5.75 -25.90
C ARG I 18 -27.82 5.69 -24.57
N GLY I 19 -28.13 4.49 -24.12
CA GLY I 19 -28.95 4.35 -22.93
C GLY I 19 -30.36 4.84 -23.14
N SER I 20 -30.95 4.53 -24.29
CA SER I 20 -32.29 4.97 -24.67
C SER I 20 -32.43 6.49 -24.69
N ARG I 21 -31.31 7.21 -24.74
CA ARG I 21 -31.38 8.67 -24.86
C ARG I 21 -31.73 9.12 -26.27
N ALA I 22 -31.67 8.21 -27.25
CA ALA I 22 -32.00 8.50 -28.64
C ALA I 22 -31.08 9.58 -29.20
N ILE I 23 -29.78 9.25 -29.25
CA ILE I 23 -28.80 10.18 -29.79
C ILE I 23 -29.13 10.52 -31.23
N PHE I 24 -29.27 9.50 -32.08
CA PHE I 24 -29.65 9.70 -33.47
C PHE I 24 -30.99 9.05 -33.72
N ASP I 25 -31.75 9.65 -34.62
CA ASP I 25 -33.17 9.35 -34.67
C ASP I 25 -33.60 9.38 -36.14
N ASN I 26 -33.54 8.23 -36.80
CA ASN I 26 -33.97 8.07 -38.19
C ASN I 26 -33.47 9.20 -39.08
N ILE I 27 -32.16 9.24 -39.27
CA ILE I 27 -31.54 10.29 -40.04
C ILE I 27 -31.22 9.80 -41.44
N ASP I 28 -31.00 10.75 -42.35
CA ASP I 28 -30.58 10.44 -43.72
C ASP I 28 -29.56 11.48 -44.14
N VAL I 29 -28.28 11.10 -44.15
CA VAL I 29 -27.24 11.94 -44.70
C VAL I 29 -26.61 11.20 -45.86
N ARG I 30 -26.22 11.96 -46.88
CA ARG I 30 -25.72 11.37 -48.12
C ARG I 30 -24.52 12.20 -48.58
N ILE I 31 -23.33 11.67 -48.38
CA ILE I 31 -22.10 12.40 -48.68
C ILE I 31 -21.70 12.20 -50.14
N PRO I 32 -21.43 13.27 -50.87
CA PRO I 32 -20.90 13.12 -52.23
C PRO I 32 -19.41 12.86 -52.20
N ARG I 33 -18.94 12.08 -53.16
CA ARG I 33 -17.52 11.75 -53.19
C ARG I 33 -16.72 12.84 -53.90
N GLY I 34 -15.45 12.96 -53.53
CA GLY I 34 -14.59 13.97 -54.05
C GLY I 34 -14.76 15.34 -53.44
N LYS I 35 -15.84 15.58 -52.71
CA LYS I 35 -16.14 16.90 -52.18
C LYS I 35 -16.02 16.91 -50.67
N VAL I 36 -15.29 17.88 -50.15
CA VAL I 36 -15.12 18.07 -48.72
C VAL I 36 -16.45 18.56 -48.15
N THR I 37 -17.13 17.70 -47.41
CA THR I 37 -18.33 18.11 -46.71
C THR I 37 -18.05 18.22 -45.23
N GLY I 38 -18.60 19.25 -44.61
CA GLY I 38 -18.36 19.44 -43.21
C GLY I 38 -19.63 19.46 -42.40
N ILE I 39 -19.83 18.49 -41.57
CA ILE I 39 -21.03 18.45 -40.77
C ILE I 39 -20.72 19.09 -39.42
N MET I 40 -21.74 19.62 -38.77
CA MET I 40 -21.54 20.31 -37.51
C MET I 40 -22.89 20.44 -36.84
N GLY I 41 -22.90 21.12 -35.70
CA GLY I 41 -24.12 21.34 -34.96
C GLY I 41 -23.85 21.92 -33.60
N PRO I 42 -24.90 22.10 -32.82
CA PRO I 42 -24.74 22.72 -31.51
C PRO I 42 -23.93 21.88 -30.55
N SER I 43 -23.78 22.36 -29.32
CA SER I 43 -23.05 21.60 -28.33
C SER I 43 -23.76 20.29 -28.05
N GLY I 44 -22.97 19.25 -27.78
CA GLY I 44 -23.53 17.95 -27.46
C GLY I 44 -24.51 17.45 -28.48
N CYS I 45 -24.38 17.90 -29.72
CA CYS I 45 -25.34 17.52 -30.74
C CYS I 45 -25.05 16.17 -31.35
N GLY I 46 -23.94 15.54 -31.03
CA GLY I 46 -23.79 14.15 -31.41
C GLY I 46 -22.94 13.92 -32.64
N LYS I 47 -22.10 14.88 -32.99
CA LYS I 47 -21.29 14.76 -34.20
C LYS I 47 -20.30 13.61 -34.11
N THR I 48 -19.41 13.65 -33.12
CA THR I 48 -18.42 12.59 -32.96
C THR I 48 -19.10 11.22 -32.94
N THR I 49 -20.30 11.15 -32.37
CA THR I 49 -21.06 9.92 -32.46
C THR I 49 -21.29 9.56 -33.91
N LEU I 50 -21.69 10.52 -34.72
CA LEU I 50 -21.86 10.26 -36.14
C LEU I 50 -20.57 9.78 -36.77
N LEU I 51 -19.44 10.32 -36.35
CA LEU I 51 -18.16 9.87 -36.87
C LEU I 51 -17.96 8.38 -36.58
N ARG I 52 -17.89 8.04 -35.30
CA ARG I 52 -17.67 6.66 -34.93
C ARG I 52 -18.72 5.74 -35.53
N LEU I 53 -19.89 6.26 -35.88
CA LEU I 53 -20.86 5.46 -36.61
C LEU I 53 -20.35 5.19 -38.02
N ILE I 54 -20.20 6.24 -38.82
CA ILE I 54 -19.86 6.04 -40.22
C ILE I 54 -18.46 5.51 -40.40
N ALA I 55 -17.70 5.38 -39.32
CA ALA I 55 -16.44 4.67 -39.34
C ALA I 55 -16.54 3.29 -38.73
N SER I 56 -17.73 2.89 -38.30
CA SER I 56 -17.98 1.54 -37.82
C SER I 56 -17.14 1.21 -36.60
N GLN I 57 -16.97 2.18 -35.71
CA GLN I 57 -16.53 1.86 -34.37
C GLN I 57 -17.70 1.66 -33.44
N LEU I 58 -18.83 2.27 -33.75
CA LEU I 58 -20.02 2.22 -32.92
C LEU I 58 -21.13 1.53 -33.69
N ARG I 59 -21.72 0.52 -33.08
CA ARG I 59 -22.74 -0.26 -33.77
C ARG I 59 -24.06 0.51 -33.80
N PRO I 60 -24.61 0.80 -34.97
CA PRO I 60 -25.89 1.51 -35.02
C PRO I 60 -27.01 0.65 -34.47
N SER I 61 -28.07 1.31 -34.02
CA SER I 61 -29.24 0.60 -33.55
C SER I 61 -29.99 -0.04 -34.70
N LYS I 62 -30.41 0.77 -35.67
CA LYS I 62 -31.02 0.25 -36.88
C LYS I 62 -30.84 1.27 -37.99
N GLY I 63 -30.74 0.78 -39.22
CA GLY I 63 -30.39 1.56 -40.38
C GLY I 63 -29.20 0.95 -41.08
N GLU I 64 -28.80 1.59 -42.18
CA GLU I 64 -27.63 1.10 -42.89
C GLU I 64 -26.76 2.26 -43.33
N VAL I 65 -25.47 1.99 -43.44
CA VAL I 65 -24.47 2.99 -43.80
C VAL I 65 -23.79 2.50 -45.07
N TRP I 66 -24.31 2.91 -46.21
CA TRP I 66 -23.66 2.56 -47.46
C TRP I 66 -22.37 3.34 -47.58
N VAL I 67 -21.27 2.63 -47.83
CA VAL I 67 -19.94 3.23 -47.87
C VAL I 67 -19.23 2.66 -49.08
N ASN I 68 -19.08 3.48 -50.12
CA ASN I 68 -18.34 3.10 -51.32
C ASN I 68 -18.82 1.75 -51.84
N GLY I 69 -20.12 1.52 -51.76
CA GLY I 69 -20.65 0.22 -52.10
C GLY I 69 -21.40 -0.41 -50.94
N GLN I 70 -20.83 -1.45 -50.36
CA GLN I 70 -21.48 -2.23 -49.32
C GLN I 70 -21.77 -1.39 -48.09
N ASN I 71 -22.61 -1.93 -47.21
CA ASN I 71 -22.86 -1.36 -45.90
C ASN I 71 -22.10 -2.14 -44.85
N LEU I 72 -21.66 -1.44 -43.82
CA LEU I 72 -20.74 -2.03 -42.86
C LEU I 72 -21.39 -2.91 -41.80
N PRO I 73 -22.42 -2.46 -41.05
CA PRO I 73 -22.85 -3.25 -39.87
C PRO I 73 -23.27 -4.65 -40.22
N GLN I 74 -23.37 -4.93 -41.51
CA GLN I 74 -23.80 -6.22 -42.02
C GLN I 74 -22.67 -6.88 -42.79
N LEU I 75 -21.45 -6.82 -42.26
CA LEU I 75 -20.31 -7.43 -42.90
C LEU I 75 -19.59 -8.37 -41.94
N SER I 76 -18.85 -9.31 -42.52
CA SER I 76 -18.08 -10.25 -41.73
C SER I 76 -16.79 -9.60 -41.25
N ARG I 77 -16.39 -9.97 -40.04
CA ARG I 77 -15.18 -9.42 -39.45
C ARG I 77 -14.01 -9.50 -40.41
N GLY I 78 -13.82 -10.66 -41.03
CA GLY I 78 -12.76 -10.81 -42.01
C GLY I 78 -12.89 -9.89 -43.20
N ASP I 79 -14.11 -9.44 -43.49
CA ASP I 79 -14.31 -8.48 -44.56
C ASP I 79 -14.40 -7.05 -44.07
N LEU I 80 -14.97 -6.84 -42.88
CA LEU I 80 -14.96 -5.52 -42.28
C LEU I 80 -13.54 -5.01 -42.13
N PHE I 81 -12.64 -5.88 -41.66
CA PHE I 81 -11.25 -5.49 -41.51
C PHE I 81 -10.67 -5.05 -42.85
N ASP I 82 -11.01 -5.76 -43.92
CA ASP I 82 -10.51 -5.35 -45.23
C ASP I 82 -11.11 -4.03 -45.65
N MET I 83 -12.36 -3.78 -45.28
CA MET I 83 -12.97 -2.50 -45.60
C MET I 83 -12.29 -1.37 -44.86
N ARG I 84 -11.78 -1.64 -43.66
CA ARG I 84 -11.10 -0.61 -42.88
C ARG I 84 -10.00 0.08 -43.66
N LYS I 85 -9.48 -0.55 -44.71
CA LYS I 85 -8.46 0.06 -45.53
C LYS I 85 -8.96 1.24 -46.34
N GLN I 86 -10.25 1.53 -46.31
CA GLN I 86 -10.80 2.53 -47.21
C GLN I 86 -10.92 3.90 -46.58
N PHE I 87 -11.09 3.99 -45.26
CA PHE I 87 -11.42 5.24 -44.61
C PHE I 87 -10.44 5.53 -43.49
N GLY I 88 -9.90 6.73 -43.50
CA GLY I 88 -9.00 7.15 -42.44
C GLY I 88 -9.69 8.12 -41.50
N VAL I 89 -9.15 8.31 -40.31
CA VAL I 89 -9.74 9.19 -39.32
C VAL I 89 -8.64 10.00 -38.65
N LEU I 90 -8.85 11.30 -38.55
CA LEU I 90 -7.94 12.20 -37.88
C LEU I 90 -8.70 12.85 -36.74
N PHE I 91 -8.40 12.44 -35.52
CA PHE I 91 -9.00 13.09 -34.37
C PHE I 91 -8.33 14.42 -34.11
N GLN I 92 -8.97 15.25 -33.31
CA GLN I 92 -8.20 16.31 -32.71
C GLN I 92 -7.39 15.75 -31.56
N SER I 93 -6.44 16.55 -31.08
CA SER I 93 -5.43 16.08 -30.14
C SER I 93 -4.65 14.93 -30.70
N GLY I 94 -4.60 14.80 -32.02
CA GLY I 94 -3.74 13.85 -32.67
C GLY I 94 -4.17 12.41 -32.50
N ALA I 95 -4.30 11.96 -31.26
CA ALA I 95 -4.51 10.56 -30.96
C ALA I 95 -3.35 9.73 -31.49
N LEU I 96 -2.16 10.07 -31.03
CA LEU I 96 -0.98 9.26 -31.30
C LEU I 96 -0.78 8.27 -30.17
N PHE I 97 -0.06 7.20 -30.47
CA PHE I 97 0.24 6.20 -29.47
C PHE I 97 1.48 6.64 -28.69
N THR I 98 1.28 6.98 -27.43
CA THR I 98 2.40 7.46 -26.63
C THR I 98 3.49 6.42 -26.52
N ASP I 99 3.18 5.16 -26.80
CA ASP I 99 4.19 4.13 -26.68
C ASP I 99 5.22 4.19 -27.80
N LEU I 100 4.78 4.37 -29.03
CA LEU I 100 5.65 4.27 -30.19
C LEU I 100 6.10 5.64 -30.64
N ASP I 101 7.29 5.70 -31.19
CA ASP I 101 7.82 6.96 -31.69
C ASP I 101 7.02 7.40 -32.91
N VAL I 102 7.40 8.55 -33.46
CA VAL I 102 6.67 9.07 -34.61
C VAL I 102 6.71 8.09 -35.76
N PHE I 103 7.88 7.58 -36.10
CA PHE I 103 7.98 6.75 -37.30
C PHE I 103 7.11 5.52 -37.17
N GLU I 104 7.31 4.74 -36.12
CA GLU I 104 6.49 3.55 -35.94
C GLU I 104 5.03 3.92 -35.86
N ASN I 105 4.71 5.05 -35.26
CA ASN I 105 3.33 5.49 -35.15
C ASN I 105 2.71 5.65 -36.53
N VAL I 106 3.42 6.30 -37.44
CA VAL I 106 2.86 6.49 -38.77
C VAL I 106 2.83 5.18 -39.53
N ALA I 107 3.79 4.32 -39.28
CA ALA I 107 3.83 3.08 -40.02
C ALA I 107 2.71 2.13 -39.60
N PHE I 108 2.24 2.26 -38.37
CA PHE I 108 1.33 1.28 -37.78
C PHE I 108 0.26 0.76 -38.73
N PRO I 109 -0.53 1.60 -39.41
CA PRO I 109 -1.57 1.03 -40.28
C PRO I 109 -1.01 0.13 -41.35
N LEU I 110 0.15 0.46 -41.89
CA LEU I 110 0.78 -0.42 -42.86
C LEU I 110 1.17 -1.74 -42.21
N ARG I 111 1.85 -1.68 -41.08
CA ARG I 111 2.30 -2.86 -40.39
C ARG I 111 1.11 -3.72 -39.97
N VAL I 112 -0.08 -3.18 -40.07
CA VAL I 112 -1.30 -3.93 -39.79
C VAL I 112 -1.90 -4.53 -41.05
N HIS I 113 -2.30 -3.70 -41.99
CA HIS I 113 -3.08 -4.19 -43.12
C HIS I 113 -2.24 -4.69 -44.27
N THR I 114 -0.92 -4.66 -44.17
CA THR I 114 -0.12 -5.01 -45.32
C THR I 114 1.21 -5.60 -44.86
N GLN I 115 1.76 -6.48 -45.67
CA GLN I 115 2.99 -7.19 -45.37
C GLN I 115 4.03 -6.73 -46.39
N LEU I 116 4.75 -5.68 -46.03
CA LEU I 116 5.73 -5.10 -46.92
C LEU I 116 7.13 -5.25 -46.36
N PRO I 117 8.12 -5.36 -47.24
CA PRO I 117 9.52 -5.34 -46.78
C PRO I 117 9.79 -4.12 -45.93
N GLU I 118 10.31 -4.36 -44.73
CA GLU I 118 10.44 -3.30 -43.75
C GLU I 118 11.20 -2.09 -44.28
N GLU I 119 11.91 -2.23 -45.38
CA GLU I 119 12.37 -1.02 -46.04
C GLU I 119 11.19 -0.29 -46.66
N MET I 120 10.38 -0.98 -47.46
CA MET I 120 9.37 -0.31 -48.27
C MET I 120 8.39 0.45 -47.39
N ILE I 121 8.05 -0.12 -46.24
CA ILE I 121 7.25 0.61 -45.26
C ILE I 121 7.94 1.91 -44.89
N ARG I 122 9.25 1.86 -44.69
CA ARG I 122 9.96 3.09 -44.35
C ARG I 122 9.84 4.11 -45.45
N ASP I 123 9.84 3.70 -46.70
CA ASP I 123 9.79 4.69 -47.77
C ASP I 123 8.40 5.30 -47.88
N ILE I 124 7.36 4.50 -47.72
CA ILE I 124 6.02 5.07 -47.73
C ILE I 124 5.85 6.04 -46.56
N VAL I 125 6.31 5.64 -45.38
CA VAL I 125 6.21 6.55 -44.24
C VAL I 125 6.94 7.84 -44.54
N LEU I 126 8.12 7.74 -45.15
CA LEU I 126 8.91 8.93 -45.38
C LEU I 126 8.23 9.86 -46.37
N MET I 127 7.72 9.31 -47.47
CA MET I 127 7.08 10.19 -48.43
C MET I 127 5.84 10.84 -47.83
N LYS I 128 5.09 10.11 -47.00
CA LYS I 128 3.94 10.72 -46.38
C LYS I 128 4.34 11.83 -45.43
N LEU I 129 5.31 11.55 -44.55
CA LEU I 129 5.76 12.56 -43.61
C LEU I 129 6.26 13.80 -44.32
N GLN I 130 6.90 13.62 -45.48
CA GLN I 130 7.28 14.78 -46.26
C GLN I 130 6.05 15.52 -46.75
N ALA I 131 5.06 14.78 -47.26
CA ALA I 131 3.85 15.43 -47.74
C ALA I 131 3.21 16.28 -46.67
N VAL I 132 3.26 15.83 -45.42
CA VAL I 132 2.69 16.60 -44.32
C VAL I 132 3.72 17.53 -43.69
N GLY I 133 5.00 17.35 -43.96
CA GLY I 133 6.01 18.23 -43.48
C GLY I 133 6.77 17.72 -42.28
N LEU I 134 6.12 16.92 -41.43
CA LEU I 134 6.82 16.28 -40.32
C LEU I 134 7.66 15.11 -40.82
N ARG I 135 8.61 15.44 -41.69
CA ARG I 135 9.57 14.46 -42.13
C ARG I 135 10.79 14.44 -41.22
N GLY I 136 11.16 15.59 -40.69
CA GLY I 136 12.32 15.66 -39.84
C GLY I 136 12.17 14.85 -38.56
N ALA I 137 11.04 14.99 -37.89
CA ALA I 137 10.92 14.35 -36.59
C ALA I 137 10.54 12.89 -36.73
N VAL I 138 11.25 12.16 -37.59
CA VAL I 138 10.98 10.74 -37.74
C VAL I 138 11.51 9.94 -36.56
N GLU I 139 12.13 10.59 -35.58
CA GLU I 139 12.61 9.92 -34.39
C GLU I 139 11.89 10.34 -33.12
N LEU I 140 11.31 11.53 -33.07
CA LEU I 140 10.76 12.01 -31.82
C LEU I 140 9.69 11.04 -31.32
N MET I 141 9.54 11.00 -30.01
CA MET I 141 8.36 10.35 -29.49
C MET I 141 7.26 11.40 -29.36
N PRO I 142 6.00 11.05 -29.55
CA PRO I 142 4.97 12.08 -29.49
C PRO I 142 4.94 12.80 -28.17
N ASP I 143 5.37 12.16 -27.08
CA ASP I 143 5.52 12.91 -25.85
C ASP I 143 6.44 14.10 -26.02
N GLU I 144 7.45 13.96 -26.89
CA GLU I 144 8.41 15.02 -27.14
C GLU I 144 7.93 16.03 -28.16
N LEU I 145 6.77 15.80 -28.77
CA LEU I 145 6.39 16.54 -29.95
C LEU I 145 5.45 17.68 -29.59
N SER I 146 5.69 18.84 -30.18
CA SER I 146 4.91 20.02 -29.85
C SER I 146 3.48 19.87 -30.34
N GLY I 147 2.53 20.22 -29.48
CA GLY I 147 1.13 19.93 -29.69
C GLY I 147 0.57 20.25 -31.05
N GLY I 148 1.22 21.15 -31.78
CA GLY I 148 0.75 21.49 -33.10
C GLY I 148 1.01 20.36 -34.07
N MET I 149 2.29 20.10 -34.35
CA MET I 149 2.62 19.02 -35.28
C MET I 149 2.10 17.67 -34.80
N LYS I 150 1.82 17.54 -33.50
CA LYS I 150 1.22 16.34 -32.97
C LYS I 150 -0.07 15.98 -33.67
N ARG I 151 -0.65 16.90 -34.41
CA ARG I 151 -1.82 16.61 -35.23
C ARG I 151 -1.46 16.32 -36.67
N ARG I 152 -0.48 17.00 -37.22
CA ARG I 152 -0.13 16.75 -38.61
C ARG I 152 0.45 15.36 -38.77
N VAL I 153 1.17 14.86 -37.77
CA VAL I 153 1.63 13.48 -37.86
C VAL I 153 0.45 12.54 -37.86
N ALA I 154 -0.58 12.82 -37.06
CA ALA I 154 -1.77 11.99 -37.10
C ALA I 154 -2.39 12.01 -38.48
N LEU I 155 -2.41 13.18 -39.11
CA LEU I 155 -2.97 13.27 -40.45
C LEU I 155 -2.18 12.41 -41.42
N ALA I 156 -0.85 12.42 -41.29
CA ALA I 156 -0.03 11.58 -42.15
C ALA I 156 -0.36 10.11 -41.92
N ARG I 157 -0.51 9.73 -40.66
CA ARG I 157 -0.90 8.36 -40.36
C ARG I 157 -2.22 8.01 -41.03
N ALA I 158 -3.15 8.95 -41.03
CA ALA I 158 -4.42 8.71 -41.70
C ALA I 158 -4.20 8.48 -43.18
N ILE I 159 -3.51 9.38 -43.85
CA ILE I 159 -3.41 9.34 -45.30
C ILE I 159 -2.53 8.16 -45.72
N ALA I 160 -1.84 7.55 -44.76
CA ALA I 160 -1.20 6.29 -45.07
C ALA I 160 -2.23 5.31 -45.60
N LEU I 161 -1.77 4.35 -46.39
CA LEU I 161 -2.63 3.38 -47.07
C LEU I 161 -3.44 4.03 -48.18
N ASP I 162 -3.36 5.34 -48.30
CA ASP I 162 -4.18 6.10 -49.25
C ASP I 162 -5.64 5.71 -49.14
N PRO I 163 -6.30 6.02 -48.04
CA PRO I 163 -7.74 5.78 -47.97
C PRO I 163 -8.47 6.70 -48.91
N GLN I 164 -9.62 6.24 -49.38
CA GLN I 164 -10.38 7.02 -50.34
C GLN I 164 -11.29 8.04 -49.67
N ILE I 165 -11.66 7.83 -48.42
CA ILE I 165 -12.37 8.83 -47.66
C ILE I 165 -11.71 8.95 -46.30
N LEU I 166 -11.90 10.09 -45.66
CA LEU I 166 -11.32 10.25 -44.34
C LEU I 166 -12.07 11.32 -43.57
N LEU I 167 -12.06 11.15 -42.25
CA LEU I 167 -12.89 11.90 -41.33
C LEU I 167 -12.00 12.83 -40.52
N TYR I 168 -12.56 13.95 -40.11
CA TYR I 168 -11.82 14.90 -39.30
C TYR I 168 -12.66 15.27 -38.11
N ASP I 169 -12.18 14.92 -36.92
CA ASP I 169 -12.87 15.23 -35.67
C ASP I 169 -12.33 16.54 -35.13
N GLU I 170 -13.01 17.63 -35.45
CA GLU I 170 -12.65 18.96 -34.96
C GLU I 170 -11.19 19.29 -35.28
N PRO I 171 -10.79 19.28 -36.54
CA PRO I 171 -9.38 19.51 -36.84
C PRO I 171 -8.91 20.90 -36.44
N PHE I 172 -9.55 21.95 -36.93
CA PHE I 172 -9.07 23.30 -36.68
C PHE I 172 -9.79 23.87 -35.46
N VAL I 173 -9.36 23.40 -34.29
CA VAL I 173 -9.90 23.87 -33.03
C VAL I 173 -8.77 24.15 -32.05
N GLY I 174 -8.52 25.42 -31.79
CA GLY I 174 -7.56 25.78 -30.75
C GLY I 174 -6.12 25.63 -31.16
N GLN I 175 -5.68 26.42 -32.13
CA GLN I 175 -4.27 26.52 -32.46
C GLN I 175 -4.02 27.84 -33.16
N ASP I 176 -2.78 28.30 -33.08
CA ASP I 176 -2.44 29.58 -33.67
C ASP I 176 -2.71 29.57 -35.17
N PRO I 177 -3.17 30.68 -35.74
CA PRO I 177 -3.63 30.66 -37.13
C PRO I 177 -2.57 30.26 -38.14
N ILE I 178 -1.31 30.16 -37.73
CA ILE I 178 -0.31 29.58 -38.63
C ILE I 178 -0.52 28.07 -38.74
N ALA I 179 -0.61 27.39 -37.59
CA ALA I 179 -0.90 25.97 -37.63
C ALA I 179 -2.27 25.70 -38.23
N MET I 180 -3.26 26.50 -37.85
CA MET I 180 -4.57 26.34 -38.48
C MET I 180 -4.48 26.55 -39.97
N GLY I 181 -3.64 27.48 -40.41
CA GLY I 181 -3.51 27.73 -41.84
C GLY I 181 -2.88 26.57 -42.57
N VAL I 182 -1.80 26.02 -42.02
CA VAL I 182 -1.17 24.89 -42.70
C VAL I 182 -2.10 23.70 -42.70
N LEU I 183 -2.86 23.52 -41.62
CA LEU I 183 -3.76 22.38 -41.60
C LEU I 183 -4.91 22.56 -42.59
N VAL I 184 -5.46 23.76 -42.68
CA VAL I 184 -6.54 23.96 -43.63
C VAL I 184 -6.01 23.95 -45.05
N ARG I 185 -4.72 24.18 -45.23
CA ARG I 185 -4.16 24.01 -46.56
C ARG I 185 -3.98 22.54 -46.88
N LEU I 186 -3.59 21.74 -45.90
CA LEU I 186 -3.38 20.32 -46.15
C LEU I 186 -4.69 19.59 -46.36
N ILE I 187 -5.68 19.84 -45.51
CA ILE I 187 -6.93 19.11 -45.64
C ILE I 187 -7.58 19.43 -46.97
N ARG I 188 -7.22 20.55 -47.58
CA ARG I 188 -7.74 20.87 -48.89
C ARG I 188 -6.84 20.37 -50.01
N LEU I 189 -5.53 20.38 -49.78
CA LEU I 189 -4.61 19.83 -50.76
C LEU I 189 -4.88 18.35 -50.98
N LEU I 190 -5.13 17.63 -49.89
CA LEU I 190 -5.43 16.21 -50.01
C LEU I 190 -6.66 15.98 -50.88
N ASN I 191 -7.62 16.89 -50.82
CA ASN I 191 -8.83 16.69 -51.60
C ASN I 191 -8.66 17.14 -53.04
N ASP I 192 -7.98 18.26 -53.26
CA ASP I 192 -7.78 18.77 -54.61
C ASP I 192 -6.87 17.88 -55.41
N ALA I 193 -5.81 17.37 -54.77
CA ALA I 193 -4.95 16.39 -55.42
C ALA I 193 -5.54 15.00 -55.34
N LEU I 194 -5.37 14.34 -54.19
CA LEU I 194 -5.67 12.91 -54.08
C LEU I 194 -7.12 12.56 -54.37
N GLY I 195 -7.99 13.56 -54.52
CA GLY I 195 -9.37 13.31 -54.89
C GLY I 195 -10.05 12.37 -53.94
N ILE I 196 -9.82 12.57 -52.64
CA ILE I 196 -10.38 11.72 -51.60
C ILE I 196 -11.44 12.49 -50.84
N THR I 197 -12.57 11.84 -50.61
CA THR I 197 -13.64 12.46 -49.84
C THR I 197 -13.16 12.74 -48.43
N SER I 198 -13.46 13.93 -47.95
CA SER I 198 -13.07 14.31 -46.61
C SER I 198 -14.26 14.88 -45.89
N ILE I 199 -14.44 14.50 -44.64
CA ILE I 199 -15.59 14.89 -43.85
C ILE I 199 -15.07 15.66 -42.65
N VAL I 200 -14.96 16.98 -42.79
CA VAL I 200 -14.63 17.79 -41.63
C VAL I 200 -15.81 17.76 -40.67
N VAL I 201 -15.53 17.85 -39.37
CA VAL I 201 -16.57 17.92 -38.35
C VAL I 201 -16.12 18.97 -37.35
N SER I 202 -16.60 20.19 -37.49
CA SER I 202 -16.06 21.27 -36.69
C SER I 202 -17.16 22.18 -36.17
N HIS I 203 -17.06 22.52 -34.88
CA HIS I 203 -17.91 23.58 -34.36
C HIS I 203 -17.58 24.91 -34.99
N ASP I 204 -16.31 25.13 -35.36
CA ASP I 204 -15.93 26.38 -35.99
C ASP I 204 -16.68 26.58 -37.29
N LEU I 205 -17.55 27.58 -37.34
CA LEU I 205 -18.34 27.77 -38.54
C LEU I 205 -17.52 28.41 -39.65
N ALA I 206 -16.69 29.39 -39.31
CA ALA I 206 -16.08 30.24 -40.32
C ALA I 206 -15.27 29.42 -41.32
N GLU I 207 -14.22 28.75 -40.85
CA GLU I 207 -13.34 28.06 -41.77
C GLU I 207 -14.04 26.86 -42.42
N THR I 208 -14.91 26.20 -41.67
CA THR I 208 -15.69 25.11 -42.24
C THR I 208 -16.45 25.59 -43.46
N ALA I 209 -17.37 26.54 -43.27
CA ALA I 209 -18.13 27.10 -44.38
C ALA I 209 -17.21 27.68 -45.43
N SER I 210 -16.00 28.08 -45.06
CA SER I 210 -15.06 28.56 -46.06
C SER I 210 -14.66 27.45 -47.02
N ILE I 211 -14.25 26.31 -46.49
CA ILE I 211 -13.66 25.29 -47.35
C ILE I 211 -14.69 24.25 -47.78
N ALA I 212 -15.70 24.02 -46.96
CA ALA I 212 -16.62 22.92 -47.20
C ALA I 212 -17.41 23.13 -48.50
N ASP I 213 -18.01 22.05 -48.97
CA ASP I 213 -18.82 22.06 -50.18
C ASP I 213 -20.29 21.81 -49.91
N TYR I 214 -20.61 20.81 -49.10
CA TYR I 214 -22.01 20.52 -48.79
C TYR I 214 -22.11 20.28 -47.29
N ILE I 215 -22.29 21.34 -46.56
CA ILE I 215 -22.32 21.31 -45.11
C ILE I 215 -23.66 20.79 -44.62
N TYR I 216 -23.63 20.05 -43.52
CA TYR I 216 -24.83 19.64 -42.82
C TYR I 216 -24.93 20.37 -41.50
N ILE I 217 -26.03 20.10 -40.79
CA ILE I 217 -26.22 20.60 -39.44
C ILE I 217 -26.97 19.52 -38.67
N VAL I 218 -26.32 18.93 -37.68
CA VAL I 218 -26.93 17.86 -36.91
C VAL I 218 -27.39 18.42 -35.58
N GLY I 219 -28.66 18.18 -35.25
CA GLY I 219 -29.21 18.65 -34.00
C GLY I 219 -30.25 17.71 -33.42
N ASP I 220 -30.06 17.36 -32.13
CA ASP I 220 -30.99 16.53 -31.36
C ASP I 220 -31.54 15.36 -32.17
N GLY I 221 -30.63 14.59 -32.75
CA GLY I 221 -30.99 13.35 -33.41
C GLY I 221 -31.60 13.49 -34.77
N ARG I 222 -31.64 14.68 -35.33
CA ARG I 222 -32.22 14.87 -36.65
C ARG I 222 -31.41 15.90 -37.40
N VAL I 223 -31.05 15.58 -38.65
CA VAL I 223 -30.36 16.54 -39.48
C VAL I 223 -31.21 17.78 -39.60
N LEU I 224 -30.65 18.92 -39.19
CA LEU I 224 -31.39 20.18 -39.25
C LEU I 224 -31.12 20.87 -40.59
N GLY I 225 -31.39 20.12 -41.64
CA GLY I 225 -31.17 20.63 -42.98
C GLY I 225 -29.73 20.54 -43.40
N HIS I 226 -29.47 21.02 -44.61
CA HIS I 226 -28.17 20.87 -45.24
C HIS I 226 -28.18 21.67 -46.52
N GLY I 227 -27.00 21.95 -47.03
CA GLY I 227 -26.87 22.66 -48.28
C GLY I 227 -25.44 23.07 -48.50
N THR I 228 -25.19 23.58 -49.70
CA THR I 228 -23.92 24.23 -49.92
C THR I 228 -23.90 25.53 -49.12
N PRO I 229 -22.72 26.08 -48.82
CA PRO I 229 -22.67 27.28 -47.96
C PRO I 229 -23.64 28.38 -48.33
N ASP I 230 -23.83 28.61 -49.64
CA ASP I 230 -24.68 29.71 -50.09
C ASP I 230 -26.11 29.55 -49.61
N VAL I 231 -26.79 28.50 -50.08
CA VAL I 231 -28.18 28.27 -49.68
C VAL I 231 -28.29 28.28 -48.16
N LEU I 232 -27.24 27.81 -47.48
CA LEU I 232 -27.28 27.76 -46.03
C LEU I 232 -27.15 29.13 -45.39
N LYS I 233 -26.55 30.09 -46.09
CA LYS I 233 -26.36 31.40 -45.50
C LYS I 233 -27.67 32.18 -45.41
N GLU I 234 -28.71 31.77 -46.13
CA GLU I 234 -30.00 32.47 -46.13
C GLU I 234 -31.15 31.48 -46.13
N THR I 235 -31.06 30.44 -45.30
CA THR I 235 -32.12 29.45 -45.26
C THR I 235 -33.38 29.99 -44.58
N ASP I 236 -33.23 31.00 -43.72
CA ASP I 236 -34.35 31.63 -43.03
C ASP I 236 -35.09 30.68 -42.12
N ASP I 237 -34.65 29.44 -42.05
CA ASP I 237 -35.15 28.55 -41.01
C ASP I 237 -34.66 29.07 -39.67
N PRO I 238 -35.55 29.48 -38.77
CA PRO I 238 -35.09 30.15 -37.54
C PRO I 238 -33.99 29.42 -36.81
N ARG I 239 -34.16 28.12 -36.58
CA ARG I 239 -33.11 27.34 -35.93
C ARG I 239 -31.78 27.50 -36.66
N ILE I 240 -31.78 27.20 -37.95
CA ILE I 240 -30.53 27.23 -38.70
C ILE I 240 -30.00 28.64 -38.78
N ARG I 241 -30.79 29.57 -39.32
CA ARG I 241 -30.34 30.95 -39.46
C ARG I 241 -29.86 31.51 -38.13
N GLN I 242 -30.35 30.99 -37.01
CA GLN I 242 -29.78 31.37 -35.72
C GLN I 242 -28.41 30.75 -35.53
N PHE I 243 -28.25 29.50 -35.95
CA PHE I 243 -26.97 28.83 -35.81
C PHE I 243 -25.91 29.47 -36.69
N VAL I 244 -26.14 29.50 -38.01
CA VAL I 244 -25.09 29.87 -38.96
C VAL I 244 -24.73 31.35 -38.85
N LYS I 245 -25.50 32.10 -38.09
CA LYS I 245 -25.12 33.48 -37.81
C LYS I 245 -24.96 33.65 -36.31
N GLY I 246 -24.55 34.84 -35.89
CA GLY I 246 -24.39 35.07 -34.47
C GLY I 246 -25.72 35.06 -33.74
N ILE I 247 -26.51 36.11 -33.94
CA ILE I 247 -27.93 36.21 -33.57
C ILE I 247 -28.21 35.36 -32.33
N PRO I 248 -27.69 35.75 -31.16
CA PRO I 248 -27.72 34.84 -30.01
C PRO I 248 -29.12 34.42 -29.58
N ASP I 249 -30.12 35.28 -29.70
CA ASP I 249 -31.45 35.00 -29.20
C ASP I 249 -32.35 34.56 -30.34
N GLY I 250 -32.94 33.37 -30.21
CA GLY I 250 -33.81 32.81 -31.20
C GLY I 250 -34.47 31.53 -30.74
N PRO I 251 -34.53 30.53 -31.61
CA PRO I 251 -35.07 29.23 -31.19
C PRO I 251 -34.33 28.64 -30.01
N VAL I 252 -33.00 28.67 -30.03
CA VAL I 252 -32.23 28.32 -28.85
C VAL I 252 -32.27 29.52 -27.92
N PRO I 253 -32.81 29.37 -26.73
CA PRO I 253 -33.02 30.54 -25.87
C PRO I 253 -31.70 31.10 -25.37
N PHE I 254 -31.72 32.40 -25.06
CA PHE I 254 -30.59 33.01 -24.40
C PHE I 254 -30.63 32.75 -22.91
N HIS I 255 -31.70 33.18 -22.25
CA HIS I 255 -31.81 33.03 -20.81
C HIS I 255 -32.15 31.60 -20.43
N TYR I 256 -31.80 31.24 -19.21
CA TYR I 256 -32.22 29.97 -18.66
C TYR I 256 -33.67 30.06 -18.23
N PRO I 257 -34.35 28.92 -18.10
CA PRO I 257 -35.72 28.95 -17.62
C PRO I 257 -35.85 29.37 -16.17
N ALA I 258 -35.70 30.66 -15.92
CA ALA I 258 -35.92 31.20 -14.58
C ALA I 258 -37.41 31.33 -14.32
N ARG I 259 -37.75 31.83 -13.11
CA ARG I 259 -39.14 32.03 -12.74
C ARG I 259 -39.60 33.45 -13.05
N ASP I 260 -39.01 34.45 -12.41
CA ASP I 260 -39.38 35.82 -12.70
C ASP I 260 -38.26 36.75 -12.26
N TYR I 261 -37.90 37.67 -13.15
CA TYR I 261 -36.88 38.65 -12.81
C TYR I 261 -37.39 39.66 -11.81
N ARG I 262 -38.70 39.69 -11.58
CA ARG I 262 -39.26 40.61 -10.61
C ARG I 262 -39.50 39.94 -9.27
N ALA I 263 -40.26 38.84 -9.28
CA ALA I 263 -40.65 38.22 -8.02
C ALA I 263 -39.45 37.69 -7.25
N ASP I 264 -38.69 36.79 -7.87
CA ASP I 264 -37.55 36.16 -7.23
C ASP I 264 -36.61 37.18 -6.59
N LEU I 265 -36.29 38.24 -7.33
CA LEU I 265 -35.42 39.26 -6.78
C LEU I 265 -36.13 40.10 -5.73
N LEU I 266 -37.46 40.15 -5.77
CA LEU I 266 -38.23 40.92 -4.80
C LEU I 266 -38.77 40.08 -3.65
N GLY I 267 -39.40 38.94 -3.94
CA GLY I 267 -39.93 38.10 -2.89
C GLY I 267 -38.95 37.04 -2.43
N ALA J 6 -4.03 57.83 -18.71
CA ALA J 6 -4.34 57.83 -20.13
C ALA J 6 -4.44 56.41 -20.65
N TYR J 7 -3.61 55.55 -20.09
CA TYR J 7 -3.61 54.12 -20.41
C TYR J 7 -4.01 53.34 -19.18
N ALA J 8 -4.78 52.26 -19.41
CA ALA J 8 -5.20 51.44 -18.28
C ALA J 8 -4.04 50.63 -17.74
N VAL J 9 -3.32 49.93 -18.62
CA VAL J 9 -2.23 49.06 -18.21
C VAL J 9 -1.06 49.26 -19.15
N GLU J 10 0.12 49.47 -18.58
CA GLU J 10 1.36 49.61 -19.33
C GLU J 10 2.42 48.72 -18.70
N LEU J 11 3.28 48.15 -19.53
CA LEU J 11 4.28 47.18 -19.10
C LEU J 11 5.66 47.71 -19.47
N LYS J 12 6.29 48.42 -18.55
CA LYS J 12 7.58 49.03 -18.84
C LYS J 12 8.71 48.07 -18.49
N GLY J 13 9.57 47.82 -19.47
CA GLY J 13 10.78 47.03 -19.29
C GLY J 13 10.56 45.68 -18.66
N LEU J 14 9.51 45.00 -19.08
CA LEU J 14 9.15 43.74 -18.45
C LEU J 14 9.84 42.58 -19.12
N THR J 15 10.43 41.71 -18.30
CA THR J 15 10.99 40.46 -18.78
C THR J 15 10.71 39.37 -17.76
N PHE J 16 10.64 38.14 -18.25
CA PHE J 16 10.31 37.01 -17.40
C PHE J 16 11.01 35.77 -17.93
N LYS J 17 11.52 34.96 -17.01
CA LYS J 17 12.17 33.71 -17.39
C LYS J 17 11.67 32.61 -16.48
N ARG J 18 11.20 31.54 -17.07
CA ARG J 18 10.72 30.37 -16.34
C ARG J 18 11.85 29.35 -16.41
N GLY J 19 12.62 29.24 -15.34
CA GLY J 19 13.78 28.37 -15.38
C GLY J 19 14.85 28.87 -16.32
N SER J 20 15.08 30.19 -16.34
CA SER J 20 16.04 30.84 -17.24
C SER J 20 15.72 30.60 -18.71
N ARG J 21 14.50 30.18 -19.04
CA ARG J 21 14.10 30.04 -20.43
C ARG J 21 13.83 31.37 -21.09
N ALA J 22 13.71 32.45 -20.31
CA ALA J 22 13.45 33.79 -20.83
C ALA J 22 12.14 33.85 -21.59
N ILE J 23 11.05 33.60 -20.85
CA ILE J 23 9.73 33.66 -21.45
C ILE J 23 9.45 35.04 -22.01
N PHE J 24 9.59 36.06 -21.18
CA PHE J 24 9.42 37.43 -21.63
C PHE J 24 10.74 38.18 -21.48
N ASP J 25 10.95 39.12 -22.38
CA ASP J 25 12.30 39.63 -22.59
C ASP J 25 12.18 41.12 -22.90
N ASN J 26 12.24 41.95 -21.86
CA ASN J 26 12.23 43.40 -21.99
C ASN J 26 11.16 43.89 -22.96
N ILE J 27 9.91 43.69 -22.57
CA ILE J 27 8.80 44.04 -23.44
C ILE J 27 8.19 45.36 -23.00
N ASP J 28 7.41 45.96 -23.89
CA ASP J 28 6.68 47.20 -23.59
C ASP J 28 5.32 47.11 -24.27
N VAL J 29 4.29 46.82 -23.49
CA VAL J 29 2.92 46.88 -23.98
C VAL J 29 2.18 47.95 -23.19
N ARG J 30 1.29 48.65 -23.86
CA ARG J 30 0.60 49.79 -23.26
C ARG J 30 -0.87 49.72 -23.68
N ILE J 31 -1.73 49.29 -22.76
CA ILE J 31 -3.14 49.10 -23.08
C ILE J 31 -3.91 50.39 -22.88
N PRO J 32 -4.71 50.80 -23.87
CA PRO J 32 -5.59 51.95 -23.67
C PRO J 32 -6.85 51.55 -22.93
N ARG J 33 -7.36 52.48 -22.13
CA ARG J 33 -8.55 52.18 -21.35
C ARG J 33 -9.81 52.41 -22.18
N GLY J 34 -10.86 51.68 -21.82
CA GLY J 34 -12.12 51.73 -22.54
C GLY J 34 -12.16 50.94 -23.83
N LYS J 35 -11.01 50.51 -24.34
CA LYS J 35 -10.94 49.83 -25.62
C LYS J 35 -10.55 48.38 -25.45
N VAL J 36 -11.32 47.50 -26.07
CA VAL J 36 -11.05 46.07 -26.06
C VAL J 36 -9.81 45.82 -26.91
N THR J 37 -8.71 45.49 -26.26
CA THR J 37 -7.53 45.09 -26.98
C THR J 37 -7.32 43.58 -26.86
N GLY J 38 -6.92 42.96 -27.94
CA GLY J 38 -6.74 41.54 -27.91
C GLY J 38 -5.34 41.13 -28.27
N ILE J 39 -4.60 40.59 -27.35
CA ILE J 39 -3.25 40.17 -27.64
C ILE J 39 -3.27 38.71 -28.00
N MET J 40 -2.29 38.28 -28.78
CA MET J 40 -2.25 36.90 -29.24
C MET J 40 -0.85 36.62 -29.76
N GLY J 41 -0.67 35.43 -30.28
CA GLY J 41 0.60 35.03 -30.83
C GLY J 41 0.65 33.56 -31.16
N PRO J 42 1.79 33.09 -31.60
CA PRO J 42 1.91 31.69 -32.01
C PRO J 42 1.73 30.72 -30.86
N SER J 43 1.85 29.43 -31.15
CA SER J 43 1.75 28.44 -30.09
C SER J 43 2.86 28.64 -29.07
N GLY J 44 2.53 28.37 -27.81
CA GLY J 44 3.51 28.46 -26.74
C GLY J 44 4.21 29.81 -26.70
N CYS J 45 3.55 30.84 -27.19
CA CYS J 45 4.19 32.15 -27.27
C CYS J 45 4.12 32.91 -25.96
N GLY J 46 3.40 32.40 -24.96
CA GLY J 46 3.54 32.99 -23.65
C GLY J 46 2.45 33.96 -23.26
N LYS J 47 1.29 33.86 -23.91
CA LYS J 47 0.21 34.79 -23.65
C LYS J 47 -0.32 34.66 -22.23
N THR J 48 -0.81 33.48 -21.88
CA THR J 48 -1.34 33.26 -20.54
C THR J 48 -0.33 33.69 -19.48
N THR J 49 0.95 33.51 -19.76
CA THR J 49 1.96 34.04 -18.87
C THR J 49 1.80 35.55 -18.73
N LEU J 50 1.62 36.23 -19.86
CA LEU J 50 1.37 37.66 -19.79
C LEU J 50 0.14 37.99 -18.97
N LEU J 51 -0.89 37.16 -19.06
CA LEU J 51 -2.08 37.39 -18.26
C LEU J 51 -1.74 37.34 -16.78
N ARG J 52 -1.28 36.19 -16.31
CA ARG J 52 -0.95 36.05 -14.90
C ARG J 52 0.05 37.09 -14.44
N LEU J 53 0.84 37.64 -15.36
CA LEU J 53 1.70 38.76 -15.00
C LEU J 53 0.87 39.99 -14.72
N ILE J 54 0.17 40.50 -15.73
CA ILE J 54 -0.54 41.76 -15.55
C ILE J 54 -1.72 41.63 -14.60
N ALA J 55 -2.01 40.42 -14.13
CA ALA J 55 -2.95 40.23 -13.05
C ALA J 55 -2.26 39.95 -11.73
N SER J 56 -0.93 39.97 -11.71
CA SER J 56 -0.16 39.84 -10.48
C SER J 56 -0.42 38.52 -9.77
N GLN J 57 -0.57 37.46 -10.55
CA GLN J 57 -0.42 36.13 -9.97
C GLN J 57 1.00 35.63 -10.09
N LEU J 58 1.73 36.13 -11.07
CA LEU J 58 3.08 35.68 -11.34
C LEU J 58 4.03 36.85 -11.14
N ARG J 59 5.06 36.64 -10.33
CA ARG J 59 5.97 37.72 -10.00
C ARG J 59 6.92 37.97 -11.16
N PRO J 60 6.95 39.17 -11.73
CA PRO J 60 7.89 39.44 -12.83
C PRO J 60 9.32 39.40 -12.35
N SER J 61 10.23 39.15 -13.29
CA SER J 61 11.65 39.17 -12.96
C SER J 61 12.13 40.60 -12.73
N LYS J 62 11.95 41.46 -13.72
CA LYS J 62 12.25 42.87 -13.55
C LYS J 62 11.43 43.66 -14.55
N GLY J 63 11.09 44.89 -14.17
CA GLY J 63 10.17 45.73 -14.89
C GLY J 63 9.03 46.17 -13.99
N GLU J 64 8.14 46.97 -14.56
CA GLU J 64 6.98 47.40 -13.77
C GLU J 64 5.73 47.34 -14.62
N VAL J 65 4.60 47.15 -13.94
CA VAL J 65 3.30 47.01 -14.58
C VAL J 65 2.41 48.10 -14.01
N TRP J 66 2.39 49.24 -14.66
CA TRP J 66 1.50 50.31 -14.25
C TRP J 66 0.07 49.90 -14.55
N VAL J 67 -0.80 49.96 -13.55
CA VAL J 67 -2.17 49.51 -13.68
C VAL J 67 -3.06 50.55 -13.01
N ASN J 68 -3.76 51.34 -13.83
CA ASN J 68 -4.71 52.33 -13.34
C ASN J 68 -4.06 53.23 -12.28
N GLY J 69 -2.80 53.55 -12.49
CA GLY J 69 -2.05 54.27 -11.48
C GLY J 69 -0.82 53.51 -11.03
N GLN J 70 -0.85 53.01 -9.81
CA GLN J 70 0.31 52.37 -9.21
C GLN J 70 0.73 51.13 -9.98
N ASN J 71 1.92 50.65 -9.66
CA ASN J 71 2.42 49.37 -10.16
C ASN J 71 2.31 48.32 -9.07
N LEU J 72 2.05 47.10 -9.49
CA LEU J 72 1.70 46.05 -8.54
C LEU J 72 2.89 45.41 -7.82
N PRO J 73 3.94 44.91 -8.51
CA PRO J 73 4.93 44.07 -7.82
C PRO J 73 5.60 44.79 -6.67
N GLN J 74 5.35 46.09 -6.57
CA GLN J 74 5.93 46.94 -5.55
C GLN J 74 4.85 47.47 -4.63
N LEU J 75 3.92 46.61 -4.22
CA LEU J 75 2.84 47.01 -3.33
C LEU J 75 2.79 46.09 -2.11
N SER J 76 2.21 46.63 -1.04
CA SER J 76 2.03 45.84 0.17
C SER J 76 0.85 44.91 0.04
N ARG J 77 0.99 43.73 0.64
CA ARG J 77 -0.06 42.72 0.57
C ARG J 77 -1.41 43.32 0.96
N GLY J 78 -1.45 44.07 2.05
CA GLY J 78 -2.68 44.73 2.45
C GLY J 78 -3.21 45.70 1.43
N ASP J 79 -2.35 46.23 0.57
CA ASP J 79 -2.78 47.10 -0.50
C ASP J 79 -2.96 46.38 -1.83
N LEU J 80 -2.12 45.39 -2.09
CA LEU J 80 -2.31 44.56 -3.27
C LEU J 80 -3.69 43.92 -3.26
N PHE J 81 -4.09 43.40 -2.10
CA PHE J 81 -5.41 42.79 -1.99
C PHE J 81 -6.49 43.80 -2.34
N ASP J 82 -6.33 45.04 -1.89
CA ASP J 82 -7.32 46.05 -2.22
C ASP J 82 -7.31 46.37 -3.70
N MET J 83 -6.13 46.31 -4.32
CA MET J 83 -6.06 46.54 -5.75
C MET J 83 -6.75 45.43 -6.52
N ARG J 84 -6.74 44.21 -5.98
CA ARG J 84 -7.39 43.09 -6.64
C ARG J 84 -8.83 43.39 -7.00
N LYS J 85 -9.46 44.35 -6.33
CA LYS J 85 -10.83 44.71 -6.64
C LYS J 85 -10.98 45.39 -7.99
N GLN J 86 -9.89 45.67 -8.69
CA GLN J 86 -9.98 46.46 -9.90
C GLN J 86 -10.06 45.64 -11.16
N PHE J 87 -9.50 44.43 -11.18
CA PHE J 87 -9.35 43.67 -12.40
C PHE J 87 -9.95 42.29 -12.23
N GLY J 88 -10.78 41.91 -13.18
CA GLY J 88 -11.36 40.58 -13.18
C GLY J 88 -10.72 39.70 -14.22
N VAL J 89 -10.87 38.39 -14.12
CA VAL J 89 -10.27 37.45 -15.05
C VAL J 89 -11.26 36.36 -15.38
N LEU J 90 -11.42 36.08 -16.65
CA LEU J 90 -12.29 35.01 -17.13
C LEU J 90 -11.41 34.03 -17.88
N PHE J 91 -11.16 32.88 -17.28
CA PHE J 91 -10.43 31.84 -17.99
C PHE J 91 -11.33 31.15 -18.98
N GLN J 92 -10.73 30.40 -19.89
CA GLN J 92 -11.53 29.42 -20.59
C GLN J 92 -11.72 28.23 -19.68
N SER J 93 -12.65 27.35 -20.06
CA SER J 93 -13.12 26.27 -19.20
C SER J 93 -13.67 26.81 -17.90
N GLY J 94 -14.10 28.06 -17.90
CA GLY J 94 -14.82 28.62 -16.78
C GLY J 94 -13.97 28.86 -15.56
N ALA J 95 -13.32 27.81 -15.07
CA ALA J 95 -12.62 27.86 -13.79
C ALA J 95 -13.60 28.20 -12.67
N LEU J 96 -14.63 27.37 -12.54
CA LEU J 96 -15.53 27.45 -11.43
C LEU J 96 -15.06 26.53 -10.32
N PHE J 97 -15.50 26.81 -9.10
CA PHE J 97 -15.14 25.98 -7.96
C PHE J 97 -16.13 24.82 -7.90
N THR J 98 -15.65 23.61 -8.17
CA THR J 98 -16.53 22.45 -8.16
C THR J 98 -17.18 22.25 -6.82
N ASP J 99 -16.63 22.85 -5.77
CA ASP J 99 -17.19 22.66 -4.44
C ASP J 99 -18.50 23.40 -4.27
N LEU J 100 -18.57 24.65 -4.70
CA LEU J 100 -19.70 25.51 -4.42
C LEU J 100 -20.64 25.54 -5.60
N ASP J 101 -21.93 25.72 -5.31
CA ASP J 101 -22.92 25.80 -6.35
C ASP J 101 -22.73 27.07 -7.16
N VAL J 102 -23.58 27.27 -8.16
CA VAL J 102 -23.45 28.45 -9.00
C VAL J 102 -23.58 29.71 -8.18
N PHE J 103 -24.61 29.80 -7.34
CA PHE J 103 -24.85 31.06 -6.64
C PHE J 103 -23.66 31.43 -5.77
N GLU J 104 -23.28 30.54 -4.87
CA GLU J 104 -22.14 30.82 -4.00
C GLU J 104 -20.90 31.10 -4.84
N ASN J 105 -20.74 30.39 -5.94
CA ASN J 105 -19.59 30.60 -6.80
C ASN J 105 -19.53 32.03 -7.29
N VAL J 106 -20.66 32.56 -7.76
CA VAL J 106 -20.64 33.93 -8.24
C VAL J 106 -20.49 34.90 -7.10
N ALA J 107 -21.03 34.56 -5.94
CA ALA J 107 -20.94 35.50 -4.84
C ALA J 107 -19.53 35.60 -4.29
N PHE J 108 -18.74 34.55 -4.45
CA PHE J 108 -17.43 34.44 -3.78
C PHE J 108 -16.64 35.74 -3.74
N PRO J 109 -16.39 36.44 -4.85
CA PRO J 109 -15.58 37.65 -4.75
C PRO J 109 -16.18 38.68 -3.82
N LEU J 110 -17.50 38.80 -3.79
CA LEU J 110 -18.14 39.70 -2.84
C LEU J 110 -17.89 39.24 -1.42
N ARG J 111 -18.16 37.98 -1.15
CA ARG J 111 -17.99 37.43 0.19
C ARG J 111 -16.54 37.53 0.63
N VAL J 112 -15.64 37.86 -0.29
CA VAL J 112 -14.25 38.07 0.04
C VAL J 112 -13.95 39.55 0.28
N HIS J 113 -14.13 40.39 -0.73
CA HIS J 113 -13.65 41.76 -0.63
C HIS J 113 -14.64 42.71 0.01
N THR J 114 -15.81 42.24 0.43
CA THR J 114 -16.80 43.17 0.92
C THR J 114 -17.68 42.47 1.95
N GLN J 115 -18.19 43.25 2.89
CA GLN J 115 -18.99 42.77 4.01
C GLN J 115 -20.39 43.33 3.82
N LEU J 116 -21.23 42.60 3.12
CA LEU J 116 -22.57 43.04 2.81
C LEU J 116 -23.61 42.16 3.47
N PRO J 117 -24.75 42.72 3.83
CA PRO J 117 -25.86 41.89 4.32
C PRO J 117 -26.18 40.79 3.34
N GLU J 118 -26.18 39.55 3.86
CA GLU J 118 -26.28 38.38 3.00
C GLU J 118 -27.48 38.44 2.07
N GLU J 119 -28.45 39.31 2.33
CA GLU J 119 -29.42 39.55 1.29
C GLU J 119 -28.79 40.33 0.15
N MET J 120 -28.12 41.45 0.46
CA MET J 120 -27.67 42.35 -0.59
C MET J 120 -26.71 41.65 -1.55
N ILE J 121 -25.85 40.78 -1.02
CA ILE J 121 -25.03 39.94 -1.87
C ILE J 121 -25.90 39.15 -2.82
N ARG J 122 -27.01 38.60 -2.33
CA ARG J 122 -27.88 37.85 -3.21
C ARG J 122 -28.44 38.71 -4.32
N ASP J 123 -28.72 39.98 -4.04
CA ASP J 123 -29.31 40.80 -5.09
C ASP J 123 -28.28 41.17 -6.15
N ILE J 124 -27.05 41.47 -5.72
CA ILE J 124 -26.02 41.74 -6.71
C ILE J 124 -25.77 40.51 -7.56
N VAL J 125 -25.67 39.35 -6.93
CA VAL J 125 -25.47 38.12 -7.70
C VAL J 125 -26.60 37.94 -8.68
N LEU J 126 -27.83 38.21 -8.26
CA LEU J 126 -28.96 37.97 -9.15
C LEU J 126 -28.93 38.91 -10.33
N MET J 127 -28.69 40.20 -10.09
CA MET J 127 -28.67 41.11 -11.23
C MET J 127 -27.55 40.76 -12.18
N LYS J 128 -26.40 40.33 -11.67
CA LYS J 128 -25.33 39.97 -12.57
C LYS J 128 -25.70 38.73 -13.39
N LEU J 129 -26.20 37.69 -12.72
CA LEU J 129 -26.58 36.49 -13.43
C LEU J 129 -27.63 36.77 -14.49
N GLN J 130 -28.53 37.71 -14.22
CA GLN J 130 -29.46 38.12 -15.25
C GLN J 130 -28.74 38.78 -16.40
N ALA J 131 -27.80 39.68 -16.09
CA ALA J 131 -27.05 40.35 -17.14
C ALA J 131 -26.36 39.35 -18.05
N VAL J 132 -25.88 38.25 -17.50
CA VAL J 132 -25.23 37.22 -18.31
C VAL J 132 -26.20 36.16 -18.78
N GLY J 133 -27.40 36.10 -18.21
CA GLY J 133 -28.41 35.18 -18.65
C GLY J 133 -28.54 33.95 -17.80
N LEU J 134 -27.46 33.49 -17.18
CA LEU J 134 -27.53 32.37 -16.26
C LEU J 134 -28.13 32.83 -14.93
N ARG J 135 -29.36 33.32 -15.00
CA ARG J 135 -30.08 33.66 -13.79
C ARG J 135 -30.87 32.46 -13.28
N GLY J 136 -31.36 31.64 -14.19
CA GLY J 136 -32.15 30.50 -13.78
C GLY J 136 -31.37 29.50 -12.96
N ALA J 137 -30.17 29.15 -13.41
CA ALA J 137 -29.45 28.08 -12.72
C ALA J 137 -28.73 28.61 -11.49
N VAL J 138 -29.44 29.37 -10.65
CA VAL J 138 -28.84 29.86 -9.42
C VAL J 138 -28.69 28.77 -8.38
N GLU J 139 -29.11 27.55 -8.70
CA GLU J 139 -28.96 26.40 -7.80
C GLU J 139 -28.03 25.33 -8.30
N LEU J 140 -27.82 25.23 -9.61
CA LEU J 140 -27.06 24.11 -10.12
C LEU J 140 -25.65 24.12 -9.53
N MET J 141 -25.08 22.95 -9.41
CA MET J 141 -23.67 22.92 -9.16
C MET J 141 -22.94 22.89 -10.49
N PRO J 142 -21.76 23.51 -10.61
CA PRO J 142 -21.10 23.54 -11.91
C PRO J 142 -20.86 22.15 -12.48
N ASP J 143 -20.70 21.14 -11.62
CA ASP J 143 -20.64 19.78 -12.15
C ASP J 143 -21.88 19.46 -12.97
N GLU J 144 -23.02 20.03 -12.60
CA GLU J 144 -24.28 19.78 -13.29
C GLU J 144 -24.46 20.68 -14.50
N LEU J 145 -23.56 21.62 -14.72
CA LEU J 145 -23.82 22.69 -15.66
C LEU J 145 -23.18 22.39 -17.01
N SER J 146 -23.93 22.66 -18.07
CA SER J 146 -23.45 22.34 -19.41
C SER J 146 -22.29 23.23 -19.80
N GLY J 147 -21.25 22.61 -20.35
CA GLY J 147 -19.97 23.27 -20.57
C GLY J 147 -20.01 24.64 -21.19
N GLY J 148 -21.09 24.97 -21.88
CA GLY J 148 -21.20 26.27 -22.48
C GLY J 148 -21.43 27.33 -21.43
N MET J 149 -22.59 27.30 -20.78
CA MET J 149 -22.89 28.27 -19.75
C MET J 149 -21.88 28.24 -18.62
N LYS J 150 -21.17 27.12 -18.46
CA LYS J 150 -20.10 27.02 -17.48
C LYS J 150 -19.06 28.11 -17.64
N ARG J 151 -19.05 28.79 -18.77
CA ARG J 151 -18.18 29.94 -18.98
C ARG J 151 -18.89 31.26 -18.71
N ARG J 152 -20.16 31.37 -19.08
CA ARG J 152 -20.86 32.62 -18.86
C ARG J 152 -21.03 32.88 -17.38
N VAL J 153 -21.21 31.83 -16.57
CA VAL J 153 -21.25 32.05 -15.13
C VAL J 153 -19.92 32.58 -14.63
N ALA J 154 -18.82 32.06 -15.17
CA ALA J 154 -17.51 32.59 -14.80
C ALA J 154 -17.41 34.05 -15.15
N LEU J 155 -17.94 34.43 -16.32
CA LEU J 155 -17.91 35.83 -16.70
C LEU J 155 -18.68 36.68 -15.73
N ALA J 156 -19.84 36.19 -15.29
CA ALA J 156 -20.61 36.93 -14.30
C ALA J 156 -19.82 37.09 -13.03
N ARG J 157 -19.16 36.02 -12.58
CA ARG J 157 -18.32 36.12 -11.40
C ARG J 157 -17.26 37.19 -11.58
N ALA J 158 -16.69 37.26 -12.77
CA ALA J 158 -15.70 38.29 -13.04
C ALA J 158 -16.31 39.67 -12.89
N ILE J 159 -17.42 39.93 -13.57
CA ILE J 159 -17.96 41.28 -13.62
C ILE J 159 -18.55 41.65 -12.27
N ALA J 160 -18.68 40.68 -11.38
CA ALA J 160 -19.00 41.03 -10.00
C ALA J 160 -17.96 42.00 -9.49
N LEU J 161 -18.36 42.81 -8.51
CA LEU J 161 -17.54 43.88 -7.96
C LEU J 161 -17.36 45.03 -8.94
N ASP J 162 -17.85 44.86 -10.15
CA ASP J 162 -17.64 45.82 -11.22
C ASP J 162 -16.18 46.21 -11.33
N PRO J 163 -15.31 45.30 -11.75
CA PRO J 163 -13.92 45.69 -11.98
C PRO J 163 -13.83 46.60 -13.19
N GLN J 164 -12.83 47.46 -13.19
CA GLN J 164 -12.68 48.41 -14.27
C GLN J 164 -11.93 47.85 -15.46
N ILE J 165 -11.13 46.81 -15.26
CA ILE J 165 -10.53 46.10 -16.38
C ILE J 165 -10.71 44.62 -16.13
N LEU J 166 -10.65 43.84 -17.21
CA LEU J 166 -10.79 42.41 -17.04
C LEU J 166 -10.18 41.69 -18.22
N LEU J 167 -9.71 40.48 -17.94
CA LEU J 167 -8.87 39.69 -18.82
C LEU J 167 -9.68 38.52 -19.32
N TYR J 168 -9.36 38.05 -20.52
CA TYR J 168 -10.04 36.90 -21.09
C TYR J 168 -8.99 35.95 -21.60
N ASP J 169 -8.93 34.77 -21.01
CA ASP J 169 -7.99 33.74 -21.41
C ASP J 169 -8.68 32.82 -22.41
N GLU J 170 -8.47 33.09 -23.69
CA GLU J 170 -9.03 32.28 -24.76
C GLU J 170 -10.54 32.10 -24.62
N PRO J 171 -11.31 33.18 -24.60
CA PRO J 171 -12.74 33.02 -24.37
C PRO J 171 -13.44 32.24 -25.47
N PHE J 172 -13.32 32.68 -26.72
CA PHE J 172 -14.06 32.04 -27.80
C PHE J 172 -13.18 30.99 -28.46
N VAL J 173 -13.05 29.86 -27.77
CA VAL J 173 -12.28 28.73 -28.28
C VAL J 173 -13.05 27.45 -28.06
N GLY J 174 -13.57 26.87 -29.14
CA GLY J 174 -14.18 25.57 -29.07
C GLY J 174 -15.58 25.56 -28.48
N GLN J 175 -16.52 26.21 -29.16
CA GLN J 175 -17.93 26.10 -28.82
C GLN J 175 -18.76 26.43 -30.04
N ASP J 176 -19.98 25.92 -30.05
CA ASP J 176 -20.86 26.13 -31.20
C ASP J 176 -21.09 27.62 -31.41
N PRO J 177 -21.18 28.06 -32.66
CA PRO J 177 -21.23 29.50 -32.92
C PRO J 177 -22.39 30.23 -32.29
N ILE J 178 -23.37 29.52 -31.74
CA ILE J 178 -24.39 30.20 -30.94
C ILE J 178 -23.81 30.64 -29.62
N ALA J 179 -23.15 29.74 -28.90
CA ALA J 179 -22.49 30.12 -27.66
C ALA J 179 -21.38 31.12 -27.92
N MET J 180 -20.59 30.90 -28.97
CA MET J 180 -19.58 31.88 -29.31
C MET J 180 -20.21 33.22 -29.62
N GLY J 181 -21.39 33.21 -30.26
CA GLY J 181 -22.03 34.47 -30.59
C GLY J 181 -22.50 35.21 -29.36
N VAL J 182 -23.14 34.50 -28.43
CA VAL J 182 -23.60 35.17 -27.21
C VAL J 182 -22.42 35.67 -26.41
N LEU J 183 -21.34 34.91 -26.40
CA LEU J 183 -20.19 35.35 -25.63
C LEU J 183 -19.53 36.57 -26.27
N VAL J 184 -19.41 36.59 -27.60
CA VAL J 184 -18.81 37.74 -28.23
C VAL J 184 -19.74 38.93 -28.17
N ARG J 185 -21.03 38.68 -27.97
CA ARG J 185 -21.92 39.80 -27.75
C ARG J 185 -21.77 40.35 -26.36
N LEU J 186 -21.56 39.47 -25.38
CA LEU J 186 -21.43 39.93 -24.01
C LEU J 186 -20.11 40.64 -23.77
N ILE J 187 -19.02 40.07 -24.26
CA ILE J 187 -17.72 40.69 -24.01
C ILE J 187 -17.66 42.05 -24.65
N ARG J 188 -18.51 42.31 -25.62
CA ARG J 188 -18.57 43.63 -26.24
C ARG J 188 -19.60 44.52 -25.57
N LEU J 189 -20.70 43.94 -25.12
CA LEU J 189 -21.69 44.71 -24.38
C LEU J 189 -21.11 45.27 -23.11
N LEU J 190 -20.31 44.46 -22.41
CA LEU J 190 -19.67 44.94 -21.19
C LEU J 190 -18.78 46.14 -21.47
N ASN J 191 -18.16 46.18 -22.64
CA ASN J 191 -17.27 47.28 -22.93
C ASN J 191 -18.03 48.50 -23.43
N ASP J 192 -19.03 48.30 -24.28
CA ASP J 192 -19.80 49.42 -24.82
C ASP J 192 -20.62 50.08 -23.74
N ALA J 193 -21.23 49.28 -22.86
CA ALA J 193 -21.94 49.84 -21.71
C ALA J 193 -20.97 50.20 -20.60
N LEU J 194 -20.56 49.20 -19.82
CA LEU J 194 -19.84 49.46 -18.56
C LEU J 194 -18.53 50.20 -18.75
N GLY J 195 -18.08 50.40 -19.99
CA GLY J 195 -16.90 51.19 -20.25
C GLY J 195 -15.70 50.66 -19.51
N ILE J 196 -15.54 49.34 -19.50
CA ILE J 196 -14.44 48.68 -18.78
C ILE J 196 -13.46 48.11 -19.79
N THR J 197 -12.18 48.35 -19.54
CA THR J 197 -11.15 47.80 -20.40
C THR J 197 -11.20 46.29 -20.38
N SER J 198 -11.11 45.69 -21.55
CA SER J 198 -11.13 44.24 -21.64
C SER J 198 -9.99 43.78 -22.51
N ILE J 199 -9.32 42.74 -22.09
CA ILE J 199 -8.12 42.25 -22.78
C ILE J 199 -8.42 40.82 -23.21
N VAL J 200 -8.94 40.66 -24.41
CA VAL J 200 -9.10 39.33 -24.96
C VAL J 200 -7.72 38.76 -25.24
N VAL J 201 -7.56 37.45 -25.10
CA VAL J 201 -6.31 36.77 -25.42
C VAL J 201 -6.69 35.48 -26.16
N SER J 202 -6.66 35.53 -27.48
CA SER J 202 -7.19 34.41 -28.24
C SER J 202 -6.30 34.05 -29.41
N HIS J 203 -6.05 32.75 -29.57
CA HIS J 203 -5.43 32.28 -30.80
C HIS J 203 -6.32 32.53 -32.00
N ASP J 204 -7.64 32.48 -31.81
CA ASP J 204 -8.56 32.72 -32.91
C ASP J 204 -8.36 34.11 -33.47
N LEU J 205 -7.87 34.20 -34.70
CA LEU J 205 -7.62 35.52 -35.26
C LEU J 205 -8.90 36.20 -35.70
N ALA J 206 -9.82 35.46 -36.30
CA ALA J 206 -10.94 36.08 -36.99
C ALA J 206 -11.76 36.94 -36.05
N GLU J 207 -12.36 36.35 -35.03
CA GLU J 207 -13.26 37.11 -34.16
C GLU J 207 -12.50 38.13 -33.34
N THR J 208 -11.27 37.80 -32.95
CA THR J 208 -10.45 38.78 -32.24
C THR J 208 -10.30 40.04 -33.06
N ALA J 209 -9.69 39.92 -34.24
CA ALA J 209 -9.53 41.07 -35.11
C ALA J 209 -10.87 41.70 -35.46
N SER J 210 -11.95 40.93 -35.38
CA SER J 210 -13.27 41.50 -35.62
C SER J 210 -13.62 42.52 -34.54
N ILE J 211 -13.49 42.12 -33.28
CA ILE J 211 -14.01 42.97 -32.20
C ILE J 211 -12.92 43.86 -31.62
N ALA J 212 -11.68 43.42 -31.67
CA ALA J 212 -10.62 44.12 -30.96
C ALA J 212 -10.39 45.52 -31.54
N ASP J 213 -9.69 46.35 -30.77
CA ASP J 213 -9.36 47.71 -31.16
C ASP J 213 -7.88 47.91 -31.39
N TYR J 214 -7.03 47.44 -30.49
CA TYR J 214 -5.59 47.59 -30.67
C TYR J 214 -4.94 46.26 -30.33
N ILE J 215 -4.85 45.41 -31.31
CA ILE J 215 -4.34 44.07 -31.16
C ILE J 215 -2.83 44.09 -31.08
N TYR J 216 -2.27 43.19 -30.27
CA TYR J 216 -0.84 42.95 -30.21
C TYR J 216 -0.52 41.59 -30.81
N ILE J 217 0.77 41.28 -30.87
CA ILE J 217 1.24 39.96 -31.26
C ILE J 217 2.47 39.66 -30.43
N VAL J 218 2.38 38.67 -29.56
CA VAL J 218 3.49 38.33 -28.70
C VAL J 218 4.19 37.09 -29.25
N GLY J 219 5.50 37.19 -29.41
CA GLY J 219 6.28 36.08 -29.91
C GLY J 219 7.67 36.00 -29.33
N ASP J 220 8.02 34.81 -28.82
CA ASP J 220 9.34 34.50 -28.28
C ASP J 220 9.92 35.65 -27.45
N GLY J 221 9.13 36.09 -26.46
CA GLY J 221 9.59 37.04 -25.49
C GLY J 221 9.66 38.48 -25.95
N ARG J 222 9.17 38.78 -27.15
CA ARG J 222 9.20 40.14 -27.64
C ARG J 222 7.93 40.42 -28.41
N VAL J 223 7.30 41.56 -28.09
CA VAL J 223 6.12 41.96 -28.84
C VAL J 223 6.48 42.07 -30.31
N LEU J 224 5.80 41.31 -31.14
CA LEU J 224 6.08 41.33 -32.58
C LEU J 224 5.20 42.37 -33.26
N GLY J 225 5.31 43.59 -32.75
CA GLY J 225 4.52 44.68 -33.29
C GLY J 225 3.12 44.70 -32.75
N HIS J 226 2.35 45.66 -33.24
CA HIS J 226 1.02 45.92 -32.71
C HIS J 226 0.37 46.97 -33.59
N GLY J 227 -0.94 47.07 -33.50
CA GLY J 227 -1.66 48.06 -34.24
C GLY J 227 -3.14 47.78 -34.17
N THR J 228 -3.91 48.74 -34.68
CA THR J 228 -5.32 48.48 -34.89
C THR J 228 -5.44 47.46 -36.02
N PRO J 229 -6.56 46.74 -36.11
CA PRO J 229 -6.68 45.69 -37.13
C PRO J 229 -6.23 46.09 -38.53
N ASP J 230 -6.56 47.33 -38.93
CA ASP J 230 -6.26 47.78 -40.29
C ASP J 230 -4.77 47.76 -40.57
N VAL J 231 -4.01 48.59 -39.86
CA VAL J 231 -2.56 48.65 -40.07
C VAL J 231 -1.97 47.26 -39.97
N LEU J 232 -2.55 46.41 -39.13
CA LEU J 232 -2.02 45.07 -38.95
C LEU J 232 -2.33 44.17 -40.14
N LYS J 233 -3.38 44.47 -40.90
CA LYS J 233 -3.73 43.61 -42.02
C LYS J 233 -2.74 43.74 -43.17
N GLU J 234 -1.93 44.78 -43.20
CA GLU J 234 -0.98 45.01 -44.28
C GLU J 234 0.36 45.52 -43.74
N THR J 235 0.84 44.91 -42.66
CA THR J 235 2.09 45.37 -42.08
C THR J 235 3.29 44.99 -42.95
N ASP J 236 3.15 43.94 -43.76
CA ASP J 236 4.20 43.48 -44.67
C ASP J 236 5.44 43.01 -43.92
N ASP J 237 5.43 43.07 -42.61
CA ASP J 237 6.48 42.41 -41.85
C ASP J 237 6.32 40.91 -42.05
N PRO J 238 7.30 40.23 -42.65
CA PRO J 238 7.10 38.81 -43.01
C PRO J 238 6.56 37.96 -41.89
N ARG J 239 7.15 38.05 -40.70
CA ARG J 239 6.64 37.30 -39.56
C ARG J 239 5.17 37.57 -39.33
N ILE J 240 4.83 38.85 -39.16
CA ILE J 240 3.46 39.20 -38.85
C ILE J 240 2.54 38.84 -40.00
N ARG J 241 2.82 39.40 -41.19
CA ARG J 241 1.97 39.13 -42.34
C ARG J 241 1.80 37.64 -42.59
N GLN J 242 2.76 36.82 -42.15
CA GLN J 242 2.57 35.38 -42.20
C GLN J 242 1.58 34.93 -41.14
N PHE J 243 1.64 35.54 -39.96
CA PHE J 243 0.73 35.16 -38.89
C PHE J 243 -0.70 35.58 -39.21
N VAL J 244 -0.93 36.87 -39.45
CA VAL J 244 -2.29 37.40 -39.53
C VAL J 244 -3.00 36.91 -40.78
N LYS J 245 -2.28 36.26 -41.68
CA LYS J 245 -2.93 35.62 -42.82
C LYS J 245 -2.62 34.13 -42.78
N GLY J 246 -3.20 33.40 -43.72
CA GLY J 246 -2.94 31.97 -43.75
C GLY J 246 -1.50 31.67 -44.12
N ILE J 247 -1.16 31.87 -45.39
CA ILE J 247 0.21 31.90 -45.92
C ILE J 247 1.11 30.98 -45.10
N PRO J 248 0.92 29.66 -45.18
CA PRO J 248 1.59 28.76 -44.23
C PRO J 248 3.10 28.82 -44.26
N ASP J 249 3.71 29.05 -45.42
CA ASP J 249 5.16 29.02 -45.55
C ASP J 249 5.73 30.43 -45.54
N GLY J 250 6.64 30.69 -44.61
CA GLY J 250 7.25 31.98 -44.48
C GLY J 250 8.37 31.97 -43.45
N PRO J 251 8.42 33.01 -42.61
CA PRO J 251 9.43 33.02 -41.54
C PRO J 251 9.32 31.82 -40.61
N VAL J 252 8.10 31.46 -40.20
CA VAL J 252 7.89 30.20 -39.51
C VAL J 252 7.90 29.10 -40.57
N PRO J 253 8.82 28.17 -40.49
CA PRO J 253 8.95 27.19 -41.58
C PRO J 253 7.77 26.24 -41.61
N PHE J 254 7.51 25.71 -42.81
CA PHE J 254 6.53 24.64 -42.94
C PHE J 254 7.14 23.30 -42.57
N HIS J 255 8.19 22.90 -43.27
CA HIS J 255 8.81 21.61 -43.03
C HIS J 255 9.65 21.63 -41.77
N TYR J 256 9.84 20.45 -41.19
CA TYR J 256 10.75 20.29 -40.09
C TYR J 256 12.19 20.28 -40.62
N PRO J 257 13.16 20.57 -39.77
CA PRO J 257 14.55 20.50 -40.21
C PRO J 257 15.02 19.09 -40.51
N ALA J 258 14.59 18.56 -41.65
CA ALA J 258 15.07 17.26 -42.09
C ALA J 258 16.47 17.41 -42.69
N ARG J 259 17.02 16.28 -43.16
CA ARG J 259 18.34 16.28 -43.78
C ARG J 259 18.24 16.43 -45.30
N ASP J 260 17.62 15.47 -45.98
CA ASP J 260 17.48 15.57 -47.42
C ASP J 260 16.35 14.67 -47.87
N TYR J 261 15.46 15.22 -48.69
CA TYR J 261 14.38 14.42 -49.23
C TYR J 261 14.87 13.42 -50.27
N ARG J 262 16.12 13.57 -50.70
CA ARG J 262 16.68 12.64 -51.67
C ARG J 262 17.52 11.57 -50.98
N ALA J 263 18.51 12.00 -50.22
CA ALA J 263 19.47 11.06 -49.65
C ALA J 263 18.79 10.10 -48.68
N ASP J 264 18.16 10.65 -47.64
CA ASP J 264 17.52 9.84 -46.61
C ASP J 264 16.59 8.79 -47.17
N LEU J 265 15.76 9.18 -48.13
CA LEU J 265 14.86 8.23 -48.76
C LEU J 265 15.61 7.27 -49.68
N LEU J 266 16.77 7.67 -50.18
CA LEU J 266 17.57 6.83 -51.06
C LEU J 266 18.66 6.06 -50.35
N GLY J 267 19.46 6.73 -49.52
CA GLY J 267 20.54 6.06 -48.81
C GLY J 267 20.10 5.55 -47.45
N GLN K 3 -3.85 -9.35 -60.93
CA GLN K 3 -3.25 -8.08 -60.55
C GLN K 3 -2.38 -7.53 -61.69
N ALA K 4 -1.20 -7.07 -61.32
CA ALA K 4 -0.21 -6.57 -62.25
C ALA K 4 1.02 -7.47 -62.19
N SER K 5 2.06 -7.09 -62.92
CA SER K 5 3.20 -7.98 -63.10
C SER K 5 4.39 -7.18 -63.60
N LEU K 6 5.49 -7.91 -63.79
CA LEU K 6 6.72 -7.35 -64.31
C LEU K 6 7.25 -8.25 -65.41
N ARG K 7 8.03 -7.68 -66.32
CA ARG K 7 8.52 -8.44 -67.47
C ARG K 7 9.54 -7.60 -68.23
N GLU K 8 10.08 -8.21 -69.29
CA GLU K 8 10.96 -7.54 -70.25
C GLU K 8 12.22 -6.99 -69.58
N GLY K 9 13.06 -7.89 -69.09
CA GLY K 9 14.30 -7.51 -68.46
C GLY K 9 15.52 -7.76 -69.35
N ALA K 10 16.68 -7.39 -68.80
CA ALA K 10 18.02 -7.56 -69.38
C ALA K 10 18.28 -6.65 -70.58
N ALA K 11 17.24 -5.99 -71.08
CA ALA K 11 17.37 -5.07 -72.20
C ALA K 11 16.52 -3.83 -71.98
N GLY K 12 16.55 -3.30 -70.76
CA GLY K 12 15.73 -2.14 -70.46
C GLY K 12 14.25 -2.48 -70.58
N GLU K 13 13.48 -1.49 -71.04
CA GLU K 13 12.06 -1.64 -71.40
C GLU K 13 11.28 -2.45 -70.35
N LEU K 14 11.41 -2.04 -69.09
CA LEU K 14 10.70 -2.70 -68.02
C LEU K 14 9.21 -2.43 -68.15
N GLN K 15 8.45 -3.44 -68.56
CA GLN K 15 7.01 -3.30 -68.69
C GLN K 15 6.33 -3.45 -67.35
N LEU K 16 5.31 -2.63 -67.11
CA LEU K 16 4.55 -2.66 -65.88
C LEU K 16 3.06 -2.84 -66.19
N ALA K 17 2.44 -3.77 -65.47
CA ALA K 17 1.06 -4.16 -65.74
C ALA K 17 0.10 -3.29 -64.92
N GLY K 18 -1.16 -3.71 -64.86
CA GLY K 18 -2.24 -2.83 -64.50
C GLY K 18 -2.32 -2.24 -63.12
N VAL K 19 -2.62 -3.06 -62.10
CA VAL K 19 -3.03 -2.58 -60.80
C VAL K 19 -1.94 -2.87 -59.78
N LEU K 20 -1.30 -1.82 -59.30
CA LEU K 20 -0.26 -1.93 -58.29
C LEU K 20 -0.87 -1.47 -56.97
N ASP K 21 -1.25 -2.42 -56.14
CA ASP K 21 -1.84 -2.12 -54.83
C ASP K 21 -0.96 -2.71 -53.74
N TYR K 22 -1.43 -2.61 -52.51
CA TYR K 22 -0.71 -3.19 -51.39
C TYR K 22 -0.58 -4.70 -51.54
N SER K 23 -1.55 -5.34 -52.19
CA SER K 23 -1.46 -6.78 -52.41
C SER K 23 -0.35 -7.09 -53.41
N SER K 24 -0.47 -6.57 -54.61
CA SER K 24 0.51 -6.88 -55.64
C SER K 24 1.85 -6.21 -55.42
N GLY K 25 2.08 -5.54 -54.30
CA GLY K 25 3.30 -4.80 -54.09
C GLY K 25 4.53 -5.67 -53.92
N PRO K 26 4.59 -6.42 -52.81
CA PRO K 26 5.87 -7.07 -52.46
C PRO K 26 6.35 -8.00 -53.54
N ALA K 27 5.44 -8.78 -54.12
CA ALA K 27 5.85 -9.71 -55.17
C ALA K 27 6.55 -8.98 -56.29
N LEU K 28 5.98 -7.87 -56.76
CA LEU K 28 6.65 -7.13 -57.81
C LEU K 28 7.98 -6.59 -57.34
N ARG K 29 8.05 -6.12 -56.09
CA ARG K 29 9.31 -5.60 -55.58
C ARG K 29 10.42 -6.64 -55.68
N GLU K 30 10.16 -7.81 -55.11
CA GLU K 30 11.18 -8.85 -55.06
C GLU K 30 11.47 -9.42 -56.45
N GLN K 31 10.44 -9.58 -57.29
CA GLN K 31 10.74 -10.12 -58.59
C GLN K 31 11.36 -9.09 -59.52
N GLY K 32 11.42 -7.83 -59.12
CA GLY K 32 12.14 -6.86 -59.92
C GLY K 32 13.52 -6.50 -59.41
N GLY K 33 13.59 -6.19 -58.12
CA GLY K 33 14.79 -5.66 -57.50
C GLY K 33 16.02 -6.52 -57.67
N ARG K 34 15.92 -7.80 -57.35
CA ARG K 34 17.03 -8.71 -57.59
C ARG K 34 16.77 -9.63 -58.76
N LEU K 35 15.54 -10.13 -58.90
CA LEU K 35 15.25 -11.09 -59.96
C LEU K 35 15.45 -10.48 -61.35
N ILE K 36 15.44 -9.16 -61.43
CA ILE K 36 15.65 -8.49 -62.70
C ILE K 36 16.89 -7.59 -62.68
N ARG K 37 17.04 -6.78 -61.63
CA ARG K 37 18.09 -5.79 -61.67
C ARG K 37 19.47 -6.37 -61.48
N ALA K 38 19.55 -7.66 -61.14
CA ALA K 38 20.85 -8.30 -61.13
C ALA K 38 21.31 -8.62 -62.55
N SER K 39 20.38 -8.73 -63.50
CA SER K 39 20.70 -9.21 -64.83
C SER K 39 20.80 -8.11 -65.87
N GLN K 40 20.39 -6.89 -65.52
CA GLN K 40 20.29 -5.82 -66.51
C GLN K 40 21.67 -5.44 -67.02
N ALA K 41 21.69 -4.84 -68.22
CA ALA K 41 22.93 -4.30 -68.78
C ALA K 41 23.20 -2.90 -68.25
N ALA K 42 22.33 -1.94 -68.60
CA ALA K 42 22.43 -0.55 -68.17
C ALA K 42 21.25 0.23 -68.74
N GLU K 43 21.11 1.48 -68.28
CA GLU K 43 20.14 2.43 -68.82
C GLU K 43 18.71 1.90 -68.73
N LEU K 44 18.26 1.62 -67.51
CA LEU K 44 16.96 0.99 -67.32
C LEU K 44 15.79 1.95 -67.50
N VAL K 45 15.09 1.78 -68.62
CA VAL K 45 13.88 2.52 -68.94
C VAL K 45 12.71 1.76 -68.33
N VAL K 46 12.20 2.26 -67.20
CA VAL K 46 10.97 1.74 -66.61
C VAL K 46 9.84 2.65 -67.07
N ASP K 47 8.89 2.09 -67.80
CA ASP K 47 7.85 2.88 -68.43
C ASP K 47 6.52 2.28 -68.00
N CYS K 48 5.65 3.11 -67.44
CA CYS K 48 4.37 2.66 -66.92
C CYS K 48 3.26 2.83 -67.94
N SER K 49 3.32 2.06 -69.02
CA SER K 49 2.31 2.18 -70.07
C SER K 49 0.99 1.54 -69.63
N ALA K 50 1.00 0.24 -69.36
CA ALA K 50 -0.23 -0.50 -69.11
C ALA K 50 -0.57 -0.58 -67.62
N VAL K 51 -0.59 0.57 -66.95
CA VAL K 51 -0.93 0.64 -65.54
C VAL K 51 -2.40 1.04 -65.45
N GLU K 52 -3.19 0.22 -64.75
CA GLU K 52 -4.59 0.55 -64.52
C GLU K 52 -4.74 1.57 -63.40
N ARG K 53 -4.34 1.22 -62.19
CA ARG K 53 -4.66 2.03 -61.03
C ARG K 53 -3.71 1.66 -59.90
N SER K 54 -3.07 2.67 -59.33
CA SER K 54 -2.02 2.44 -58.34
C SER K 54 -2.09 3.51 -57.27
N SER K 55 -1.76 3.11 -56.06
CA SER K 55 -1.70 4.00 -54.92
C SER K 55 -0.23 4.26 -54.57
N SER K 56 0.00 4.95 -53.47
CA SER K 56 1.37 5.27 -53.06
C SER K 56 2.27 4.05 -53.01
N VAL K 57 1.70 2.85 -52.84
CA VAL K 57 2.51 1.64 -52.86
C VAL K 57 3.27 1.54 -54.17
N GLY K 58 2.62 1.87 -55.29
CA GLY K 58 3.32 1.87 -56.57
C GLY K 58 4.39 2.94 -56.65
N ILE K 59 4.13 4.09 -56.02
CA ILE K 59 5.13 5.15 -55.96
C ILE K 59 6.38 4.64 -55.26
N SER K 60 6.19 4.05 -54.09
CA SER K 60 7.31 3.51 -53.35
C SER K 60 7.95 2.35 -54.09
N LEU K 61 7.19 1.68 -54.96
CA LEU K 61 7.77 0.60 -55.73
C LEU K 61 8.75 1.11 -56.76
N LEU K 62 8.29 2.00 -57.66
CA LEU K 62 9.22 2.60 -58.60
C LEU K 62 10.35 3.29 -57.86
N LEU K 63 10.09 3.70 -56.63
CA LEU K 63 11.17 4.24 -55.81
C LEU K 63 12.20 3.18 -55.49
N ALA K 64 11.78 2.03 -54.94
CA ALA K 64 12.73 0.96 -54.67
C ALA K 64 13.42 0.49 -55.95
N PHE K 65 12.75 0.62 -57.09
CA PHE K 65 13.37 0.36 -58.37
C PHE K 65 14.60 1.21 -58.60
N ILE K 66 14.77 2.29 -57.86
CA ILE K 66 15.88 3.20 -58.07
C ILE K 66 17.01 2.94 -57.08
N ARG K 67 16.68 2.56 -55.84
CA ARG K 67 17.73 2.28 -54.87
C ARG K 67 18.66 1.18 -55.35
N ASP K 68 18.10 0.09 -55.83
CA ASP K 68 18.91 -1.02 -56.29
C ASP K 68 19.72 -0.64 -57.53
N ALA K 69 19.07 -0.01 -58.52
CA ALA K 69 19.80 0.39 -59.72
C ALA K 69 20.97 1.30 -59.37
N ARG K 70 20.75 2.27 -58.48
CA ARG K 70 21.86 3.08 -58.00
C ARG K 70 22.89 2.22 -57.28
N LYS K 71 22.42 1.28 -56.47
CA LYS K 71 23.30 0.31 -55.83
C LYS K 71 23.88 -0.66 -56.86
N ALA K 72 23.15 -0.89 -57.95
CA ALA K 72 23.66 -1.71 -59.05
C ALA K 72 24.48 -0.91 -60.03
N GLY K 73 24.87 0.30 -59.70
CA GLY K 73 25.70 1.11 -60.58
C GLY K 73 24.99 1.68 -61.78
N LYS K 74 24.23 0.85 -62.49
CA LYS K 74 23.55 1.28 -63.70
C LYS K 74 22.55 2.40 -63.40
N VAL K 75 22.23 3.17 -64.42
CA VAL K 75 21.35 4.32 -64.28
C VAL K 75 19.99 3.98 -64.89
N LEU K 76 18.95 4.58 -64.34
CA LEU K 76 17.59 4.29 -64.76
C LEU K 76 16.77 5.56 -64.81
N SER K 77 15.62 5.46 -65.47
CA SER K 77 14.71 6.58 -65.65
C SER K 77 13.33 6.01 -65.95
N VAL K 78 12.32 6.85 -65.80
CA VAL K 78 10.93 6.45 -65.98
C VAL K 78 10.38 7.13 -67.23
N ARG K 79 9.43 6.47 -67.87
CA ARG K 79 8.70 7.01 -69.00
C ARG K 79 7.21 6.78 -68.82
N ALA K 80 6.42 7.60 -69.51
CA ALA K 80 4.97 7.43 -69.59
C ALA K 80 4.34 7.36 -68.20
N LEU K 81 4.70 8.31 -67.34
CA LEU K 81 4.20 8.31 -65.98
C LEU K 81 2.68 8.48 -65.98
N PRO K 82 1.93 7.59 -65.36
CA PRO K 82 0.48 7.67 -65.44
C PRO K 82 -0.05 8.89 -64.70
N ASP K 83 -1.37 9.03 -64.69
CA ASP K 83 -1.97 10.26 -64.19
C ASP K 83 -2.03 10.25 -62.67
N ASP K 84 -2.63 9.20 -62.11
CA ASP K 84 -2.74 9.09 -60.66
C ASP K 84 -1.36 9.08 -60.01
N MET K 85 -0.42 8.33 -60.59
CA MET K 85 0.96 8.43 -60.11
C MET K 85 1.46 9.85 -60.16
N ARG K 86 1.18 10.55 -61.26
CA ARG K 86 1.62 11.92 -61.39
C ARG K 86 1.15 12.75 -60.22
N GLU K 87 -0.09 12.51 -59.78
CA GLU K 87 -0.64 13.31 -58.70
C GLU K 87 -0.07 12.89 -57.34
N ILE K 88 0.01 11.58 -57.09
CA ILE K 88 0.57 11.10 -55.84
C ILE K 88 2.01 11.54 -55.69
N ALA K 89 2.71 11.74 -56.80
CA ALA K 89 4.03 12.36 -56.71
C ALA K 89 3.89 13.85 -56.45
N LYS K 90 2.93 14.49 -57.12
CA LYS K 90 2.73 15.91 -56.93
C LYS K 90 2.51 16.27 -55.46
N VAL K 91 1.83 15.42 -54.70
CA VAL K 91 1.52 15.76 -53.31
C VAL K 91 2.79 15.76 -52.47
N SER K 92 3.42 14.60 -52.31
CA SER K 92 4.71 14.51 -51.64
C SER K 92 5.76 14.72 -52.72
N SER K 93 6.46 15.85 -52.65
CA SER K 93 6.95 16.54 -53.84
C SER K 93 7.41 15.60 -54.94
N LEU K 94 8.44 14.81 -54.66
CA LEU K 94 8.99 13.86 -55.62
C LEU K 94 9.09 14.50 -57.00
N LEU K 95 9.31 15.81 -57.00
CA LEU K 95 9.21 16.60 -58.23
C LEU K 95 10.25 16.15 -59.25
N GLU K 96 11.51 16.08 -58.83
CA GLU K 96 12.57 15.66 -59.72
C GLU K 96 13.08 14.27 -59.38
N ILE K 97 12.85 13.82 -58.14
CA ILE K 97 13.31 12.51 -57.71
C ILE K 97 12.69 11.41 -58.56
N LEU K 98 11.74 11.75 -59.41
CA LEU K 98 11.24 10.81 -60.40
C LEU K 98 11.75 11.23 -61.78
N PRO K 99 12.96 10.84 -62.14
CA PRO K 99 13.55 11.31 -63.40
C PRO K 99 12.81 10.71 -64.59
N LEU K 100 12.43 11.57 -65.53
CA LEU K 100 11.75 11.13 -66.73
C LEU K 100 12.42 11.73 -67.96
N GLN L 3 -17.27 59.66 2.21
CA GLN L 3 -18.07 58.89 1.27
C GLN L 3 -19.38 59.60 0.95
N ALA L 4 -20.46 58.82 0.96
CA ALA L 4 -21.80 59.33 0.74
C ALA L 4 -22.61 59.10 2.01
N SER L 5 -23.90 59.43 1.96
CA SER L 5 -24.71 59.46 3.16
C SER L 5 -26.19 59.43 2.79
N LEU L 6 -27.02 59.44 3.82
CA LEU L 6 -28.46 59.47 3.67
C LEU L 6 -29.03 60.53 4.60
N ARG L 7 -30.20 61.06 4.26
CA ARG L 7 -30.78 62.16 5.03
C ARG L 7 -32.20 62.41 4.53
N GLU L 8 -32.85 63.39 5.18
CA GLU L 8 -34.15 63.90 4.77
C GLU L 8 -35.23 62.81 4.75
N GLY L 9 -35.55 62.29 5.93
CA GLY L 9 -36.57 61.27 6.07
C GLY L 9 -37.88 61.81 6.63
N ALA L 10 -38.86 60.89 6.74
CA ALA L 10 -40.18 61.11 7.32
C ALA L 10 -41.08 61.98 6.44
N ALA L 11 -40.51 62.61 5.42
CA ALA L 11 -41.28 63.44 4.50
C ALA L 11 -40.81 63.23 3.07
N GLY L 12 -40.59 61.97 2.69
CA GLY L 12 -40.10 61.70 1.35
C GLY L 12 -38.73 62.28 1.15
N GLU L 13 -38.48 62.74 -0.08
CA GLU L 13 -37.28 63.50 -0.46
C GLU L 13 -36.00 62.90 0.13
N LEU L 14 -35.82 61.61 -0.11
CA LEU L 14 -34.63 60.92 0.37
C LEU L 14 -33.42 61.41 -0.41
N GLN L 15 -32.58 62.20 0.23
CA GLN L 15 -31.38 62.71 -0.41
C GLN L 15 -30.27 61.66 -0.37
N LEU L 16 -29.52 61.58 -1.47
CA LEU L 16 -28.42 60.63 -1.60
C LEU L 16 -27.15 61.37 -1.97
N ALA L 17 -26.07 61.06 -1.25
CA ALA L 17 -24.82 61.78 -1.39
C ALA L 17 -23.94 61.11 -2.45
N GLY L 18 -22.67 61.49 -2.48
CA GLY L 18 -21.84 61.28 -3.66
C GLY L 18 -21.49 59.88 -4.11
N VAL L 19 -20.64 59.18 -3.35
CA VAL L 19 -19.98 57.97 -3.82
C VAL L 19 -20.54 56.77 -3.08
N LEU L 20 -21.27 55.93 -3.79
CA LEU L 20 -21.84 54.71 -3.24
C LEU L 20 -21.00 53.55 -3.76
N ASP L 21 -20.08 53.06 -2.93
CA ASP L 21 -19.23 51.96 -3.28
C ASP L 21 -19.47 50.80 -2.32
N TYR L 22 -18.67 49.74 -2.47
CA TYR L 22 -18.78 48.61 -1.56
C TYR L 22 -18.49 49.01 -0.13
N SER L 23 -17.64 50.02 0.07
CA SER L 23 -17.37 50.48 1.42
C SER L 23 -18.59 51.17 2.01
N SER L 24 -19.04 52.22 1.36
CA SER L 24 -20.17 52.98 1.89
C SER L 24 -21.50 52.27 1.75
N GLY L 25 -21.53 51.02 1.31
CA GLY L 25 -22.77 50.33 1.06
C GLY L 25 -23.56 49.99 2.31
N PRO L 26 -23.03 49.08 3.15
CA PRO L 26 -23.87 48.53 4.21
C PRO L 26 -24.36 49.58 5.16
N ALA L 27 -23.51 50.55 5.52
CA ALA L 27 -23.94 51.60 6.43
C ALA L 27 -25.17 52.32 5.89
N LEU L 28 -25.13 52.69 4.60
CA LEU L 28 -26.31 53.34 4.05
C LEU L 28 -27.51 52.42 4.06
N ARG L 29 -27.29 51.13 3.76
CA ARG L 29 -28.42 50.20 3.75
C ARG L 29 -29.12 50.19 5.09
N GLU L 30 -28.35 49.95 6.15
CA GLU L 30 -28.94 49.84 7.48
C GLU L 30 -29.48 51.16 7.97
N GLN L 31 -28.79 52.27 7.70
CA GLN L 31 -29.34 53.52 8.20
C GLN L 31 -30.51 54.01 7.36
N GLY L 32 -30.81 53.38 6.23
CA GLY L 32 -32.00 53.73 5.50
C GLY L 32 -33.17 52.79 5.70
N GLY L 33 -32.91 51.50 5.55
CA GLY L 33 -33.93 50.47 5.52
C GLY L 33 -34.83 50.46 6.74
N ARG L 34 -34.26 50.44 7.92
CA ARG L 34 -35.06 50.53 9.13
C ARG L 34 -34.94 51.88 9.81
N LEU L 35 -33.75 52.47 9.83
CA LEU L 35 -33.53 53.73 10.52
C LEU L 35 -34.35 54.85 9.89
N ILE L 36 -34.78 54.68 8.65
CA ILE L 36 -35.58 55.68 7.98
C ILE L 36 -36.94 55.13 7.58
N ARG L 37 -36.97 53.95 6.98
CA ARG L 37 -38.22 53.49 6.39
C ARG L 37 -39.22 53.05 7.44
N ALA L 38 -38.81 52.95 8.70
CA ALA L 38 -39.78 52.71 9.74
C ALA L 38 -40.56 53.97 10.08
N SER L 39 -40.01 55.14 9.76
CA SER L 39 -40.59 56.41 10.20
C SER L 39 -41.35 57.13 9.11
N GLN L 40 -41.22 56.68 7.86
CA GLN L 40 -41.79 57.43 6.75
C GLN L 40 -43.30 57.45 6.81
N ALA L 41 -43.90 58.44 6.14
CA ALA L 41 -45.36 58.52 6.01
C ALA L 41 -45.84 57.66 4.84
N ALA L 42 -45.45 58.05 3.62
CA ALA L 42 -45.83 57.35 2.40
C ALA L 42 -45.18 58.06 1.22
N GLU L 43 -45.29 57.42 0.04
CA GLU L 43 -44.88 58.02 -1.24
C GLU L 43 -43.41 58.43 -1.22
N LEU L 44 -42.52 57.47 -1.00
CA LEU L 44 -41.11 57.78 -0.84
C LEU L 44 -40.41 58.09 -2.16
N VAL L 45 -40.11 59.37 -2.36
CA VAL L 45 -39.33 59.86 -3.49
C VAL L 45 -37.86 59.77 -3.13
N VAL L 46 -37.18 58.76 -3.67
CA VAL L 46 -35.74 58.65 -3.56
C VAL L 46 -35.15 59.22 -4.84
N ASP L 47 -34.38 60.29 -4.71
CA ASP L 47 -33.88 61.01 -5.87
C ASP L 47 -32.37 61.10 -5.72
N CYS L 48 -31.66 60.66 -6.75
CA CYS L 48 -30.20 60.60 -6.72
C CYS L 48 -29.59 61.85 -7.36
N SER L 49 -29.78 63.00 -6.71
CA SER L 49 -29.25 64.24 -7.27
C SER L 49 -27.74 64.33 -7.10
N ALA L 50 -27.27 64.33 -5.85
CA ALA L 50 -25.86 64.58 -5.57
C ALA L 50 -25.05 63.30 -5.47
N VAL L 51 -25.15 62.45 -6.48
CA VAL L 51 -24.40 61.20 -6.55
C VAL L 51 -23.16 61.44 -7.41
N GLU L 52 -21.99 61.17 -6.85
CA GLU L 52 -20.76 61.28 -7.61
C GLU L 52 -20.55 60.08 -8.53
N ARG L 53 -20.41 58.90 -7.94
CA ARG L 53 -19.99 57.74 -8.71
C ARG L 53 -20.35 56.48 -7.93
N SER L 54 -21.04 55.57 -8.59
CA SER L 54 -21.57 54.39 -7.92
C SER L 54 -21.49 53.19 -8.85
N SER L 55 -21.26 52.04 -8.26
CA SER L 55 -21.20 50.77 -8.97
C SER L 55 -22.47 50.00 -8.66
N SER L 56 -22.53 48.75 -9.12
CA SER L 56 -23.71 47.92 -8.91
C SER L 56 -24.13 47.86 -7.45
N VAL L 57 -23.21 48.10 -6.53
CA VAL L 57 -23.58 48.13 -5.12
C VAL L 57 -24.67 49.17 -4.87
N GLY L 58 -24.56 50.33 -5.51
CA GLY L 58 -25.61 51.34 -5.39
C GLY L 58 -26.90 50.90 -6.02
N ILE L 59 -26.81 50.15 -7.13
CA ILE L 59 -28.00 49.62 -7.77
C ILE L 59 -28.73 48.72 -6.79
N SER L 60 -28.00 47.78 -6.19
CA SER L 60 -28.61 46.87 -5.24
C SER L 60 -29.07 47.62 -4.00
N LEU L 61 -28.47 48.77 -3.72
CA LEU L 61 -28.93 49.55 -2.58
C LEU L 61 -30.30 50.15 -2.81
N LEU L 62 -30.44 50.94 -3.89
CA LEU L 62 -31.77 51.44 -4.22
C LEU L 62 -32.75 50.29 -4.40
N LEU L 63 -32.23 49.13 -4.76
CA LEU L 63 -33.08 47.96 -4.81
C LEU L 63 -33.59 47.56 -3.44
N ALA L 64 -32.69 47.40 -2.47
CA ALA L 64 -33.13 47.09 -1.10
C ALA L 64 -34.03 48.18 -0.55
N PHE L 65 -33.85 49.42 -1.01
CA PHE L 65 -34.75 50.51 -0.67
C PHE L 65 -36.18 50.21 -1.05
N ILE L 66 -36.41 49.25 -1.94
CA ILE L 66 -37.74 48.95 -2.43
C ILE L 66 -38.35 47.77 -1.71
N ARG L 67 -37.54 46.77 -1.36
CA ARG L 67 -38.08 45.61 -0.63
C ARG L 67 -38.73 46.02 0.66
N ASP L 68 -38.06 46.85 1.45
CA ASP L 68 -38.61 47.28 2.72
C ASP L 68 -39.85 48.13 2.54
N ALA L 69 -39.79 49.11 1.64
CA ALA L 69 -40.95 49.95 1.39
C ALA L 69 -42.17 49.13 0.99
N ARG L 70 -41.97 48.16 0.09
CA ARG L 70 -43.04 47.23 -0.24
C ARG L 70 -43.47 46.45 0.99
N LYS L 71 -42.50 45.99 1.77
CA LYS L 71 -42.79 45.34 3.04
C LYS L 71 -43.35 46.34 4.05
N ALA L 72 -42.99 47.61 3.92
CA ALA L 72 -43.56 48.65 4.76
C ALA L 72 -44.87 49.20 4.21
N GLY L 73 -45.47 48.53 3.23
CA GLY L 73 -46.74 48.97 2.69
C GLY L 73 -46.68 50.19 1.81
N LYS L 74 -45.98 51.23 2.24
CA LYS L 74 -45.89 52.48 1.49
C LYS L 74 -45.23 52.25 0.13
N VAL L 75 -45.52 53.15 -0.79
CA VAL L 75 -45.02 53.04 -2.16
C VAL L 75 -43.91 54.05 -2.36
N LEU L 76 -42.97 53.71 -3.24
CA LEU L 76 -41.81 54.56 -3.47
C LEU L 76 -41.47 54.58 -4.96
N SER L 77 -40.64 55.54 -5.31
CA SER L 77 -40.21 55.75 -6.69
C SER L 77 -38.91 56.53 -6.66
N VAL L 78 -38.20 56.50 -7.79
CA VAL L 78 -36.89 57.14 -7.90
C VAL L 78 -37.02 58.33 -8.84
N ARG L 79 -36.18 59.33 -8.61
CA ARG L 79 -36.07 60.50 -9.48
C ARG L 79 -34.61 60.79 -9.76
N ALA L 80 -34.36 61.50 -10.85
CA ALA L 80 -33.04 62.00 -11.21
C ALA L 80 -32.00 60.88 -11.24
N LEU L 81 -32.32 59.80 -11.92
CA LEU L 81 -31.42 58.66 -11.96
C LEU L 81 -30.12 59.06 -12.65
N PRO L 82 -28.97 58.86 -12.03
CA PRO L 82 -27.72 59.33 -12.61
C PRO L 82 -27.36 58.54 -13.86
N ASP L 83 -26.22 58.87 -14.45
CA ASP L 83 -25.89 58.32 -15.75
C ASP L 83 -25.33 56.92 -15.62
N ASP L 84 -24.29 56.76 -14.80
CA ASP L 84 -23.68 55.46 -14.61
C ASP L 84 -24.70 54.47 -14.06
N MET L 85 -25.51 54.90 -13.09
CA MET L 85 -26.61 54.03 -12.66
C MET L 85 -27.51 53.66 -13.82
N ARG L 86 -27.83 54.63 -14.67
CA ARG L 86 -28.68 54.36 -15.81
C ARG L 86 -28.10 53.23 -16.64
N GLU L 87 -26.79 53.21 -16.79
CA GLU L 87 -26.17 52.20 -17.64
C GLU L 87 -26.11 50.84 -16.92
N ILE L 88 -25.71 50.85 -15.64
CA ILE L 88 -25.65 49.60 -14.89
C ILE L 88 -27.03 48.97 -14.79
N ALA L 89 -28.09 49.78 -14.83
CA ALA L 89 -29.41 49.20 -14.95
C ALA L 89 -29.66 48.71 -16.37
N LYS L 90 -29.20 49.48 -17.35
CA LYS L 90 -29.38 49.08 -18.74
C LYS L 90 -28.81 47.68 -19.01
N VAL L 91 -27.70 47.33 -18.38
CA VAL L 91 -27.06 46.05 -18.68
C VAL L 91 -27.92 44.89 -18.15
N SER L 92 -28.09 44.80 -16.85
CA SER L 92 -29.00 43.82 -16.26
C SER L 92 -30.35 44.51 -16.19
N SER L 93 -31.30 44.02 -16.99
CA SER L 93 -32.34 44.86 -17.57
C SER L 93 -32.83 45.96 -16.65
N LEU L 94 -33.42 45.56 -15.52
CA LEU L 94 -33.94 46.49 -14.54
C LEU L 94 -34.68 47.64 -15.23
N LEU L 95 -35.27 47.31 -16.38
CA LEU L 95 -35.82 48.34 -17.25
C LEU L 95 -36.96 49.10 -16.58
N GLU L 96 -37.92 48.36 -16.03
CA GLU L 96 -39.05 48.98 -15.35
C GLU L 96 -38.97 48.79 -13.85
N ILE L 97 -38.23 47.79 -13.40
CA ILE L 97 -38.10 47.51 -11.97
C ILE L 97 -37.50 48.69 -11.25
N LEU L 98 -37.04 49.69 -11.96
CA LEU L 98 -36.63 50.95 -11.35
C LEU L 98 -37.66 52.02 -11.69
N PRO L 99 -38.76 52.10 -10.95
CA PRO L 99 -39.83 53.02 -11.31
C PRO L 99 -39.39 54.46 -11.11
N LEU L 100 -39.61 55.27 -12.13
CA LEU L 100 -39.28 56.69 -12.07
C LEU L 100 -40.46 57.54 -12.51
#